data_3PXI
#
_entry.id   3PXI
#
_cell.length_a   141.806
_cell.length_b   141.806
_cell.length_c   656.078
_cell.angle_alpha   90.00
_cell.angle_beta   90.00
_cell.angle_gamma   120.00
#
_symmetry.space_group_name_H-M   'P 65 2 2'
#
loop_
_entity.id
_entity.type
_entity.pdbx_description
1 polymer 'Adapter protein mecA 1'
2 polymer 'Negative regulator of genetic competence ClpC/MecB'
#
loop_
_entity_poly.entity_id
_entity_poly.type
_entity_poly.pdbx_seq_one_letter_code
_entity_poly.pdbx_strand_id
1 'polypeptide(L)'
;LDDFQKEEQAVNQEEKEQKLQFVLRFGDFEDVISLSKLNVNGSKTTLYSFENRYYLYVDFCNMTDEEVENQLSILLEYAT
ESSISIHRLEEYGKLIISEHALETIKKHFAS
;
a,b,c
2 'polypeptide(L)'
;MMFGRFTERAQKVLALAQEEALRLGHNNIGTEHILLGLVREGEGIAAKALQALGLGSEKIQKEVESLIGRGQEMSQTIHY
TPRAKKVIELSMDEARKLGHSYVGTEHILLGLIREGEGVAARVLNNLGVSLNKARQQVLQLLGSNETGSSAAGTNSNANT
PTLDSLARDLTAIAKEDSLDPVIGRSKEIQRVIEVLSRRTKNNPVLIGEPGVGKTAIAEGLAQQIINNEVPEILRDKRVM
TLDMGTKYRGEFEDRLKKVMDEIRQAGNIILFIDAAIDASNILKPSLARGELQCIGATTLDEYRKYIEKDAALERRFQPI
QVDQPSVDESIQILQGLRDRYEAHHRVSITDDAIEAAVKLSDRYISDRFLPDKAIDLIDEAGSKVRLRSFTTPPNLKELE
QKLDEVRKEKDAAVQSQEFEKAASLRDTEQRLREQVEDTKKSWKEKQGQENSEVTVDDIAMVVSSWTGVPVSKIAQTETD
KLLNMENILHSRVIGQDEAVVAVAKAVRRARAGLKDPKRPIGSFIFLGPTGVGKTELARALAESIFGDEESMIRIDMSEY
MEKHSTSGGQLTEKVRRKPYSVVLLDAIEKAHPDVFNILLQVLEDGRLTDSKGRTVDFRNTILIMTSNVGASEKDKVMGE
LKRAFRPEFINRIDEIIVFHSLEKKHLTEIVSLMSDQLTKRLKEQDLSIELTDAAKAKVAEEGVDLEYGARPLRRAIQKH
VEDRLSEELLRGNIHKGQHIVLDVEDGEFVVKTTAKTN
;
A,B,C
#
# COMPACT_ATOMS: atom_id res chain seq x y z
N GLN A 18 68.27 21.10 40.87
CA GLN A 18 67.47 20.09 40.17
C GLN A 18 67.48 18.79 40.95
N LYS A 19 66.34 18.10 40.98
CA LYS A 19 66.19 16.90 41.78
C LYS A 19 66.95 15.71 41.21
N LEU A 20 67.43 14.85 42.09
CA LEU A 20 68.29 13.74 41.72
C LEU A 20 67.81 12.40 42.30
N GLN A 21 66.49 12.28 42.49
CA GLN A 21 65.89 11.00 42.92
C GLN A 21 64.46 10.85 42.39
N PHE A 22 64.17 9.69 41.76
CA PHE A 22 62.88 9.48 41.08
C PHE A 22 62.19 8.13 41.34
N VAL A 23 60.88 8.09 41.14
CA VAL A 23 60.08 6.91 41.40
C VAL A 23 59.33 6.52 40.18
N LEU A 24 59.59 5.35 39.62
CA LEU A 24 58.96 4.97 38.36
C LEU A 24 58.08 3.73 38.48
N ARG A 25 57.01 3.68 37.71
CA ARG A 25 56.10 2.53 37.73
C ARG A 25 56.16 1.72 36.43
N PHE A 26 56.24 0.40 36.56
CA PHE A 26 56.30 -0.48 35.40
C PHE A 26 54.97 -1.16 35.31
N GLY A 27 54.50 -1.39 34.10
CA GLY A 27 53.17 -1.96 33.91
C GLY A 27 53.19 -3.42 34.27
N ASP A 28 54.17 -4.14 33.72
CA ASP A 28 54.35 -5.54 34.06
C ASP A 28 55.77 -5.73 34.53
N PHE A 29 55.96 -6.72 35.42
CA PHE A 29 57.28 -6.96 36.00
C PHE A 29 58.36 -7.19 34.96
N GLU A 30 58.04 -7.93 33.91
CA GLU A 30 59.06 -8.25 32.93
C GLU A 30 59.71 -6.96 32.43
N ASP A 31 58.97 -5.85 32.49
CA ASP A 31 59.52 -4.57 32.05
C ASP A 31 60.75 -4.26 32.90
N VAL A 32 60.71 -4.69 34.14
CA VAL A 32 61.82 -4.40 35.04
C VAL A 32 63.02 -5.26 34.72
N ILE A 33 62.79 -6.56 34.48
CA ILE A 33 63.87 -7.46 34.09
C ILE A 33 64.64 -6.81 32.95
N SER A 34 63.90 -6.39 31.92
CA SER A 34 64.47 -5.77 30.73
C SER A 34 65.37 -4.60 31.02
N LEU A 35 64.87 -3.65 31.80
CA LEU A 35 65.70 -2.56 32.30
C LEU A 35 67.03 -3.07 32.96
N SER A 36 66.96 -4.18 33.69
CA SER A 36 68.08 -4.71 34.45
C SER A 36 69.23 -5.05 33.53
N LYS A 37 68.89 -5.59 32.36
CA LYS A 37 69.87 -6.11 31.44
C LYS A 37 70.82 -5.05 30.88
N LEU A 38 70.94 -3.91 31.56
CA LEU A 38 71.78 -2.81 31.08
C LEU A 38 72.88 -2.39 32.06
N ASN A 39 73.14 -1.09 32.13
CA ASN A 39 74.09 -0.56 33.10
C ASN A 39 73.44 0.45 34.05
N VAL A 40 73.37 0.11 35.32
CA VAL A 40 72.80 0.99 36.33
C VAL A 40 73.66 2.25 36.48
N ASN A 41 74.92 2.03 36.86
CA ASN A 41 75.95 3.06 36.82
C ASN A 41 75.82 4.22 37.81
N GLY A 42 76.60 4.15 38.88
CA GLY A 42 76.63 5.20 39.89
C GLY A 42 75.23 5.45 40.40
N SER A 43 74.39 4.43 40.28
CA SER A 43 72.99 4.61 40.56
C SER A 43 72.53 3.63 41.61
N LYS A 44 72.31 4.15 42.81
CA LYS A 44 71.64 3.38 43.83
C LYS A 44 70.19 3.24 43.38
N THR A 45 69.55 2.12 43.69
CA THR A 45 68.19 1.85 43.22
C THR A 45 67.43 0.82 44.11
N THR A 46 66.14 1.05 44.33
CA THR A 46 65.36 0.20 45.23
C THR A 46 63.95 -0.07 44.69
N LEU A 47 63.47 -1.29 44.85
CA LEU A 47 62.25 -1.73 44.14
C LEU A 47 61.07 -2.19 44.99
N TYR A 48 59.94 -1.51 44.84
CA TYR A 48 58.75 -1.81 45.62
C TYR A 48 57.65 -2.48 44.80
N SER A 49 56.71 -3.12 45.50
CA SER A 49 55.51 -3.68 44.89
C SER A 49 54.29 -3.05 45.54
N PHE A 50 53.36 -2.57 44.72
CA PHE A 50 52.27 -1.71 45.20
C PHE A 50 51.13 -1.58 44.17
N GLU A 51 49.90 -1.83 44.61
CA GLU A 51 48.78 -1.83 43.70
C GLU A 51 49.03 -2.81 42.56
N ASN A 52 49.65 -3.94 42.88
CA ASN A 52 49.96 -4.97 41.89
C ASN A 52 50.99 -4.56 40.85
N ARG A 53 51.13 -3.25 40.60
CA ARG A 53 52.17 -2.74 39.71
C ARG A 53 53.48 -2.52 40.52
N TYR A 54 54.63 -2.64 39.84
CA TYR A 54 55.92 -2.47 40.53
C TYR A 54 56.51 -1.09 40.31
N TYR A 55 56.78 -0.39 41.41
CA TYR A 55 57.43 0.92 41.39
C TYR A 55 58.94 0.69 41.59
N LEU A 56 59.78 1.53 40.99
CA LEU A 56 61.24 1.42 41.16
C LEU A 56 61.83 2.80 41.49
N TYR A 57 62.61 2.86 42.58
CA TYR A 57 63.10 4.13 43.12
C TYR A 57 64.62 4.37 42.95
N VAL A 58 64.95 5.31 42.06
CA VAL A 58 66.31 5.58 41.58
C VAL A 58 66.94 6.77 42.30
N ASP A 59 68.23 6.68 42.60
CA ASP A 59 68.88 7.72 43.37
C ASP A 59 70.29 7.96 42.81
N PHE A 60 70.43 9.05 42.06
CA PHE A 60 71.75 9.42 41.54
C PHE A 60 72.51 10.24 42.56
N CYS A 61 73.68 9.75 42.94
CA CYS A 61 74.58 10.54 43.74
C CYS A 61 75.42 11.37 42.78
N ASN A 62 75.46 12.67 43.00
CA ASN A 62 76.33 13.56 42.23
C ASN A 62 76.41 13.22 40.75
N MET A 63 75.65 13.95 39.96
CA MET A 63 75.80 13.90 38.52
C MET A 63 75.38 15.25 38.04
N THR A 64 75.94 15.66 36.89
CA THR A 64 75.54 16.92 36.30
C THR A 64 74.07 16.83 35.87
N ASP A 65 73.36 17.96 35.92
CA ASP A 65 71.97 17.95 35.52
C ASP A 65 71.86 17.37 34.11
N GLU A 66 72.73 17.82 33.21
CA GLU A 66 72.74 17.28 31.85
C GLU A 66 72.91 15.77 31.89
N GLU A 67 73.74 15.30 32.79
CA GLU A 67 74.03 13.88 32.91
C GLU A 67 72.83 13.09 33.42
N VAL A 68 72.01 13.71 34.25
CA VAL A 68 70.85 13.01 34.79
C VAL A 68 69.62 13.07 33.88
N GLU A 69 69.27 14.26 33.39
CA GLU A 69 68.18 14.36 32.42
C GLU A 69 68.48 13.34 31.31
N ASN A 70 69.75 13.25 30.95
CA ASN A 70 70.18 12.19 30.06
C ASN A 70 69.74 10.82 30.55
N GLN A 71 70.49 10.27 31.50
CA GLN A 71 70.21 8.93 32.00
C GLN A 71 68.72 8.63 32.14
N LEU A 72 67.98 9.50 32.83
CA LEU A 72 66.57 9.26 33.11
C LEU A 72 65.79 8.99 31.84
N SER A 73 66.24 9.58 30.72
CA SER A 73 65.65 9.30 29.42
C SER A 73 65.50 7.80 29.24
N ILE A 74 66.64 7.09 29.27
CA ILE A 74 66.66 5.63 29.10
C ILE A 74 65.61 4.95 29.97
N LEU A 75 65.67 5.20 31.26
CA LEU A 75 64.73 4.56 32.16
C LEU A 75 63.29 4.59 31.61
N LEU A 76 62.86 5.74 31.11
CA LEU A 76 61.48 5.88 30.70
C LEU A 76 61.18 5.29 29.32
N GLU A 77 62.15 4.62 28.71
CA GLU A 77 61.85 3.72 27.61
C GLU A 77 61.18 2.49 28.19
N TYR A 78 61.53 2.17 29.46
CA TYR A 78 61.06 0.97 30.18
C TYR A 78 60.00 1.20 31.28
N ALA A 79 59.88 2.46 31.72
CA ALA A 79 58.81 2.86 32.65
C ALA A 79 58.09 4.16 32.27
N THR A 80 57.31 4.63 33.23
CA THR A 80 56.80 5.99 33.22
C THR A 80 57.12 6.54 34.64
N GLU A 81 56.99 7.84 34.84
CA GLU A 81 57.38 8.48 36.10
C GLU A 81 56.15 8.74 36.99
N SER A 82 56.03 8.04 38.12
CA SER A 82 54.80 8.18 38.94
C SER A 82 54.79 9.33 39.93
N SER A 83 53.65 10.00 39.93
CA SER A 83 53.41 11.16 40.75
C SER A 83 53.49 10.76 42.22
N ILE A 84 53.76 9.47 42.45
CA ILE A 84 53.64 8.88 43.80
C ILE A 84 54.62 9.42 44.85
N SER A 85 54.07 9.95 45.92
CA SER A 85 54.91 10.38 47.02
C SER A 85 55.80 9.22 47.42
N ILE A 86 57.11 9.41 47.36
CA ILE A 86 58.02 8.30 47.66
C ILE A 86 57.88 7.73 49.09
N HIS A 87 57.44 8.55 50.06
CA HIS A 87 57.31 8.09 51.45
C HIS A 87 56.07 7.23 51.67
N ARG A 88 55.11 7.34 50.75
CA ARG A 88 53.96 6.45 50.74
C ARG A 88 54.46 5.02 50.58
N LEU A 89 55.36 4.79 49.62
CA LEU A 89 56.05 3.51 49.49
C LEU A 89 56.84 3.14 50.77
N GLU A 90 57.80 3.97 51.17
CA GLU A 90 58.62 3.63 52.33
C GLU A 90 57.77 3.14 53.50
N GLU A 91 56.59 3.72 53.66
CA GLU A 91 55.64 3.23 54.65
C GLU A 91 54.80 2.09 54.09
N TYR A 92 53.73 2.45 53.39
CA TYR A 92 52.70 1.48 52.97
C TYR A 92 52.99 0.62 51.69
N GLY A 93 54.24 0.51 51.26
CA GLY A 93 54.53 -0.30 50.09
C GLY A 93 54.79 -1.77 50.40
N LYS A 94 55.61 -2.41 49.54
CA LYS A 94 56.15 -3.75 49.77
C LYS A 94 57.54 -3.80 49.20
N LEU A 95 58.54 -3.78 50.08
CA LEU A 95 59.93 -3.83 49.66
C LEU A 95 60.22 -5.16 48.96
N ILE A 96 61.05 -5.12 47.92
CA ILE A 96 61.48 -6.34 47.25
C ILE A 96 63.02 -6.44 47.12
N ILE A 97 63.67 -5.34 46.71
CA ILE A 97 65.13 -5.28 46.65
C ILE A 97 65.67 -3.89 47.01
N SER A 98 66.62 -3.82 47.92
CA SER A 98 67.15 -2.54 48.38
C SER A 98 68.38 -2.08 47.61
N GLU A 99 68.54 -0.77 47.48
CA GLU A 99 69.81 -0.15 47.07
C GLU A 99 70.36 -0.62 45.71
N HIS A 100 70.48 -1.94 45.53
CA HIS A 100 71.01 -2.54 44.30
C HIS A 100 69.91 -3.34 43.62
N ALA A 101 68.75 -2.69 43.46
CA ALA A 101 67.54 -3.32 42.94
C ALA A 101 67.69 -3.81 41.50
N LEU A 102 68.27 -2.98 40.64
CA LEU A 102 68.48 -3.43 39.27
C LEU A 102 69.41 -4.60 39.28
N GLU A 103 70.59 -4.38 39.84
CA GLU A 103 71.68 -5.35 39.88
C GLU A 103 71.21 -6.77 40.21
N THR A 104 70.34 -6.91 41.21
CA THR A 104 69.87 -8.22 41.63
C THR A 104 69.00 -8.97 40.60
N ILE A 105 68.14 -8.25 39.89
CA ILE A 105 67.27 -8.89 38.91
C ILE A 105 68.08 -9.42 37.76
N LYS A 106 69.14 -8.70 37.42
CA LYS A 106 70.03 -9.13 36.34
C LYS A 106 70.67 -10.49 36.69
N LYS A 107 71.04 -10.67 37.95
CA LYS A 107 71.57 -11.94 38.42
C LYS A 107 70.59 -13.09 38.10
N HIS A 108 69.42 -13.09 38.74
CA HIS A 108 68.49 -14.22 38.65
C HIS A 108 67.64 -14.32 37.39
N PHE A 109 67.90 -13.50 36.36
CA PHE A 109 66.97 -13.43 35.22
C PHE A 109 67.54 -13.30 33.78
N ALA A 110 68.63 -12.56 33.61
CA ALA A 110 69.29 -12.52 32.31
C ALA A 110 70.06 -13.82 32.07
N SER A 111 69.41 -14.76 31.37
CA SER A 111 69.99 -16.08 31.12
C SER A 111 70.25 -16.83 32.43
N PHE B 3 50.23 -9.74 17.61
CA PHE B 3 49.10 -9.70 18.54
C PHE B 3 47.77 -9.78 17.79
N GLY B 4 47.85 -10.20 16.52
CA GLY B 4 46.67 -10.31 15.68
C GLY B 4 47.05 -10.60 14.24
N ARG B 5 46.50 -9.82 13.32
CA ARG B 5 46.86 -9.92 11.91
C ARG B 5 46.92 -8.56 11.18
N PHE B 6 48.03 -8.37 10.49
CA PHE B 6 48.28 -7.13 9.78
C PHE B 6 48.60 -7.46 8.33
N THR B 7 49.10 -6.49 7.57
CA THR B 7 49.52 -6.77 6.20
C THR B 7 50.73 -7.67 6.25
N GLU B 8 51.12 -8.19 5.10
CA GLU B 8 52.46 -8.74 5.01
C GLU B 8 53.34 -7.63 5.57
N ARG B 9 53.32 -6.50 4.88
CA ARG B 9 54.16 -5.35 5.17
C ARG B 9 54.23 -5.10 6.64
N ALA B 10 53.09 -5.13 7.30
CA ALA B 10 53.11 -5.08 8.74
C ALA B 10 53.91 -6.26 9.26
N GLN B 11 53.34 -7.46 9.21
CA GLN B 11 54.00 -8.66 9.76
C GLN B 11 55.50 -8.76 9.44
N LYS B 12 55.89 -8.42 8.21
CA LYS B 12 57.31 -8.44 7.82
C LYS B 12 58.09 -7.38 8.58
N VAL B 13 57.57 -6.16 8.60
CA VAL B 13 58.23 -5.11 9.34
C VAL B 13 58.41 -5.50 10.80
N LEU B 14 57.43 -6.24 11.36
CA LEU B 14 57.47 -6.61 12.77
C LEU B 14 58.56 -7.66 13.05
N ALA B 15 58.52 -8.74 12.30
CA ALA B 15 59.53 -9.76 12.44
C ALA B 15 60.87 -9.11 12.15
N LEU B 16 60.83 -8.10 11.27
CA LEU B 16 62.03 -7.37 10.84
C LEU B 16 62.64 -6.60 12.02
N ALA B 17 61.80 -6.17 12.96
CA ALA B 17 62.31 -5.62 14.20
C ALA B 17 63.24 -6.65 14.83
N GLN B 18 62.76 -7.88 14.96
CA GLN B 18 63.58 -8.97 15.52
C GLN B 18 64.87 -9.19 14.76
N GLU B 19 64.79 -9.19 13.43
CA GLU B 19 65.98 -9.33 12.61
C GLU B 19 66.99 -8.34 13.18
N GLU B 20 66.50 -7.13 13.45
CA GLU B 20 67.33 -6.09 14.03
C GLU B 20 67.61 -6.33 15.54
N ALA B 21 66.67 -6.98 16.22
CA ALA B 21 66.85 -7.30 17.63
C ALA B 21 68.25 -7.83 17.79
N LEU B 22 68.52 -8.86 17.01
CA LEU B 22 69.75 -9.61 17.15
C LEU B 22 70.94 -8.99 16.41
N ARG B 23 70.72 -8.41 15.23
CA ARG B 23 71.80 -7.84 14.43
C ARG B 23 72.70 -6.93 15.28
N LEU B 24 72.19 -6.54 16.44
CA LEU B 24 72.94 -5.70 17.37
C LEU B 24 73.18 -6.44 18.69
N GLY B 25 72.51 -7.57 18.87
CA GLY B 25 72.75 -8.45 19.99
C GLY B 25 71.91 -8.20 21.23
N HIS B 26 71.09 -7.15 21.18
CA HIS B 26 70.22 -6.81 22.31
C HIS B 26 69.26 -7.97 22.59
N ASN B 27 68.51 -7.86 23.68
CA ASN B 27 67.78 -9.00 24.20
C ASN B 27 66.28 -8.75 24.26
N ASN B 28 65.91 -7.48 24.30
CA ASN B 28 64.50 -7.11 24.19
C ASN B 28 64.33 -6.17 23.02
N ILE B 29 63.34 -6.43 22.17
CA ILE B 29 63.06 -5.52 21.08
C ILE B 29 62.13 -4.41 21.53
N GLY B 30 62.68 -3.21 21.61
CA GLY B 30 61.93 -2.07 22.10
C GLY B 30 61.31 -1.30 20.97
N THR B 31 60.82 -0.11 21.26
CA THR B 31 60.28 0.71 20.20
C THR B 31 61.38 1.09 19.18
N GLU B 32 62.65 1.12 19.62
CA GLU B 32 63.74 1.47 18.70
C GLU B 32 63.92 0.46 17.53
N HIS B 33 63.52 -0.80 17.76
CA HIS B 33 63.70 -1.85 16.76
C HIS B 33 62.52 -1.89 15.84
N ILE B 34 61.36 -1.59 16.39
CA ILE B 34 60.20 -1.48 15.53
C ILE B 34 60.46 -0.37 14.52
N LEU B 35 61.09 0.70 14.98
CA LEU B 35 61.42 1.80 14.08
C LEU B 35 62.38 1.38 12.95
N LEU B 36 63.46 0.69 13.33
CA LEU B 36 64.38 0.11 12.34
C LEU B 36 63.62 -0.82 11.39
N GLY B 37 62.66 -1.58 11.93
CA GLY B 37 61.85 -2.49 11.15
C GLY B 37 61.14 -1.78 10.01
N LEU B 38 60.62 -0.59 10.32
CA LEU B 38 59.85 0.16 9.36
C LEU B 38 60.70 0.68 8.20
N VAL B 39 61.80 1.37 8.52
CA VAL B 39 62.67 1.98 7.50
C VAL B 39 63.51 0.96 6.72
N ARG B 40 63.53 -0.27 7.20
CA ARG B 40 64.36 -1.29 6.61
C ARG B 40 63.59 -2.24 5.72
N GLU B 41 62.26 -2.17 5.76
CA GLU B 41 61.44 -2.85 4.77
C GLU B 41 61.18 -1.84 3.65
N GLY B 42 61.73 -0.64 3.83
CA GLY B 42 61.89 0.37 2.79
C GLY B 42 60.79 0.58 1.74
N GLU B 43 59.68 -0.13 1.86
CA GLU B 43 58.64 -0.06 0.85
C GLU B 43 57.24 0.20 1.43
N GLY B 44 57.07 0.01 2.73
CA GLY B 44 55.79 0.30 3.39
C GLY B 44 55.48 1.78 3.40
N ILE B 45 54.21 2.16 3.61
CA ILE B 45 53.84 3.56 3.60
C ILE B 45 54.62 4.21 4.70
N ALA B 46 54.82 3.42 5.76
CA ALA B 46 55.62 3.79 6.91
C ALA B 46 57.02 4.00 6.41
N ALA B 47 57.52 3.00 5.71
CA ALA B 47 58.87 3.08 5.18
C ALA B 47 58.99 4.34 4.33
N LYS B 48 57.99 4.57 3.48
CA LYS B 48 58.02 5.69 2.55
C LYS B 48 58.09 7.05 3.27
N ALA B 49 57.25 7.21 4.27
CA ALA B 49 57.24 8.43 5.08
C ALA B 49 58.64 8.80 5.62
N LEU B 50 59.27 7.87 6.31
CA LEU B 50 60.56 8.13 6.89
C LEU B 50 61.52 8.66 5.85
N GLN B 51 61.41 8.14 4.64
CA GLN B 51 62.27 8.59 3.56
C GLN B 51 62.02 10.06 3.31
N ALA B 52 60.90 10.56 3.80
CA ALA B 52 60.53 11.96 3.59
C ALA B 52 61.20 12.86 4.58
N LEU B 53 61.06 12.55 5.86
CA LEU B 53 61.61 13.39 6.90
C LEU B 53 63.13 13.54 6.79
N GLY B 54 63.77 12.68 6.01
CA GLY B 54 65.20 12.72 5.86
C GLY B 54 65.82 11.68 6.75
N LEU B 55 65.13 10.55 6.86
CA LEU B 55 65.51 9.50 7.77
C LEU B 55 65.71 8.14 7.13
N GLY B 56 66.81 7.96 6.41
CA GLY B 56 67.16 6.66 5.86
C GLY B 56 67.64 5.76 6.98
N SER B 57 67.76 4.47 6.70
CA SER B 57 68.31 3.54 7.67
C SER B 57 69.69 3.98 8.18
N GLU B 58 70.46 4.60 7.29
CA GLU B 58 71.80 5.09 7.61
C GLU B 58 71.78 6.01 8.83
N LYS B 59 71.01 7.10 8.72
CA LYS B 59 70.95 8.12 9.76
C LYS B 59 70.48 7.57 11.09
N ILE B 60 69.49 6.68 11.02
CA ILE B 60 68.83 6.16 12.22
C ILE B 60 69.72 5.24 13.02
N GLN B 61 70.10 4.15 12.38
CA GLN B 61 70.82 3.13 13.11
C GLN B 61 72.07 3.73 13.77
N LYS B 62 72.61 4.82 13.21
CA LYS B 62 73.77 5.48 13.83
C LYS B 62 73.40 6.13 15.16
N GLU B 63 72.25 6.80 15.23
CA GLU B 63 71.78 7.32 16.51
C GLU B 63 71.56 6.15 17.47
N VAL B 64 70.84 5.13 17.02
CA VAL B 64 70.53 4.00 17.88
C VAL B 64 71.80 3.28 18.43
N GLU B 65 72.71 2.85 17.58
CA GLU B 65 73.96 2.28 18.11
C GLU B 65 74.72 3.28 19.00
N SER B 66 74.48 4.58 18.80
CA SER B 66 75.12 5.61 19.61
C SER B 66 74.43 5.74 20.95
N LEU B 67 73.47 4.85 21.20
CA LEU B 67 72.74 4.84 22.47
C LEU B 67 72.51 3.45 23.07
N ILE B 68 73.09 2.40 22.47
CA ILE B 68 72.93 1.06 23.03
C ILE B 68 74.08 0.11 22.71
N GLY B 69 74.36 -0.08 21.43
CA GLY B 69 75.48 -0.89 21.01
C GLY B 69 75.41 -2.34 21.47
N ARG B 70 76.45 -3.10 21.15
CA ARG B 70 76.50 -4.52 21.50
C ARG B 70 76.17 -4.75 22.97
N GLY B 71 75.70 -5.94 23.28
CA GLY B 71 75.52 -6.97 22.27
C GLY B 71 75.61 -8.37 22.83
N GLN B 72 75.08 -8.55 24.04
CA GLN B 72 75.05 -9.87 24.64
C GLN B 72 74.28 -10.80 23.71
N GLU B 73 75.01 -11.61 22.94
CA GLU B 73 74.42 -12.51 21.95
C GLU B 73 73.38 -13.42 22.59
N MET B 74 73.19 -13.26 23.89
CA MET B 74 72.20 -14.00 24.67
C MET B 74 71.10 -14.56 23.76
N SER B 75 70.34 -13.67 23.14
CA SER B 75 69.28 -14.07 22.23
C SER B 75 68.51 -15.25 22.78
N GLN B 76 68.41 -15.31 24.10
CA GLN B 76 67.72 -16.41 24.79
C GLN B 76 66.22 -16.36 24.51
N THR B 77 65.84 -16.59 23.26
CA THR B 77 64.45 -16.50 22.85
C THR B 77 63.83 -15.24 23.45
N ILE B 78 63.97 -14.14 22.73
CA ILE B 78 63.63 -12.82 23.26
C ILE B 78 62.14 -12.50 23.20
N HIS B 79 61.76 -11.46 23.93
CA HIS B 79 60.41 -10.92 23.83
C HIS B 79 60.43 -9.38 23.75
N TYR B 80 59.26 -8.76 23.77
CA TYR B 80 59.17 -7.33 23.55
C TYR B 80 59.59 -6.50 24.74
N THR B 81 59.62 -5.19 24.52
CA THR B 81 59.56 -4.25 25.62
C THR B 81 58.09 -4.04 26.00
N PRO B 82 57.82 -3.74 27.29
CA PRO B 82 56.41 -3.50 27.57
C PRO B 82 55.96 -2.26 26.81
N ARG B 83 56.88 -1.32 26.58
CA ARG B 83 56.54 -0.11 25.82
C ARG B 83 56.07 -0.48 24.44
N ALA B 84 56.97 -1.13 23.70
CA ALA B 84 56.65 -1.58 22.37
C ALA B 84 55.36 -2.42 22.32
N LYS B 85 55.10 -3.23 23.37
CA LYS B 85 53.85 -4.03 23.38
C LYS B 85 52.67 -3.08 23.43
N LYS B 86 52.87 -1.96 24.14
CA LYS B 86 51.90 -0.89 24.11
C LYS B 86 51.81 -0.32 22.70
N VAL B 87 52.97 -0.05 22.09
CA VAL B 87 53.02 0.53 20.74
C VAL B 87 52.25 -0.30 19.72
N ILE B 88 52.28 -1.61 19.90
CA ILE B 88 51.51 -2.51 19.03
C ILE B 88 49.99 -2.42 19.31
N GLU B 89 49.65 -2.50 20.59
CA GLU B 89 48.27 -2.38 20.99
C GLU B 89 47.70 -1.11 20.34
N LEU B 90 48.56 -0.11 20.13
CA LEU B 90 48.17 1.22 19.68
C LEU B 90 47.89 1.31 18.20
N SER B 91 48.83 0.83 17.41
CA SER B 91 48.60 0.78 15.97
C SER B 91 47.22 0.14 15.65
N MET B 92 46.83 -0.91 16.39
CA MET B 92 45.48 -1.48 16.24
C MET B 92 44.39 -0.40 16.37
N ASP B 93 44.58 0.55 17.28
CA ASP B 93 43.62 1.64 17.53
C ASP B 93 43.82 2.78 16.52
N GLU B 94 45.06 3.04 16.14
CA GLU B 94 45.36 4.07 15.14
C GLU B 94 44.81 3.65 13.77
N ALA B 95 44.12 2.51 13.74
CA ALA B 95 43.47 2.00 12.52
C ALA B 95 41.96 1.81 12.68
N ARG B 96 41.51 1.43 13.88
CA ARG B 96 40.09 1.58 14.16
C ARG B 96 39.82 3.01 13.70
N LYS B 97 40.73 3.90 14.07
CA LYS B 97 40.61 5.32 13.77
C LYS B 97 40.95 5.65 12.32
N LEU B 98 40.35 4.93 11.37
CA LEU B 98 40.65 5.14 9.95
C LEU B 98 39.85 4.17 9.09
N GLY B 99 38.99 3.39 9.71
CA GLY B 99 38.17 2.44 8.97
C GLY B 99 38.99 1.35 8.31
N HIS B 100 40.32 1.44 8.44
CA HIS B 100 41.22 0.43 7.90
C HIS B 100 40.95 -0.90 8.60
N SER B 101 40.29 -1.81 7.90
CA SER B 101 39.89 -3.07 8.51
C SER B 101 41.08 -3.90 8.99
N TYR B 102 42.29 -3.54 8.55
CA TYR B 102 43.49 -4.29 8.94
C TYR B 102 44.73 -3.42 9.08
N VAL B 103 45.54 -3.73 10.10
CA VAL B 103 46.74 -2.93 10.42
C VAL B 103 47.85 -3.17 9.43
N GLY B 104 48.77 -2.21 9.34
CA GLY B 104 49.80 -2.24 8.31
C GLY B 104 50.89 -1.25 8.63
N THR B 105 51.85 -1.10 7.72
CA THR B 105 53.09 -0.39 8.00
C THR B 105 52.85 0.97 8.58
N GLU B 106 51.88 1.68 8.02
CA GLU B 106 51.59 3.05 8.48
C GLU B 106 51.17 3.06 9.95
N HIS B 107 50.12 2.31 10.26
CA HIS B 107 49.50 2.34 11.58
C HIS B 107 50.50 2.10 12.73
N ILE B 108 51.48 1.27 12.46
CA ILE B 108 52.53 0.99 13.42
C ILE B 108 53.41 2.23 13.63
N LEU B 109 53.76 2.90 12.54
CA LEU B 109 54.39 4.21 12.63
C LEU B 109 53.46 5.23 13.33
N LEU B 110 52.17 5.16 13.06
CA LEU B 110 51.23 6.03 13.73
C LEU B 110 51.23 5.74 15.21
N GLY B 111 51.11 4.44 15.53
CA GLY B 111 51.11 3.90 16.89
C GLY B 111 52.33 4.23 17.73
N LEU B 112 53.51 4.30 17.11
CA LEU B 112 54.72 4.81 17.81
C LEU B 112 54.67 6.27 18.31
N ILE B 113 54.33 7.21 17.43
CA ILE B 113 54.16 8.62 17.82
C ILE B 113 53.23 8.79 19.00
N ARG B 114 52.07 8.14 18.91
CA ARG B 114 51.06 8.22 19.95
C ARG B 114 51.65 7.94 21.34
N GLU B 115 52.39 6.83 21.50
CA GLU B 115 53.02 6.52 22.78
C GLU B 115 54.47 7.02 22.86
N GLY B 116 54.66 8.30 22.51
CA GLY B 116 55.99 8.89 22.37
C GLY B 116 57.05 8.65 23.44
N GLU B 117 56.66 8.16 24.61
CA GLU B 117 57.65 7.92 25.65
C GLU B 117 58.43 6.67 25.30
N GLY B 118 59.71 6.79 24.96
CA GLY B 118 60.48 5.64 24.54
C GLY B 118 61.62 5.96 23.59
N VAL B 119 62.32 4.90 23.17
CA VAL B 119 63.58 5.08 22.44
C VAL B 119 63.44 5.62 21.02
N ALA B 120 62.49 5.08 20.27
CA ALA B 120 62.25 5.63 18.94
C ALA B 120 62.12 7.15 19.05
N ALA B 121 61.08 7.59 19.75
CA ALA B 121 60.79 9.01 19.94
C ALA B 121 62.03 9.86 20.14
N ARG B 122 62.98 9.38 20.95
CA ARG B 122 64.18 10.17 21.22
C ARG B 122 65.13 10.16 20.01
N VAL B 123 65.19 9.06 19.28
CA VAL B 123 66.03 9.03 18.09
C VAL B 123 65.72 10.27 17.28
N LEU B 124 64.44 10.62 17.20
CA LEU B 124 63.99 11.67 16.32
C LEU B 124 64.03 13.06 16.93
N ASN B 125 63.61 13.17 18.19
CA ASN B 125 63.73 14.43 18.90
C ASN B 125 65.20 14.73 19.03
N ASN B 126 66.00 13.75 18.61
CA ASN B 126 67.47 13.86 18.54
C ASN B 126 67.90 14.14 17.12
N LEU B 127 67.20 13.52 16.17
CA LEU B 127 67.38 13.83 14.76
C LEU B 127 66.52 15.01 14.33
N GLY B 128 66.36 15.97 15.24
CA GLY B 128 65.70 17.22 14.91
C GLY B 128 64.46 17.01 14.07
N VAL B 129 63.55 16.20 14.59
CA VAL B 129 62.33 15.87 13.89
C VAL B 129 61.20 15.74 14.90
N SER B 130 60.69 16.89 15.36
CA SER B 130 59.65 16.90 16.37
C SER B 130 58.62 15.84 16.04
N LEU B 131 57.84 15.43 17.04
CA LEU B 131 56.88 14.34 16.88
C LEU B 131 55.72 14.58 15.90
N ASN B 132 55.26 15.83 15.78
CA ASN B 132 54.09 16.09 14.94
C ASN B 132 54.39 16.27 13.45
N LYS B 133 55.58 16.79 13.15
CA LYS B 133 56.03 16.90 11.77
C LYS B 133 56.02 15.51 11.17
N ALA B 134 56.20 14.52 12.04
CA ALA B 134 56.21 13.12 11.64
C ALA B 134 54.82 12.51 11.44
N ARG B 135 53.88 12.71 12.35
CA ARG B 135 52.56 12.10 12.15
C ARG B 135 51.95 12.70 10.92
N GLN B 136 52.35 13.94 10.63
CA GLN B 136 51.92 14.60 9.41
C GLN B 136 52.32 13.79 8.17
N GLN B 137 53.62 13.65 7.93
CA GLN B 137 54.12 12.95 6.76
C GLN B 137 53.35 11.66 6.43
N VAL B 138 53.06 10.84 7.44
CA VAL B 138 52.25 9.65 7.19
C VAL B 138 50.86 10.01 6.69
N LEU B 139 50.22 10.94 7.36
CA LEU B 139 48.88 11.37 6.93
C LEU B 139 48.79 11.78 5.46
N GLN B 140 49.69 12.66 5.04
CA GLN B 140 49.64 13.22 3.69
C GLN B 140 49.92 12.14 2.66
N LEU B 141 49.86 10.89 3.10
CA LEU B 141 49.93 9.75 2.21
C LEU B 141 48.78 8.73 2.41
N LEU B 142 47.58 9.23 2.73
CA LEU B 142 46.36 8.43 2.85
C LEU B 142 45.18 9.41 2.69
N GLY B 143 44.02 8.98 2.23
CA GLY B 143 42.87 9.91 2.18
C GLY B 143 41.51 9.40 1.68
N SER B 144 40.46 10.08 2.15
CA SER B 144 39.04 9.81 1.88
C SER B 144 38.66 8.49 1.21
N ASN B 145 37.72 8.60 0.28
CA ASN B 145 37.27 7.47 -0.52
C ASN B 145 36.41 7.95 -1.70
N GLU B 146 35.32 8.66 -1.38
CA GLU B 146 34.37 9.11 -2.40
C GLU B 146 33.55 7.95 -2.98
N THR B 147 33.46 6.86 -2.22
CA THR B 147 32.70 5.68 -2.65
C THR B 147 31.19 5.96 -2.68
N GLY B 148 30.69 6.36 -3.84
CA GLY B 148 29.27 6.63 -4.03
C GLY B 148 29.02 7.16 -5.45
N SER B 149 30.09 7.36 -6.20
CA SER B 149 30.04 7.93 -7.56
C SER B 149 29.86 9.46 -7.56
N ASN B 155 25.44 9.09 -6.00
CA ASN B 155 25.33 10.04 -7.11
C ASN B 155 23.91 10.62 -7.14
N SER B 156 23.67 11.51 -8.11
CA SER B 156 22.36 12.15 -8.28
C SER B 156 21.94 13.00 -7.07
N ASN B 157 21.42 14.19 -7.33
CA ASN B 157 21.18 15.19 -6.29
C ASN B 157 20.22 14.80 -5.15
N ALA B 158 18.94 14.64 -5.47
CA ALA B 158 17.93 14.43 -4.43
C ALA B 158 18.31 13.33 -3.42
N ASN B 159 19.09 12.36 -3.88
CA ASN B 159 19.49 11.24 -3.04
C ASN B 159 20.06 11.72 -1.72
N THR B 160 20.52 12.96 -1.70
CA THR B 160 21.15 13.55 -0.52
C THR B 160 20.32 13.42 0.77
N PRO B 161 19.28 14.25 0.89
CA PRO B 161 18.45 14.24 2.08
C PRO B 161 18.06 12.80 2.41
N THR B 162 17.63 12.10 1.36
CA THR B 162 17.17 10.71 1.43
C THR B 162 18.26 9.72 1.88
N LEU B 163 19.09 9.30 0.92
CA LEU B 163 20.14 8.30 1.14
C LEU B 163 20.85 8.61 2.44
N ASP B 164 20.63 9.81 2.94
CA ASP B 164 21.22 10.27 4.18
C ASP B 164 20.72 9.49 5.39
N SER B 165 19.43 9.65 5.69
CA SER B 165 18.91 9.33 7.02
C SER B 165 19.71 8.32 7.90
N LEU B 166 19.60 6.99 7.75
CA LEU B 166 18.69 6.24 6.89
C LEU B 166 18.78 6.57 5.38
N ALA B 167 18.51 5.57 4.53
CA ALA B 167 18.09 4.22 4.96
C ALA B 167 18.40 3.06 4.00
N ARG B 168 19.67 2.71 3.87
CA ARG B 168 20.04 1.49 3.17
C ARG B 168 19.42 1.41 1.78
N ASP B 169 20.17 1.89 0.79
CA ASP B 169 19.73 2.01 -0.59
C ASP B 169 19.84 0.67 -1.32
N LEU B 170 18.78 -0.15 -1.25
CA LEU B 170 18.79 -1.47 -1.87
C LEU B 170 19.21 -1.51 -3.34
N THR B 171 18.80 -0.53 -4.14
CA THR B 171 19.29 -0.42 -5.51
C THR B 171 20.82 -0.39 -5.48
N ALA B 172 21.36 0.32 -4.49
CA ALA B 172 22.80 0.44 -4.33
C ALA B 172 23.44 -0.92 -4.09
N ILE B 173 23.01 -1.58 -3.03
CA ILE B 173 23.57 -2.88 -2.69
C ILE B 173 23.39 -3.87 -3.85
N ALA B 174 22.55 -3.50 -4.80
CA ALA B 174 22.29 -4.36 -5.97
C ALA B 174 23.02 -3.85 -7.20
N LYS B 175 23.70 -2.71 -7.06
CA LYS B 175 24.47 -2.14 -8.15
C LYS B 175 25.84 -2.80 -8.28
N GLU B 176 26.65 -2.70 -7.24
CA GLU B 176 27.97 -3.35 -7.25
C GLU B 176 27.83 -4.85 -7.20
N ASP B 177 26.60 -5.33 -7.34
CA ASP B 177 26.31 -6.76 -7.32
C ASP B 177 26.76 -7.39 -6.01
N SER B 178 27.07 -6.54 -5.05
CA SER B 178 27.43 -6.98 -3.71
C SER B 178 26.18 -7.50 -2.99
N LEU B 179 25.33 -8.21 -3.72
CA LEU B 179 24.04 -8.67 -3.18
C LEU B 179 23.82 -10.17 -3.33
N ASP B 180 23.33 -10.80 -2.25
CA ASP B 180 23.02 -12.23 -2.24
C ASP B 180 22.06 -12.56 -3.39
N PRO B 181 21.78 -13.85 -3.63
CA PRO B 181 20.92 -14.22 -4.75
C PRO B 181 19.67 -13.32 -4.89
N VAL B 182 18.57 -13.51 -4.15
CA VAL B 182 18.26 -14.66 -3.30
C VAL B 182 17.18 -15.44 -4.04
N ILE B 183 16.95 -16.70 -3.64
CA ILE B 183 16.08 -17.65 -4.33
C ILE B 183 14.67 -17.16 -4.73
N GLY B 184 13.66 -17.68 -4.03
CA GLY B 184 12.29 -17.34 -4.32
C GLY B 184 11.35 -18.52 -4.22
N ARG B 185 10.05 -18.26 -4.24
CA ARG B 185 9.51 -16.88 -4.33
C ARG B 185 10.09 -16.06 -5.49
N SER B 186 10.22 -16.72 -6.65
CA SER B 186 10.61 -16.06 -7.89
C SER B 186 9.36 -15.59 -8.59
N LYS B 187 8.33 -16.44 -8.64
CA LYS B 187 7.02 -16.00 -9.10
C LYS B 187 6.41 -15.03 -8.09
N GLU B 188 6.90 -15.06 -6.86
CA GLU B 188 6.48 -14.05 -5.88
C GLU B 188 7.01 -12.64 -6.21
N ILE B 189 8.25 -12.51 -6.67
CA ILE B 189 8.83 -11.20 -7.00
C ILE B 189 8.04 -10.53 -8.12
N GLN B 190 7.62 -11.33 -9.11
CA GLN B 190 6.84 -10.84 -10.25
C GLN B 190 5.50 -10.19 -9.82
N ARG B 191 4.74 -10.88 -8.97
CA ARG B 191 3.41 -10.40 -8.56
C ARG B 191 3.52 -9.03 -7.94
N VAL B 192 4.74 -8.64 -7.60
CA VAL B 192 4.96 -7.32 -7.00
C VAL B 192 4.93 -6.25 -8.07
N ILE B 193 5.46 -6.59 -9.23
CA ILE B 193 5.60 -5.60 -10.29
C ILE B 193 4.30 -5.26 -11.02
N GLU B 194 3.35 -6.18 -11.01
CA GLU B 194 2.02 -5.86 -11.47
C GLU B 194 1.47 -4.78 -10.55
N VAL B 195 1.40 -5.14 -9.26
CA VAL B 195 0.89 -4.28 -8.19
C VAL B 195 1.67 -2.99 -8.14
N LEU B 196 2.68 -2.88 -9.00
CA LEU B 196 3.56 -1.74 -8.92
C LEU B 196 3.64 -1.01 -10.23
N SER B 197 3.16 -1.66 -11.29
CA SER B 197 3.15 -1.04 -12.58
C SER B 197 1.80 -0.40 -12.87
N ARG B 198 0.93 -0.41 -11.87
CA ARG B 198 -0.46 0.03 -12.05
C ARG B 198 -0.67 1.54 -12.00
N ARG B 199 -1.93 1.89 -11.72
CA ARG B 199 -2.36 3.21 -11.38
C ARG B 199 -3.43 3.09 -10.27
N THR B 200 -4.15 1.96 -10.25
CA THR B 200 -5.16 1.72 -9.22
C THR B 200 -4.53 1.38 -7.88
N LYS B 201 -4.30 0.10 -7.65
CA LYS B 201 -3.63 -0.31 -6.45
C LYS B 201 -2.14 -0.07 -6.65
N ASN B 202 -1.73 1.19 -6.60
CA ASN B 202 -0.34 1.56 -6.86
C ASN B 202 0.71 0.76 -6.09
N ASN B 203 0.48 0.57 -4.78
CA ASN B 203 1.51 0.12 -3.81
C ASN B 203 1.20 -1.24 -3.17
N PRO B 204 2.14 -2.21 -3.26
CA PRO B 204 2.07 -3.60 -2.75
C PRO B 204 2.36 -3.83 -1.27
N VAL B 205 1.84 -4.92 -0.70
CA VAL B 205 1.94 -5.23 0.73
C VAL B 205 1.94 -6.74 0.98
N LEU B 206 3.05 -7.26 1.48
CA LEU B 206 3.22 -8.71 1.65
C LEU B 206 2.84 -9.23 3.02
N ILE B 207 1.95 -10.21 3.06
CA ILE B 207 1.49 -10.76 4.31
C ILE B 207 1.76 -12.25 4.38
N GLY B 208 2.39 -12.66 5.47
CA GLY B 208 2.68 -14.06 5.73
C GLY B 208 3.42 -14.08 7.05
N GLU B 209 3.69 -15.25 7.58
CA GLU B 209 4.54 -15.30 8.77
C GLU B 209 5.83 -14.57 8.42
N PRO B 210 6.35 -13.76 9.36
CA PRO B 210 7.19 -12.58 9.10
C PRO B 210 8.70 -12.69 8.75
N GLY B 211 9.45 -13.74 9.06
CA GLY B 211 9.04 -15.12 9.18
C GLY B 211 9.73 -15.77 8.00
N VAL B 212 9.08 -15.65 6.85
CA VAL B 212 9.66 -16.04 5.57
C VAL B 212 10.62 -14.94 5.13
N GLY B 213 11.27 -14.30 6.10
CA GLY B 213 12.13 -13.17 5.80
C GLY B 213 11.54 -12.46 4.61
N LYS B 214 10.33 -11.96 4.76
CA LYS B 214 9.62 -11.31 3.66
C LYS B 214 10.61 -10.39 3.03
N THR B 215 11.33 -9.67 3.89
CA THR B 215 12.27 -8.65 3.48
C THR B 215 13.16 -9.15 2.34
N ALA B 216 13.20 -10.46 2.13
CA ALA B 216 14.06 -11.08 1.11
C ALA B 216 13.59 -10.79 -0.32
N ILE B 217 12.28 -10.81 -0.48
CA ILE B 217 11.65 -10.61 -1.78
C ILE B 217 11.99 -9.24 -2.33
N ALA B 218 12.04 -8.26 -1.44
CA ALA B 218 12.40 -6.86 -1.81
C ALA B 218 13.77 -6.65 -2.50
N GLU B 219 14.78 -7.31 -1.99
CA GLU B 219 16.06 -7.25 -2.66
C GLU B 219 15.88 -7.73 -4.09
N GLY B 220 14.83 -8.54 -4.29
CA GLY B 220 14.46 -9.03 -5.62
C GLY B 220 14.35 -7.95 -6.67
N LEU B 221 13.57 -6.91 -6.41
CA LEU B 221 13.47 -5.79 -7.34
C LEU B 221 14.84 -5.17 -7.67
N ALA B 222 15.55 -4.73 -6.65
CA ALA B 222 16.83 -4.11 -6.88
C ALA B 222 17.48 -4.77 -8.09
N GLN B 223 17.66 -6.07 -7.99
CA GLN B 223 18.35 -6.81 -9.03
C GLN B 223 17.68 -6.77 -10.42
N GLN B 224 16.36 -6.94 -10.47
CA GLN B 224 15.66 -7.01 -11.76
C GLN B 224 15.35 -5.64 -12.40
N ILE B 225 15.18 -4.61 -11.57
CA ILE B 225 14.93 -3.28 -12.11
C ILE B 225 16.22 -2.80 -12.76
N ILE B 226 17.34 -3.23 -12.19
CA ILE B 226 18.62 -2.93 -12.79
C ILE B 226 18.81 -3.64 -14.14
N ASN B 227 19.12 -4.93 -14.09
CA ASN B 227 19.42 -5.67 -15.32
C ASN B 227 18.52 -6.87 -15.53
N ASN B 228 17.34 -6.66 -16.11
CA ASN B 228 16.77 -5.34 -16.41
C ASN B 228 15.31 -5.59 -16.76
N GLU B 229 14.93 -6.85 -16.70
CA GLU B 229 13.59 -7.28 -17.05
C GLU B 229 12.57 -6.56 -16.17
N VAL B 230 12.11 -5.41 -16.63
CA VAL B 230 11.01 -4.67 -16.01
C VAL B 230 10.54 -3.52 -16.91
N PRO B 231 9.23 -3.20 -16.88
CA PRO B 231 8.67 -2.22 -17.81
C PRO B 231 9.51 -0.94 -17.89
N GLU B 232 9.57 -0.34 -19.07
CA GLU B 232 10.20 0.97 -19.22
C GLU B 232 9.39 1.94 -18.38
N ILE B 233 8.35 1.40 -17.76
CA ILE B 233 7.48 2.14 -16.85
C ILE B 233 8.09 2.28 -15.44
N LEU B 234 9.25 1.65 -15.22
CA LEU B 234 9.86 1.56 -13.88
C LEU B 234 11.37 1.62 -13.89
N ARG B 235 11.98 1.49 -15.05
CA ARG B 235 13.42 1.64 -15.14
C ARG B 235 13.78 2.96 -14.45
N ASP B 236 15.01 3.09 -13.99
CA ASP B 236 15.44 4.32 -13.35
C ASP B 236 14.60 4.62 -12.10
N LYS B 237 14.70 3.75 -11.11
CA LYS B 237 14.08 3.98 -9.79
C LYS B 237 14.94 3.33 -8.69
N ARG B 238 14.49 3.38 -7.44
CA ARG B 238 15.33 2.98 -6.29
C ARG B 238 14.57 2.37 -5.09
N VAL B 239 15.07 1.25 -4.56
CA VAL B 239 14.44 0.58 -3.41
C VAL B 239 15.13 0.98 -2.14
N MET B 240 14.38 1.22 -1.09
CA MET B 240 14.98 1.64 0.19
C MET B 240 14.14 1.17 1.37
N THR B 241 14.66 1.32 2.59
CA THR B 241 14.05 0.67 3.75
C THR B 241 13.96 1.48 5.08
N LEU B 242 13.44 0.84 6.12
CA LEU B 242 13.54 1.34 7.50
C LEU B 242 12.79 0.45 8.48
N GLU B 253 13.22 11.29 15.60
CA GLU B 253 11.89 11.60 15.10
C GLU B 253 11.81 13.05 14.61
N ASP B 254 12.64 13.91 15.18
CA ASP B 254 12.62 15.34 14.86
C ASP B 254 12.92 15.61 13.38
N ARG B 255 13.48 14.60 12.71
CA ARG B 255 13.84 14.69 11.29
C ARG B 255 12.60 14.66 10.39
N LEU B 256 11.48 15.11 10.94
CA LEU B 256 10.13 15.01 10.37
C LEU B 256 9.93 15.10 8.84
N LYS B 257 8.97 15.94 8.46
CA LYS B 257 8.61 16.13 7.06
C LYS B 257 9.80 16.61 6.25
N LYS B 258 10.90 16.90 6.95
CA LYS B 258 12.09 17.45 6.35
C LYS B 258 12.57 16.65 5.13
N VAL B 259 13.06 15.44 5.36
CA VAL B 259 13.60 14.65 4.26
C VAL B 259 12.49 14.11 3.35
N MET B 260 11.31 13.89 3.92
CA MET B 260 10.18 13.47 3.07
C MET B 260 9.78 14.56 2.07
N ASP B 261 9.98 15.82 2.43
CA ASP B 261 9.77 16.87 1.45
C ASP B 261 10.87 16.72 0.41
N GLU B 262 12.06 16.40 0.89
CA GLU B 262 13.22 16.18 0.02
C GLU B 262 13.15 14.85 -0.72
N ILE B 263 11.93 14.40 -1.02
CA ILE B 263 11.72 13.19 -1.82
C ILE B 263 10.53 13.28 -2.76
N ARG B 264 9.38 13.72 -2.25
CA ARG B 264 8.24 13.95 -3.14
C ARG B 264 8.81 14.75 -4.28
N GLN B 265 9.79 15.58 -3.95
CA GLN B 265 10.56 16.35 -4.92
C GLN B 265 11.63 15.47 -5.56
N ALA B 266 11.22 14.30 -6.03
CA ALA B 266 12.09 13.34 -6.69
C ALA B 266 11.33 12.03 -6.84
N GLY B 267 10.69 11.85 -7.98
CA GLY B 267 9.72 10.78 -8.16
C GLY B 267 10.26 9.38 -8.18
N ASN B 268 11.56 9.25 -8.43
CA ASN B 268 12.17 7.95 -8.66
C ASN B 268 12.36 7.15 -7.38
N ILE B 269 11.31 7.01 -6.58
CA ILE B 269 11.47 6.29 -5.31
C ILE B 269 10.34 5.35 -4.86
N ILE B 270 10.77 4.19 -4.36
CA ILE B 270 9.89 3.09 -3.92
C ILE B 270 10.41 2.76 -2.54
N LEU B 271 9.56 2.34 -1.63
CA LEU B 271 9.91 2.28 -0.22
C LEU B 271 9.44 1.01 0.48
N PHE B 272 10.08 0.70 1.59
CA PHE B 272 9.84 -0.55 2.33
C PHE B 272 9.53 -0.34 3.82
N ILE B 273 8.54 -1.03 4.33
CA ILE B 273 8.09 -0.81 5.70
C ILE B 273 7.74 -2.11 6.40
N ASP B 274 7.65 -2.03 7.71
CA ASP B 274 7.29 -3.17 8.53
C ASP B 274 6.90 -2.62 9.89
N ALA B 275 5.79 -1.91 9.93
CA ALA B 275 5.35 -1.20 11.13
C ALA B 275 4.05 -0.46 10.91
N LYS B 284 1.75 7.17 10.52
CA LYS B 284 2.66 7.14 9.38
C LYS B 284 2.09 7.75 8.08
N PRO B 285 0.89 7.32 7.68
CA PRO B 285 0.44 7.41 6.28
C PRO B 285 0.10 8.80 5.73
N SER B 286 1.01 9.37 4.94
CA SER B 286 0.68 10.53 4.10
C SER B 286 0.32 10.00 2.71
N LEU B 287 -0.27 8.82 2.72
CA LEU B 287 -0.44 7.97 1.55
C LEU B 287 -0.89 8.64 0.26
N ALA B 288 -0.49 8.03 -0.86
CA ALA B 288 -0.93 8.45 -2.19
C ALA B 288 -0.58 9.89 -2.53
N ARG B 289 -0.43 10.71 -1.50
CA ARG B 289 -0.19 12.14 -1.68
C ARG B 289 0.83 12.36 -2.79
N GLY B 290 2.11 12.35 -2.44
CA GLY B 290 3.16 12.44 -3.43
C GLY B 290 3.32 11.14 -4.18
N GLU B 291 4.44 10.99 -4.89
CA GLU B 291 4.79 9.74 -5.55
C GLU B 291 5.24 8.75 -4.48
N LEU B 292 5.04 9.14 -3.24
CA LEU B 292 5.38 8.33 -2.08
C LEU B 292 4.92 6.87 -2.17
N GLN B 293 5.70 6.03 -2.86
CA GLN B 293 5.26 4.67 -3.21
C GLN B 293 5.86 3.54 -2.37
N CYS B 294 5.05 2.74 -1.71
CA CYS B 294 5.57 1.78 -0.71
C CYS B 294 5.59 0.32 -1.14
N ILE B 295 6.30 -0.48 -0.35
CA ILE B 295 6.10 -1.94 -0.31
C ILE B 295 6.05 -2.38 1.16
N GLY B 296 4.97 -3.04 1.57
CA GLY B 296 4.69 -3.29 2.96
C GLY B 296 4.85 -4.73 3.39
N ALA B 297 5.48 -4.93 4.53
CA ALA B 297 5.62 -6.26 5.11
C ALA B 297 4.99 -6.22 6.47
N THR B 298 3.82 -6.86 6.60
CA THR B 298 3.15 -6.87 7.89
C THR B 298 2.26 -8.08 8.09
N THR B 299 2.16 -8.53 9.34
CA THR B 299 1.64 -9.85 9.70
C THR B 299 0.36 -10.28 9.00
N LEU B 300 0.09 -11.59 9.03
CA LEU B 300 -1.16 -12.15 8.55
C LEU B 300 -2.35 -11.23 8.89
N ASP B 301 -2.36 -10.79 10.14
CA ASP B 301 -3.49 -10.06 10.71
C ASP B 301 -3.28 -8.55 10.74
N GLU B 302 -2.10 -8.11 11.18
CA GLU B 302 -1.83 -6.69 11.36
C GLU B 302 -2.44 -5.89 10.22
N TYR B 303 -2.40 -6.46 9.02
CA TYR B 303 -3.00 -5.79 7.87
C TYR B 303 -4.49 -5.71 8.04
N ARG B 304 -5.09 -6.81 8.50
CA ARG B 304 -6.50 -6.78 8.87
C ARG B 304 -6.69 -5.47 9.62
N LYS B 305 -5.72 -5.13 10.45
CA LYS B 305 -5.74 -3.91 11.25
C LYS B 305 -5.11 -2.70 10.54
N TYR B 306 -5.49 -2.48 9.28
CA TYR B 306 -5.02 -1.30 8.55
C TYR B 306 -5.95 -1.00 7.39
N ILE B 307 -6.36 -2.01 6.65
CA ILE B 307 -7.45 -1.80 5.71
C ILE B 307 -8.70 -1.66 6.56
N GLU B 308 -8.60 -2.15 7.79
CA GLU B 308 -9.65 -1.94 8.76
C GLU B 308 -9.70 -0.45 9.04
N LYS B 309 -8.54 0.19 8.97
CA LYS B 309 -8.48 1.65 8.98
C LYS B 309 -9.31 2.12 7.81
N ASP B 310 -8.87 1.77 6.61
CA ASP B 310 -9.61 2.07 5.37
C ASP B 310 -9.81 3.57 5.18
N ALA B 311 -10.17 3.98 3.96
CA ALA B 311 -10.22 3.09 2.80
C ALA B 311 -9.22 3.57 1.77
N ALA B 312 -8.32 4.46 2.20
CA ALA B 312 -7.14 4.80 1.43
C ALA B 312 -6.27 3.58 1.46
N LEU B 313 -6.45 2.78 2.50
CA LEU B 313 -5.83 1.47 2.56
C LEU B 313 -6.26 0.59 1.38
N GLU B 314 -7.45 -0.04 1.49
CA GLU B 314 -7.93 -0.94 0.44
C GLU B 314 -7.66 -0.36 -0.93
N ARG B 315 -7.46 0.95 -0.97
CA ARG B 315 -7.16 1.68 -2.20
C ARG B 315 -5.68 1.63 -2.57
N ARG B 316 -4.94 2.65 -2.16
CA ARG B 316 -3.53 2.77 -2.55
C ARG B 316 -2.81 1.44 -2.42
N PHE B 317 -2.29 1.15 -1.23
CA PHE B 317 -1.56 -0.07 -0.90
C PHE B 317 -2.40 -1.34 -1.31
N GLN B 318 -1.79 -2.51 -1.51
CA GLN B 318 -2.52 -3.74 -1.96
C GLN B 318 -1.65 -5.02 -1.97
N PRO B 319 -2.20 -6.16 -1.50
CA PRO B 319 -1.43 -7.28 -0.93
C PRO B 319 -1.15 -8.47 -1.81
N ILE B 320 -0.19 -9.31 -1.37
CA ILE B 320 0.10 -10.60 -1.99
C ILE B 320 0.60 -11.63 -0.96
N GLN B 321 0.28 -12.91 -1.16
CA GLN B 321 0.53 -13.91 -0.14
C GLN B 321 1.96 -14.47 -0.21
N VAL B 322 2.73 -14.22 0.84
CA VAL B 322 4.08 -14.75 0.94
C VAL B 322 4.09 -16.19 1.44
N ASP B 323 4.71 -17.08 0.66
CA ASP B 323 4.73 -18.51 0.98
C ASP B 323 5.89 -18.95 1.89
N GLN B 324 5.60 -19.85 2.81
CA GLN B 324 6.64 -20.56 3.53
C GLN B 324 7.35 -21.44 2.52
N PRO B 325 8.58 -21.08 2.13
CA PRO B 325 9.26 -21.64 0.95
C PRO B 325 9.12 -23.15 0.79
N SER B 326 9.17 -23.63 -0.44
CA SER B 326 9.18 -25.07 -0.67
C SER B 326 10.36 -25.60 0.10
N VAL B 327 10.14 -26.65 0.88
CA VAL B 327 11.20 -27.20 1.75
C VAL B 327 12.61 -27.30 1.14
N ASP B 328 12.70 -27.76 -0.11
CA ASP B 328 13.99 -27.85 -0.81
C ASP B 328 14.57 -26.47 -1.04
N GLU B 329 13.69 -25.53 -1.39
CA GLU B 329 14.08 -24.15 -1.65
C GLU B 329 14.83 -23.64 -0.44
N SER B 330 14.30 -24.00 0.71
CA SER B 330 14.92 -23.67 1.97
C SER B 330 16.40 -24.02 1.90
N ILE B 331 16.69 -25.32 1.75
CA ILE B 331 18.07 -25.78 1.65
C ILE B 331 18.99 -24.88 0.81
N GLN B 332 18.53 -24.47 -0.37
CA GLN B 332 19.36 -23.69 -1.27
C GLN B 332 19.69 -22.32 -0.72
N ILE B 333 18.74 -21.73 0.02
CA ILE B 333 18.93 -20.41 0.61
C ILE B 333 20.08 -20.49 1.60
N LEU B 334 20.03 -21.50 2.46
CA LEU B 334 21.11 -21.80 3.42
C LEU B 334 22.52 -21.80 2.80
N GLN B 335 22.75 -22.70 1.84
CA GLN B 335 24.03 -22.75 1.15
C GLN B 335 24.51 -21.38 0.59
N GLY B 336 23.62 -20.63 -0.06
CA GLY B 336 23.99 -19.35 -0.68
C GLY B 336 24.60 -18.40 0.32
N LEU B 337 24.13 -18.51 1.56
CA LEU B 337 24.68 -17.77 2.67
C LEU B 337 25.42 -18.71 3.60
N ARG B 338 25.62 -19.96 3.16
CA ARG B 338 26.52 -20.86 3.87
C ARG B 338 27.91 -20.24 3.90
N ASP B 339 28.47 -20.00 2.71
CA ASP B 339 29.82 -19.45 2.56
C ASP B 339 29.98 -18.19 3.41
N ARG B 340 28.86 -17.63 3.84
CA ARG B 340 28.85 -16.38 4.60
C ARG B 340 28.65 -16.57 6.10
N TYR B 341 28.24 -17.76 6.52
CA TYR B 341 28.27 -18.14 7.93
C TYR B 341 29.54 -18.89 8.25
N GLU B 342 30.52 -18.84 7.36
CA GLU B 342 31.85 -19.37 7.68
C GLU B 342 32.49 -18.42 8.71
N ALA B 343 31.81 -17.29 8.93
CA ALA B 343 32.23 -16.26 9.88
C ALA B 343 32.45 -16.80 11.29
N HIS B 344 31.59 -17.75 11.68
CA HIS B 344 31.64 -18.28 13.04
C HIS B 344 32.41 -19.59 13.15
N HIS B 345 33.16 -19.90 12.08
CA HIS B 345 34.25 -20.88 12.08
C HIS B 345 33.87 -22.36 12.15
N ARG B 346 33.37 -22.93 11.02
CA ARG B 346 32.99 -24.37 10.92
C ARG B 346 32.33 -24.76 9.55
N VAL B 347 31.70 -23.77 8.94
CA VAL B 347 31.13 -23.92 7.61
C VAL B 347 32.17 -23.35 6.62
N SER B 348 32.06 -23.59 5.32
CA SER B 348 30.94 -24.25 4.66
C SER B 348 30.62 -25.67 5.14
N ILE B 349 29.52 -26.22 4.63
CA ILE B 349 29.13 -27.60 4.90
C ILE B 349 28.75 -27.88 6.42
N THR B 350 28.25 -29.10 6.72
CA THR B 350 27.98 -30.16 5.73
C THR B 350 26.57 -30.12 5.17
N ASP B 351 26.44 -30.34 3.87
CA ASP B 351 25.13 -30.42 3.25
C ASP B 351 24.26 -31.36 4.07
N ASP B 352 24.70 -32.59 4.24
CA ASP B 352 23.92 -33.59 4.94
C ASP B 352 23.33 -33.00 6.22
N ALA B 353 24.04 -32.05 6.82
CA ALA B 353 23.61 -31.41 8.05
C ALA B 353 22.54 -30.36 7.81
N ILE B 354 22.73 -29.50 6.82
CA ILE B 354 21.72 -28.51 6.45
C ILE B 354 20.35 -29.17 6.32
N GLU B 355 20.24 -30.15 5.41
CA GLU B 355 18.99 -30.87 5.13
C GLU B 355 18.22 -31.15 6.40
N ALA B 356 18.95 -31.52 7.44
CA ALA B 356 18.33 -31.68 8.77
C ALA B 356 17.82 -30.36 9.39
N ALA B 357 18.69 -29.37 9.48
CA ALA B 357 18.28 -28.07 9.97
C ALA B 357 16.89 -27.80 9.42
N VAL B 358 16.81 -27.74 8.10
CA VAL B 358 15.54 -27.57 7.39
C VAL B 358 14.52 -28.63 7.77
N LYS B 359 14.69 -29.82 7.22
CA LYS B 359 13.66 -30.88 7.25
C LYS B 359 12.97 -31.09 8.58
N LEU B 360 13.72 -31.09 9.67
CA LEU B 360 13.14 -31.40 10.96
C LEU B 360 12.12 -30.33 11.33
N SER B 361 12.39 -29.12 10.90
CA SER B 361 11.58 -27.97 11.25
C SER B 361 10.18 -27.98 10.61
N ASP B 362 10.11 -28.38 9.35
CA ASP B 362 8.82 -28.37 8.67
C ASP B 362 7.83 -29.29 9.36
N ARG B 363 8.30 -30.46 9.77
CA ARG B 363 7.44 -31.43 10.44
C ARG B 363 7.56 -31.39 11.94
N TYR B 364 8.78 -31.31 12.45
CA TYR B 364 9.01 -31.27 13.90
C TYR B 364 9.15 -29.84 14.39
N ILE B 365 8.23 -29.42 15.25
CA ILE B 365 8.24 -28.08 15.84
C ILE B 365 8.90 -27.02 14.94
N SER B 366 8.17 -26.40 14.00
CA SER B 366 6.71 -26.40 13.85
C SER B 366 6.07 -25.22 14.59
N ASP B 367 6.66 -24.04 14.43
CA ASP B 367 6.22 -22.82 15.10
C ASP B 367 6.81 -21.57 14.44
N ARG B 368 7.19 -21.68 13.17
CA ARG B 368 7.71 -20.53 12.43
C ARG B 368 7.46 -20.58 10.89
N PHE B 369 8.40 -20.03 10.15
CA PHE B 369 8.40 -20.13 8.70
C PHE B 369 9.51 -21.12 8.34
N LEU B 370 9.39 -21.82 7.24
CA LEU B 370 10.38 -22.86 6.95
C LEU B 370 11.80 -22.43 6.59
N PRO B 371 12.05 -21.11 6.42
CA PRO B 371 13.44 -20.65 6.27
C PRO B 371 14.07 -19.97 7.52
N ASP B 372 13.29 -19.27 8.35
CA ASP B 372 13.86 -18.77 9.61
C ASP B 372 14.27 -19.97 10.50
N LYS B 373 13.37 -20.94 10.69
CA LYS B 373 13.60 -22.10 11.58
C LYS B 373 15.00 -22.67 11.39
N ALA B 374 15.22 -23.15 10.16
CA ALA B 374 16.49 -23.68 9.71
C ALA B 374 17.69 -22.88 10.24
N ILE B 375 17.99 -21.76 9.62
CA ILE B 375 19.07 -20.88 10.07
C ILE B 375 19.20 -20.74 11.57
N ASP B 376 18.10 -20.87 12.30
CA ASP B 376 18.19 -20.74 13.75
C ASP B 376 18.87 -21.98 14.36
N LEU B 377 18.55 -23.14 13.80
CA LEU B 377 19.19 -24.41 14.20
C LEU B 377 20.68 -24.35 13.92
N ILE B 378 20.97 -23.96 12.69
CA ILE B 378 22.32 -23.71 12.25
C ILE B 378 23.04 -22.78 13.23
N ASP B 379 22.48 -21.61 13.52
CA ASP B 379 23.17 -20.71 14.45
C ASP B 379 23.25 -21.27 15.88
N GLU B 380 22.18 -21.86 16.39
CA GLU B 380 22.30 -22.51 17.69
C GLU B 380 23.61 -23.27 17.69
N ALA B 381 23.80 -24.08 16.67
CA ALA B 381 25.05 -24.81 16.46
C ALA B 381 26.26 -23.97 15.92
N GLY B 382 25.95 -22.84 15.27
CA GLY B 382 26.91 -21.97 14.60
C GLY B 382 27.75 -21.06 15.47
N SER B 383 28.00 -21.56 16.68
CA SER B 383 28.87 -21.00 17.69
C SER B 383 29.09 -22.14 18.67
N LYS B 384 27.98 -22.79 19.06
CA LYS B 384 28.00 -23.94 19.97
C LYS B 384 29.20 -24.88 19.83
N VAL B 385 29.54 -25.24 18.62
CA VAL B 385 30.67 -26.14 18.45
C VAL B 385 32.03 -25.41 18.51
N ARG B 386 32.08 -24.22 17.93
CA ARG B 386 33.24 -23.35 18.04
C ARG B 386 33.50 -23.19 19.52
N LEU B 387 32.52 -23.59 20.32
CA LEU B 387 32.57 -23.40 21.76
C LEU B 387 33.12 -24.61 22.47
N ARG B 388 32.56 -25.79 22.15
CA ARG B 388 33.05 -27.04 22.72
C ARG B 388 34.56 -27.12 22.52
N SER B 389 35.03 -26.29 21.58
CA SER B 389 36.44 -26.02 21.37
C SER B 389 37.09 -25.34 22.60
N PHE B 390 36.42 -24.31 23.10
CA PHE B 390 36.98 -23.39 24.08
C PHE B 390 36.88 -23.84 25.57
N THR B 391 36.15 -24.92 25.79
CA THR B 391 35.94 -25.40 27.15
C THR B 391 37.25 -25.55 27.92
N PRO B 394 43.41 -30.03 24.14
CA PRO B 394 43.11 -31.25 24.90
C PRO B 394 42.96 -30.94 26.38
N ASN B 395 42.90 -31.97 27.23
CA ASN B 395 42.80 -31.71 28.66
C ASN B 395 44.02 -30.91 29.12
N LEU B 396 44.77 -30.42 28.16
CA LEU B 396 45.86 -29.50 28.42
C LEU B 396 45.32 -28.19 28.99
N LYS B 397 44.07 -28.21 29.47
CA LYS B 397 43.60 -27.16 30.38
C LYS B 397 44.48 -27.25 31.62
N GLU B 398 45.05 -28.43 31.85
CA GLU B 398 45.86 -28.72 33.03
C GLU B 398 47.24 -28.05 33.04
N LEU B 399 47.91 -28.00 31.88
CA LEU B 399 49.21 -27.36 31.80
C LEU B 399 49.18 -25.97 32.41
N GLU B 400 48.43 -25.07 31.78
CA GLU B 400 48.30 -23.72 32.29
C GLU B 400 48.09 -23.76 33.80
N GLN B 401 47.22 -24.65 34.27
CA GLN B 401 46.99 -24.82 35.71
C GLN B 401 48.33 -25.00 36.42
N LYS B 402 49.16 -25.87 35.85
CA LYS B 402 50.50 -26.09 36.39
C LYS B 402 51.34 -24.83 36.34
N LEU B 403 51.56 -24.31 35.14
CA LEU B 403 52.45 -23.19 34.95
C LEU B 403 52.22 -22.13 36.01
N ASP B 404 50.98 -22.02 36.49
CA ASP B 404 50.65 -21.03 37.50
C ASP B 404 51.50 -21.23 38.74
N GLU B 405 51.23 -22.34 39.44
CA GLU B 405 51.96 -22.65 40.67
C GLU B 405 53.40 -22.19 40.54
N VAL B 406 53.92 -22.28 39.32
CA VAL B 406 55.29 -21.87 39.04
C VAL B 406 55.51 -20.37 39.26
N ARG B 407 55.00 -19.55 38.36
CA ARG B 407 55.25 -18.13 38.50
C ARG B 407 55.41 -17.85 39.99
N LYS B 408 54.37 -18.15 40.77
CA LYS B 408 54.39 -17.95 42.22
C LYS B 408 55.76 -18.29 42.81
N GLU B 409 56.06 -19.59 42.86
CA GLU B 409 57.36 -20.00 43.36
C GLU B 409 58.41 -19.06 42.81
N LYS B 410 58.53 -18.98 41.49
CA LYS B 410 59.43 -18.02 40.86
C LYS B 410 59.25 -16.65 41.50
N ASP B 411 58.06 -16.08 41.31
CA ASP B 411 57.76 -14.74 41.77
C ASP B 411 58.02 -14.59 43.28
N ALA B 412 57.16 -15.20 44.09
CA ALA B 412 57.25 -15.07 45.55
C ALA B 412 58.67 -15.35 46.00
N ALA B 413 59.30 -16.34 45.37
CA ALA B 413 60.70 -16.60 45.64
C ALA B 413 61.52 -15.36 45.32
N VAL B 414 61.23 -14.72 44.19
CA VAL B 414 62.02 -13.56 43.77
C VAL B 414 61.93 -12.44 44.78
N GLN B 415 60.83 -12.42 45.53
CA GLN B 415 60.62 -11.42 46.57
C GLN B 415 61.47 -11.79 47.79
N SER B 416 61.82 -13.07 47.90
CA SER B 416 62.65 -13.57 48.98
C SER B 416 64.11 -13.68 48.55
N GLN B 417 64.33 -14.20 47.34
CA GLN B 417 65.65 -14.29 46.70
C GLN B 417 66.71 -15.09 47.49
N GLU B 418 66.90 -16.38 47.21
CA GLU B 418 66.14 -17.18 46.24
C GLU B 418 66.31 -16.75 44.77
N PHE B 419 67.37 -16.00 44.49
CA PHE B 419 67.67 -15.57 43.12
C PHE B 419 67.92 -16.69 42.11
N GLU B 420 69.08 -17.34 42.20
CA GLU B 420 69.36 -18.48 41.33
C GLU B 420 68.34 -19.57 41.57
N LYS B 421 67.65 -19.49 42.70
CA LYS B 421 66.51 -20.35 43.00
C LYS B 421 65.30 -19.95 42.14
N ALA B 422 65.48 -18.89 41.35
CA ALA B 422 64.51 -18.46 40.34
C ALA B 422 65.06 -18.63 38.91
N ALA B 423 66.23 -18.06 38.64
CA ALA B 423 66.91 -18.29 37.39
C ALA B 423 66.46 -19.62 36.77
N SER B 424 66.73 -20.72 37.47
CA SER B 424 66.27 -22.05 37.03
C SER B 424 64.75 -22.15 37.13
N LEU B 425 64.16 -21.39 38.07
CA LEU B 425 62.70 -21.36 38.23
C LEU B 425 61.98 -20.67 37.06
N ARG B 426 62.50 -19.52 36.64
CA ARG B 426 62.00 -18.85 35.43
C ARG B 426 62.17 -19.83 34.28
N ASP B 427 63.41 -20.24 34.04
CA ASP B 427 63.72 -21.22 33.01
C ASP B 427 62.76 -22.41 33.11
N THR B 428 62.53 -22.96 34.31
CA THR B 428 61.53 -24.04 34.45
C THR B 428 60.18 -23.57 33.91
N GLU B 429 59.87 -22.30 34.15
CA GLU B 429 58.65 -21.67 33.62
C GLU B 429 58.49 -21.67 32.08
N GLN B 430 59.30 -20.89 31.36
CA GLN B 430 59.20 -20.88 29.92
C GLN B 430 59.39 -22.26 29.29
N ARG B 431 60.11 -23.17 29.95
CA ARG B 431 60.11 -24.56 29.50
C ARG B 431 58.64 -24.88 29.24
N LEU B 432 57.85 -24.72 30.30
CA LEU B 432 56.42 -24.94 30.26
C LEU B 432 55.77 -24.13 29.15
N ARG B 433 55.92 -22.81 29.22
CA ARG B 433 55.15 -21.91 28.36
C ARG B 433 55.16 -22.32 26.89
N GLU B 434 56.36 -22.35 26.29
CA GLU B 434 56.49 -22.73 24.90
C GLU B 434 55.80 -24.06 24.64
N GLN B 435 55.86 -24.98 25.60
CA GLN B 435 55.14 -26.24 25.49
C GLN B 435 53.64 -25.96 25.37
N VAL B 436 53.15 -25.09 26.25
CA VAL B 436 51.76 -24.66 26.21
C VAL B 436 51.42 -24.08 24.84
N GLU B 437 51.98 -22.91 24.55
CA GLU B 437 51.68 -22.23 23.29
C GLU B 437 51.84 -23.14 22.07
N ASP B 438 52.77 -24.09 22.14
CA ASP B 438 52.96 -25.03 21.04
C ASP B 438 51.74 -25.95 20.85
N THR B 439 51.08 -26.32 21.94
CA THR B 439 49.88 -27.15 21.87
C THR B 439 48.61 -26.30 21.90
N LYS B 440 48.78 -25.00 22.15
CA LYS B 440 47.67 -24.06 22.13
C LYS B 440 47.45 -23.60 20.71
N LYS B 441 48.53 -23.69 19.92
CA LYS B 441 48.49 -23.40 18.49
C LYS B 441 48.54 -24.70 17.69
N SER B 442 48.53 -25.82 18.41
CA SER B 442 48.30 -27.12 17.80
C SER B 442 46.83 -27.17 17.44
N TRP B 443 46.03 -26.30 18.06
CA TRP B 443 44.62 -26.15 17.72
C TRP B 443 44.37 -25.08 16.68
N LYS B 444 45.26 -25.06 15.70
CA LYS B 444 44.98 -24.53 14.38
C LYS B 444 44.49 -25.72 13.57
N GLU B 445 44.69 -26.91 14.14
CA GLU B 445 44.24 -28.15 13.50
C GLU B 445 42.75 -28.33 13.74
N LYS B 446 42.29 -27.91 14.91
CA LYS B 446 40.86 -27.91 15.19
C LYS B 446 40.24 -26.88 14.28
N GLN B 447 41.10 -26.13 13.59
CA GLN B 447 40.63 -25.14 12.62
C GLN B 447 40.52 -25.73 11.20
N GLY B 448 41.59 -26.35 10.73
CA GLY B 448 41.59 -27.01 9.43
C GLY B 448 40.59 -28.14 9.36
N GLN B 449 40.17 -28.63 10.54
CA GLN B 449 39.10 -29.63 10.63
C GLN B 449 37.73 -28.99 10.46
N GLU B 453 33.63 -28.88 10.39
CA GLU B 453 32.58 -29.90 10.29
C GLU B 453 31.32 -29.26 9.71
N VAL B 454 30.14 -29.86 9.91
CA VAL B 454 28.87 -29.29 9.41
C VAL B 454 27.68 -30.26 9.45
N THR B 455 27.91 -31.53 9.15
CA THR B 455 26.81 -32.40 8.77
C THR B 455 25.61 -32.38 9.71
N VAL B 456 24.45 -32.12 9.09
CA VAL B 456 23.14 -32.41 9.63
C VAL B 456 23.05 -32.51 11.16
N ASP B 457 23.68 -33.52 11.73
CA ASP B 457 23.55 -33.74 13.17
C ASP B 457 23.72 -32.44 13.95
N ASP B 458 24.63 -31.58 13.50
CA ASP B 458 24.79 -30.26 14.08
C ASP B 458 23.47 -29.53 14.07
N ILE B 459 22.86 -29.47 12.89
CA ILE B 459 21.58 -28.83 12.72
C ILE B 459 20.48 -29.45 13.58
N ALA B 460 20.12 -30.71 13.31
CA ALA B 460 19.03 -31.34 14.05
C ALA B 460 19.11 -31.05 15.55
N MET B 461 20.33 -30.89 16.06
CA MET B 461 20.52 -30.39 17.41
C MET B 461 19.81 -29.06 17.51
N VAL B 462 20.39 -28.05 16.86
CA VAL B 462 19.80 -26.72 16.77
C VAL B 462 18.28 -26.79 16.74
N VAL B 463 17.72 -27.73 15.96
CA VAL B 463 16.27 -27.86 15.83
C VAL B 463 15.58 -28.29 17.12
N SER B 464 16.06 -29.39 17.70
CA SER B 464 15.46 -29.93 18.91
C SER B 464 15.62 -28.94 20.06
N SER B 465 16.65 -28.11 19.97
CA SER B 465 16.86 -27.04 20.93
C SER B 465 16.07 -25.79 20.55
N TRP B 466 14.97 -26.00 19.83
CA TRP B 466 14.07 -24.92 19.46
C TRP B 466 12.64 -25.35 19.78
N THR B 467 12.51 -26.58 20.30
CA THR B 467 11.21 -27.12 20.69
C THR B 467 11.37 -28.11 21.84
N ALA B 475 17.25 -43.11 10.51
CA ALA B 475 18.46 -43.05 11.34
C ALA B 475 18.48 -44.22 12.32
N GLN B 476 19.57 -44.99 12.30
CA GLN B 476 19.65 -46.25 13.04
C GLN B 476 18.72 -46.40 14.26
N THR B 477 19.11 -45.88 15.43
CA THR B 477 18.23 -46.04 16.61
C THR B 477 17.13 -44.99 16.69
N GLU B 478 16.61 -44.63 15.53
CA GLU B 478 15.31 -43.96 15.44
C GLU B 478 14.28 -44.75 14.63
N THR B 479 14.75 -45.56 13.69
CA THR B 479 13.90 -46.50 13.01
C THR B 479 14.00 -47.79 13.81
N ASP B 480 15.01 -47.89 14.69
CA ASP B 480 15.18 -49.12 15.46
C ASP B 480 14.15 -49.11 16.57
N LYS B 481 13.81 -47.89 17.00
CA LYS B 481 12.68 -47.74 17.91
C LYS B 481 11.45 -48.31 17.22
N LEU B 482 11.38 -48.15 15.90
CA LEU B 482 10.23 -48.61 15.14
C LEU B 482 10.24 -50.14 14.85
N LEU B 483 11.29 -50.63 14.20
CA LEU B 483 11.38 -52.05 13.90
C LEU B 483 11.24 -52.87 15.17
N ASN B 484 11.84 -52.35 16.24
CA ASN B 484 11.89 -53.04 17.54
C ASN B 484 10.88 -52.51 18.55
N MET B 485 9.90 -51.77 18.06
CA MET B 485 8.85 -51.24 18.90
C MET B 485 8.24 -52.25 19.87
N GLU B 486 7.91 -53.42 19.35
CA GLU B 486 7.28 -54.43 20.16
C GLU B 486 8.17 -54.78 21.36
N ASN B 487 9.46 -55.04 21.12
CA ASN B 487 10.41 -55.34 22.18
C ASN B 487 10.34 -54.24 23.23
N ILE B 488 10.09 -53.04 22.75
CA ILE B 488 10.17 -51.80 23.52
C ILE B 488 8.89 -51.53 24.31
N LEU B 489 7.77 -51.67 23.64
CA LEU B 489 6.48 -51.56 24.31
C LEU B 489 6.26 -52.72 25.28
N HIS B 490 6.87 -53.87 24.98
CA HIS B 490 6.68 -55.06 25.79
C HIS B 490 7.34 -54.93 27.14
N SER B 491 8.39 -54.13 27.22
CA SER B 491 9.16 -54.01 28.45
C SER B 491 8.42 -53.11 29.45
N ARG B 492 7.27 -52.59 29.03
CA ARG B 492 6.50 -51.64 29.85
C ARG B 492 5.08 -52.14 29.99
N VAL B 493 4.58 -52.75 28.91
CA VAL B 493 3.25 -53.34 28.86
C VAL B 493 3.27 -54.89 28.87
N ILE B 494 2.68 -55.47 29.91
CA ILE B 494 2.82 -56.90 30.18
C ILE B 494 1.53 -57.60 29.84
N GLY B 495 1.65 -58.83 29.35
CA GLY B 495 0.53 -59.46 28.70
C GLY B 495 0.31 -58.62 27.45
N GLN B 496 -0.93 -58.53 27.01
CA GLN B 496 -1.31 -57.67 25.89
C GLN B 496 -0.46 -57.70 24.59
N ASP B 497 0.14 -58.83 24.22
CA ASP B 497 0.87 -58.92 22.94
C ASP B 497 -0.09 -58.76 21.77
N GLU B 498 -1.32 -59.27 21.91
CA GLU B 498 -2.35 -59.09 20.90
C GLU B 498 -2.38 -57.59 20.52
N ALA B 499 -2.54 -56.71 21.52
CA ALA B 499 -2.58 -55.24 21.31
C ALA B 499 -1.31 -54.57 20.79
N VAL B 500 -0.19 -54.82 21.46
CA VAL B 500 1.11 -54.26 21.05
C VAL B 500 1.45 -54.45 19.58
N VAL B 501 1.32 -55.68 19.08
CA VAL B 501 1.71 -55.94 17.71
C VAL B 501 0.81 -55.20 16.73
N ALA B 502 -0.45 -55.02 17.10
CA ALA B 502 -1.37 -54.30 16.24
C ALA B 502 -0.96 -52.83 16.14
N VAL B 503 -0.69 -52.22 17.29
CA VAL B 503 -0.19 -50.84 17.34
C VAL B 503 1.19 -50.65 16.71
N ALA B 504 2.17 -51.44 17.12
CA ALA B 504 3.47 -51.44 16.47
C ALA B 504 3.37 -51.34 14.95
N LYS B 505 2.58 -52.23 14.35
CA LYS B 505 2.50 -52.35 12.91
C LYS B 505 1.79 -51.16 12.30
N ALA B 506 0.84 -50.60 13.04
CA ALA B 506 0.03 -49.48 12.53
C ALA B 506 0.83 -48.21 12.49
N VAL B 507 1.62 -48.01 13.54
CA VAL B 507 2.46 -46.85 13.66
C VAL B 507 3.48 -46.97 12.57
N ARG B 508 4.07 -48.14 12.50
CA ARG B 508 5.07 -48.41 11.50
C ARG B 508 4.52 -48.26 10.07
N ARG B 509 3.23 -48.52 9.86
CA ARG B 509 2.63 -48.28 8.56
C ARG B 509 2.64 -46.78 8.28
N ALA B 510 1.94 -46.03 9.12
CA ALA B 510 1.81 -44.59 8.96
C ALA B 510 3.18 -43.92 8.91
N ARG B 511 4.03 -44.32 9.85
CA ARG B 511 5.36 -43.72 10.01
C ARG B 511 6.33 -44.07 8.85
N ALA B 512 5.86 -44.84 7.87
CA ALA B 512 6.72 -45.32 6.79
C ALA B 512 6.30 -44.76 5.45
N GLY B 513 5.24 -43.97 5.42
CA GLY B 513 4.86 -43.25 4.21
C GLY B 513 3.54 -43.62 3.62
N LEU B 514 2.93 -44.67 4.14
CA LEU B 514 1.75 -45.26 3.53
C LEU B 514 0.47 -44.51 3.86
N LYS B 515 0.19 -44.24 5.13
CA LYS B 515 -1.03 -43.52 5.47
C LYS B 515 -0.94 -42.04 5.06
N ASP B 516 -2.09 -41.40 4.85
CA ASP B 516 -2.15 -39.97 4.50
C ASP B 516 -1.73 -39.09 5.67
N PRO B 517 -0.72 -38.24 5.45
CA PRO B 517 -0.06 -37.42 6.48
C PRO B 517 -0.96 -36.41 7.21
N LYS B 518 -2.03 -35.94 6.57
CA LYS B 518 -2.93 -34.97 7.19
C LYS B 518 -3.77 -35.57 8.33
N ARG B 519 -3.93 -36.89 8.29
CA ARG B 519 -4.58 -37.67 9.36
C ARG B 519 -3.61 -38.04 10.46
N PRO B 520 -4.12 -38.20 11.69
CA PRO B 520 -3.21 -38.55 12.79
C PRO B 520 -2.28 -39.67 12.39
N ILE B 521 -1.18 -39.78 13.12
CA ILE B 521 -0.27 -40.91 12.99
C ILE B 521 -1.02 -42.24 13.19
N GLY B 522 -1.95 -42.25 14.14
CA GLY B 522 -2.72 -43.44 14.47
C GLY B 522 -4.03 -43.10 15.14
N SER B 523 -5.09 -43.77 14.72
CA SER B 523 -6.40 -43.62 15.34
C SER B 523 -6.75 -45.01 15.87
N PHE B 524 -6.84 -45.18 17.18
CA PHE B 524 -7.20 -46.47 17.75
C PHE B 524 -8.37 -46.40 18.71
N ILE B 525 -8.99 -47.55 18.95
CA ILE B 525 -9.94 -47.72 20.04
C ILE B 525 -9.46 -48.87 20.92
N PHE B 526 -9.37 -48.63 22.23
CA PHE B 526 -8.87 -49.64 23.11
C PHE B 526 -10.03 -50.24 23.89
N LEU B 527 -10.32 -51.51 23.63
CA LEU B 527 -11.44 -52.16 24.29
C LEU B 527 -10.88 -53.13 25.29
N GLY B 528 -11.68 -53.43 26.29
CA GLY B 528 -11.20 -54.30 27.34
C GLY B 528 -11.54 -53.76 28.71
N PRO B 529 -11.26 -54.59 29.72
CA PRO B 529 -11.50 -54.30 31.12
C PRO B 529 -10.52 -53.27 31.67
N THR B 530 -10.78 -52.80 32.88
CA THR B 530 -10.03 -51.71 33.47
C THR B 530 -8.76 -52.22 34.10
N GLY B 531 -7.72 -51.40 34.06
CA GLY B 531 -6.49 -51.71 34.76
C GLY B 531 -5.74 -52.82 34.10
N VAL B 532 -5.94 -52.99 32.79
CA VAL B 532 -5.28 -54.04 32.05
C VAL B 532 -4.02 -53.52 31.34
N GLY B 533 -4.06 -52.27 30.89
CA GLY B 533 -2.92 -51.66 30.24
C GLY B 533 -3.36 -50.58 29.27
N LYS B 534 -4.65 -50.24 29.26
CA LYS B 534 -5.17 -49.32 28.26
C LYS B 534 -4.30 -48.07 28.28
N THR B 535 -4.38 -47.30 29.37
CA THR B 535 -3.53 -46.12 29.55
C THR B 535 -2.03 -46.43 29.48
N GLU B 536 -1.59 -47.42 30.24
CA GLU B 536 -0.21 -47.85 30.22
C GLU B 536 0.41 -47.98 28.83
N LEU B 537 -0.34 -48.47 27.86
CA LEU B 537 0.21 -48.58 26.51
C LEU B 537 0.32 -47.17 25.93
N ALA B 538 -0.67 -46.32 26.20
CA ALA B 538 -0.62 -44.93 25.72
C ALA B 538 0.61 -44.18 26.20
N ARG B 539 0.96 -44.36 27.48
CA ARG B 539 2.22 -43.82 27.99
C ARG B 539 3.38 -44.36 27.18
N ALA B 540 3.59 -45.66 27.23
CA ALA B 540 4.72 -46.30 26.57
C ALA B 540 4.84 -45.86 25.12
N LEU B 541 3.71 -45.49 24.51
CA LEU B 541 3.70 -45.01 23.13
C LEU B 541 4.30 -43.64 23.06
N ALA B 542 3.73 -42.71 23.84
CA ALA B 542 4.31 -41.39 24.08
C ALA B 542 5.82 -41.44 24.35
N GLU B 543 6.23 -42.20 25.35
CA GLU B 543 7.66 -42.33 25.63
C GLU B 543 8.48 -42.80 24.41
N SER B 544 8.03 -43.85 23.74
CA SER B 544 8.82 -44.46 22.66
C SER B 544 8.78 -43.61 21.40
N ILE B 545 7.58 -43.11 21.07
CA ILE B 545 7.32 -42.39 19.81
C ILE B 545 7.61 -40.90 19.92
N PHE B 546 7.17 -40.29 21.00
CA PHE B 546 7.33 -38.86 21.16
C PHE B 546 8.44 -38.49 22.16
N GLY B 547 9.08 -39.46 22.81
CA GLY B 547 10.20 -39.14 23.69
C GLY B 547 9.94 -38.96 25.18
N ASP B 548 8.68 -38.74 25.58
CA ASP B 548 8.37 -38.36 26.97
C ASP B 548 7.10 -39.04 27.50
N GLU B 549 7.25 -39.95 28.47
CA GLU B 549 6.11 -40.72 28.97
C GLU B 549 4.95 -39.86 29.44
N GLU B 550 5.04 -38.58 29.12
CA GLU B 550 4.23 -37.58 29.78
C GLU B 550 3.69 -36.58 28.78
N SER B 551 4.08 -36.79 27.54
CA SER B 551 3.58 -35.99 26.45
C SER B 551 2.24 -36.56 26.03
N MET B 552 1.26 -36.44 26.92
CA MET B 552 0.01 -37.15 26.75
C MET B 552 -1.12 -36.35 27.33
N ILE B 553 -2.03 -36.00 26.43
CA ILE B 553 -3.25 -35.32 26.76
C ILE B 553 -4.28 -36.37 27.13
N ARG B 554 -5.13 -36.10 28.11
CA ARG B 554 -6.06 -37.10 28.57
C ARG B 554 -7.35 -36.45 29.00
N ILE B 555 -8.39 -36.63 28.19
CA ILE B 555 -9.74 -36.15 28.49
C ILE B 555 -10.62 -37.28 29.02
N ASP B 556 -11.62 -36.92 29.84
CA ASP B 556 -12.53 -37.89 30.46
C ASP B 556 -13.91 -37.55 29.96
N MET B 557 -14.39 -38.38 29.05
CA MET B 557 -15.61 -38.10 28.32
C MET B 557 -16.88 -38.10 29.17
N SER B 558 -16.75 -38.47 30.44
CA SER B 558 -17.82 -38.29 31.41
C SER B 558 -18.23 -36.84 31.37
N GLU B 559 -17.25 -35.96 31.14
CA GLU B 559 -17.46 -34.53 31.19
C GLU B 559 -18.27 -34.01 29.99
N TYR B 560 -18.36 -34.80 28.91
CA TYR B 560 -18.96 -34.30 27.68
C TYR B 560 -20.21 -35.04 27.25
N MET B 561 -21.07 -35.39 28.21
CA MET B 561 -22.27 -36.18 27.89
C MET B 561 -23.45 -35.37 27.32
N GLU B 562 -23.44 -34.05 27.48
CA GLU B 562 -24.58 -33.22 27.03
C GLU B 562 -24.33 -32.36 25.77
N LYS B 563 -25.36 -31.66 25.28
CA LYS B 563 -25.24 -30.85 24.06
C LYS B 563 -24.24 -29.72 24.25
N HIS B 564 -23.75 -29.57 25.49
CA HIS B 564 -22.53 -28.83 25.69
C HIS B 564 -21.31 -29.72 25.40
N SER B 565 -20.99 -29.80 24.13
CA SER B 565 -19.86 -30.58 23.68
C SER B 565 -18.93 -29.65 22.93
N THR B 566 -18.35 -28.72 23.66
CA THR B 566 -17.40 -27.81 23.05
C THR B 566 -16.01 -28.02 23.61
N SER B 567 -15.23 -28.81 22.88
CA SER B 567 -13.80 -28.92 23.10
C SER B 567 -13.15 -27.87 22.20
N LEU B 571 -9.86 -29.19 25.15
CA LEU B 571 -9.09 -30.13 24.31
C LEU B 571 -8.14 -29.44 23.34
N THR B 572 -8.71 -28.59 22.48
CA THR B 572 -7.97 -27.95 21.40
C THR B 572 -6.85 -27.05 21.93
N GLU B 573 -7.04 -26.57 23.17
CA GLU B 573 -5.96 -25.88 23.87
C GLU B 573 -4.78 -26.84 24.09
N LYS B 574 -5.03 -27.95 24.82
CA LYS B 574 -3.94 -28.86 25.17
C LYS B 574 -3.22 -29.37 23.91
N VAL B 575 -3.93 -29.41 22.78
CA VAL B 575 -3.36 -29.92 21.51
C VAL B 575 -2.61 -28.85 20.75
N ARG B 576 -3.04 -27.60 20.96
CA ARG B 576 -2.27 -26.45 20.50
C ARG B 576 -1.01 -26.39 21.35
N ARG B 577 -1.15 -26.61 22.67
CA ARG B 577 0.00 -26.62 23.60
C ARG B 577 1.09 -27.58 23.10
N LYS B 578 0.81 -28.88 23.21
CA LYS B 578 1.70 -29.91 22.67
C LYS B 578 1.01 -30.58 21.47
N PRO B 579 1.39 -30.20 20.25
CA PRO B 579 0.73 -30.77 19.07
C PRO B 579 1.32 -32.14 18.70
N TYR B 580 2.30 -32.58 19.50
CA TYR B 580 2.97 -33.88 19.36
C TYR B 580 2.77 -34.68 20.61
N SER B 581 1.63 -35.37 20.71
CA SER B 581 1.30 -36.08 21.95
C SER B 581 0.19 -37.10 21.76
N VAL B 582 0.32 -38.22 22.45
CA VAL B 582 -0.76 -39.21 22.51
C VAL B 582 -1.99 -38.53 23.08
N VAL B 583 -3.05 -38.47 22.31
CA VAL B 583 -4.29 -37.88 22.79
C VAL B 583 -5.24 -38.99 23.24
N LEU B 584 -5.49 -39.07 24.54
CA LEU B 584 -6.19 -40.19 25.09
C LEU B 584 -7.55 -39.78 25.62
N LEU B 585 -8.62 -40.22 24.95
CA LEU B 585 -9.98 -39.93 25.41
C LEU B 585 -10.57 -41.17 26.07
N ASP B 586 -10.75 -41.10 27.38
CA ASP B 586 -11.21 -42.26 28.13
C ASP B 586 -12.73 -42.44 28.02
N ALA B 587 -13.15 -43.68 27.86
CA ALA B 587 -14.57 -43.98 27.88
C ALA B 587 -15.37 -43.10 26.90
N ILE B 588 -15.20 -43.29 25.59
CA ILE B 588 -16.01 -42.55 24.60
C ILE B 588 -17.48 -42.98 24.50
N GLU B 589 -17.85 -44.07 25.16
CA GLU B 589 -19.22 -44.54 25.10
C GLU B 589 -20.15 -43.49 25.70
N LYS B 590 -19.57 -42.57 26.47
CA LYS B 590 -20.35 -41.60 27.25
C LYS B 590 -20.69 -40.35 26.45
N ALA B 591 -19.82 -39.97 25.52
CA ALA B 591 -20.02 -38.76 24.74
C ALA B 591 -21.36 -38.65 24.03
N HIS B 592 -21.86 -37.41 23.96
CA HIS B 592 -23.03 -37.05 23.18
C HIS B 592 -22.69 -37.30 21.72
N PRO B 593 -23.56 -38.00 20.98
CA PRO B 593 -23.22 -38.30 19.58
C PRO B 593 -22.79 -37.08 18.77
N ASP B 594 -23.06 -35.88 19.29
CA ASP B 594 -22.53 -34.64 18.72
C ASP B 594 -21.02 -34.77 18.54
N VAL B 595 -20.35 -35.01 19.66
CA VAL B 595 -18.89 -35.17 19.76
C VAL B 595 -18.29 -35.94 18.61
N PHE B 596 -18.98 -37.01 18.21
CA PHE B 596 -18.47 -37.88 17.18
C PHE B 596 -18.35 -37.16 15.84
N ASN B 597 -19.28 -36.24 15.58
CA ASN B 597 -19.21 -35.41 14.39
C ASN B 597 -17.92 -34.61 14.33
N ILE B 598 -17.42 -34.28 15.51
CA ILE B 598 -16.19 -33.52 15.65
C ILE B 598 -15.00 -34.43 15.46
N LEU B 599 -14.89 -35.46 16.29
CA LEU B 599 -13.82 -36.46 16.19
C LEU B 599 -13.72 -36.96 14.77
N LEU B 600 -14.89 -37.15 14.18
CA LEU B 600 -14.98 -37.62 12.82
C LEU B 600 -14.17 -36.69 11.93
N GLN B 601 -14.39 -35.39 12.10
CA GLN B 601 -13.66 -34.40 11.33
C GLN B 601 -12.15 -34.51 11.59
N VAL B 602 -11.79 -34.88 12.80
CA VAL B 602 -10.39 -35.07 13.15
C VAL B 602 -9.79 -36.27 12.45
N LEU B 603 -10.52 -37.38 12.47
CA LEU B 603 -10.08 -38.62 11.86
C LEU B 603 -9.89 -38.45 10.36
N GLU B 604 -10.89 -37.85 9.72
CA GLU B 604 -10.82 -37.51 8.29
C GLU B 604 -9.69 -36.56 7.89
N ASP B 605 -9.68 -35.37 8.51
CA ASP B 605 -8.79 -34.30 8.11
C ASP B 605 -7.65 -34.06 9.10
N GLY B 606 -7.82 -34.52 10.33
CA GLY B 606 -6.78 -34.35 11.34
C GLY B 606 -6.59 -32.87 11.59
N ARG B 607 -7.72 -32.19 11.76
CA ARG B 607 -7.75 -30.74 11.84
C ARG B 607 -9.08 -30.27 12.38
N LEU B 608 -9.08 -29.19 13.17
CA LEU B 608 -10.31 -28.58 13.68
C LEU B 608 -10.32 -27.07 13.40
N THR B 609 -11.45 -26.39 13.51
CA THR B 609 -11.46 -25.03 12.94
C THR B 609 -12.01 -23.85 13.78
N THR B 615 -8.14 -23.00 14.68
CA THR B 615 -8.06 -24.08 13.69
C THR B 615 -6.87 -25.09 13.91
N VAL B 616 -7.05 -25.95 14.90
CA VAL B 616 -5.98 -26.81 15.46
C VAL B 616 -5.49 -27.93 14.54
N ASP B 617 -4.32 -28.48 14.84
CA ASP B 617 -3.71 -29.55 14.02
C ASP B 617 -3.35 -30.84 14.78
N PHE B 618 -3.77 -31.98 14.21
CA PHE B 618 -3.57 -33.30 14.83
C PHE B 618 -2.66 -34.24 14.05
N ARG B 619 -2.28 -33.85 12.83
CA ARG B 619 -1.50 -34.75 11.96
C ARG B 619 -0.30 -35.40 12.68
N ASN B 620 -0.01 -34.92 13.88
CA ASN B 620 1.14 -35.38 14.65
C ASN B 620 0.75 -36.07 15.95
N THR B 621 -0.56 -36.18 16.19
CA THR B 621 -1.00 -36.87 17.40
C THR B 621 -1.14 -38.36 17.15
N ILE B 622 -1.38 -39.10 18.22
CA ILE B 622 -1.72 -40.53 18.16
C ILE B 622 -2.95 -40.67 19.00
N LEU B 623 -4.10 -40.62 18.36
CA LEU B 623 -5.40 -40.65 19.03
C LEU B 623 -5.79 -42.06 19.52
N ILE B 624 -6.16 -42.15 20.79
CA ILE B 624 -6.49 -43.41 21.43
C ILE B 624 -7.72 -43.18 22.26
N MET B 625 -8.76 -43.98 22.01
CA MET B 625 -10.01 -43.78 22.68
C MET B 625 -10.38 -45.08 23.32
N THR B 626 -10.68 -45.05 24.62
CA THR B 626 -10.93 -46.27 25.34
C THR B 626 -12.41 -46.47 25.58
N SER B 627 -12.80 -47.66 26.04
CA SER B 627 -14.20 -47.96 26.21
C SER B 627 -14.45 -49.29 26.85
N ASN B 628 -15.61 -49.42 27.46
CA ASN B 628 -15.95 -50.62 28.20
C ASN B 628 -16.87 -51.50 27.38
N VAL B 629 -17.14 -51.04 26.15
CA VAL B 629 -18.07 -51.70 25.26
C VAL B 629 -17.88 -53.22 25.12
N GLY B 630 -16.64 -53.68 25.04
CA GLY B 630 -16.42 -55.10 25.10
C GLY B 630 -16.57 -55.63 26.52
N ALA B 631 -15.64 -55.22 27.37
CA ALA B 631 -15.62 -55.50 28.78
C ALA B 631 -16.25 -56.82 29.21
N SER B 632 -17.52 -56.74 29.60
CA SER B 632 -18.27 -57.88 30.13
C SER B 632 -17.85 -59.16 29.42
N GLU B 633 -17.81 -59.10 28.10
CA GLU B 633 -17.28 -60.20 27.30
C GLU B 633 -15.84 -60.55 27.65
N LYS B 634 -13.64 -62.34 20.41
CA LYS B 634 -13.30 -61.18 19.59
C LYS B 634 -14.47 -60.85 18.67
N ASP B 635 -15.37 -61.81 18.51
CA ASP B 635 -16.52 -61.65 17.61
C ASP B 635 -17.74 -61.13 18.32
N LYS B 636 -18.03 -61.66 19.51
CA LYS B 636 -19.21 -61.21 20.26
C LYS B 636 -19.00 -59.76 20.59
N VAL B 637 -17.73 -59.39 20.66
CA VAL B 637 -17.31 -58.03 21.02
C VAL B 637 -17.44 -57.02 19.89
N MET B 638 -16.67 -57.23 18.82
CA MET B 638 -16.80 -56.40 17.65
C MET B 638 -18.27 -56.17 17.30
N GLY B 639 -19.16 -56.94 17.90
CA GLY B 639 -20.58 -56.82 17.66
C GLY B 639 -21.19 -55.74 18.52
N GLU B 640 -20.94 -55.81 19.83
CA GLU B 640 -21.45 -54.79 20.75
C GLU B 640 -20.92 -53.42 20.35
N LEU B 641 -19.74 -53.39 19.72
CA LEU B 641 -19.16 -52.16 19.19
C LEU B 641 -19.94 -51.57 18.00
N LYS B 642 -20.22 -52.36 16.96
CA LYS B 642 -20.99 -51.88 15.80
C LYS B 642 -22.36 -51.34 16.23
N ARG B 643 -22.87 -51.83 17.36
CA ARG B 643 -24.20 -51.46 17.86
C ARG B 643 -24.15 -50.22 18.75
N ALA B 644 -22.99 -49.96 19.33
CA ALA B 644 -22.79 -48.80 20.22
C ALA B 644 -22.29 -47.53 19.51
N PHE B 645 -21.54 -47.69 18.43
CA PHE B 645 -21.03 -46.54 17.68
C PHE B 645 -21.50 -46.48 16.24
N ARG B 646 -21.92 -45.28 15.85
CA ARG B 646 -22.21 -44.97 14.46
C ARG B 646 -21.10 -45.56 13.61
N PRO B 647 -21.48 -46.21 12.51
CA PRO B 647 -20.51 -46.90 11.64
C PRO B 647 -19.59 -45.95 10.90
N GLU B 648 -20.14 -44.83 10.42
CA GLU B 648 -19.34 -43.81 9.74
C GLU B 648 -18.05 -43.58 10.53
N PHE B 649 -18.17 -43.67 11.84
CA PHE B 649 -17.09 -43.38 12.80
C PHE B 649 -16.12 -44.56 12.95
N ILE B 650 -16.63 -45.70 13.38
CA ILE B 650 -15.85 -46.92 13.53
C ILE B 650 -14.96 -47.22 12.31
N ASN B 651 -15.40 -46.73 11.16
CA ASN B 651 -14.78 -47.11 9.89
C ASN B 651 -13.62 -46.21 9.54
N ARG B 652 -13.55 -45.05 10.19
CA ARG B 652 -12.46 -44.12 9.92
C ARG B 652 -11.36 -44.25 10.97
N ILE B 653 -11.52 -45.22 11.87
CA ILE B 653 -10.52 -45.49 12.89
C ILE B 653 -9.49 -46.48 12.34
N ASP B 654 -8.22 -46.13 12.43
CA ASP B 654 -7.17 -46.97 11.89
C ASP B 654 -7.28 -48.44 12.31
N GLU B 655 -7.57 -48.70 13.59
CA GLU B 655 -7.54 -50.07 14.13
C GLU B 655 -8.24 -50.26 15.49
N ILE B 656 -8.95 -51.37 15.63
CA ILE B 656 -9.62 -51.69 16.88
C ILE B 656 -8.80 -52.67 17.71
N ILE B 657 -8.30 -52.20 18.84
CA ILE B 657 -7.37 -52.96 19.65
C ILE B 657 -8.11 -53.61 20.82
N VAL B 658 -7.86 -54.91 21.05
CA VAL B 658 -8.53 -55.61 22.14
C VAL B 658 -7.59 -56.00 23.26
N PHE B 659 -7.99 -55.64 24.47
CA PHE B 659 -7.21 -55.88 25.65
C PHE B 659 -7.85 -57.05 26.40
N HIS B 660 -7.15 -58.17 26.45
CA HIS B 660 -7.63 -59.32 27.22
C HIS B 660 -7.37 -59.03 28.70
N GLU B 663 -4.36 -62.69 35.08
CA GLU B 663 -3.74 -63.90 35.54
C GLU B 663 -2.76 -63.59 36.68
N LYS B 664 -2.60 -64.54 37.59
CA LYS B 664 -1.62 -64.41 38.65
C LYS B 664 -0.38 -63.69 38.13
N LYS B 665 0.13 -64.15 37.00
CA LYS B 665 1.43 -63.73 36.49
C LYS B 665 1.41 -62.28 36.05
N HIS B 666 0.21 -61.75 35.82
CA HIS B 666 0.02 -60.38 35.42
C HIS B 666 0.03 -59.53 36.67
N LEU B 667 -0.68 -59.96 37.71
CA LEU B 667 -0.63 -59.27 38.99
C LEU B 667 0.82 -59.05 39.35
N THR B 668 1.55 -60.14 39.54
CA THR B 668 2.94 -60.01 39.92
C THR B 668 3.76 -59.24 38.89
N GLU B 669 3.32 -59.17 37.65
CA GLU B 669 4.04 -58.34 36.69
C GLU B 669 3.79 -56.88 37.04
N ILE B 670 2.59 -56.58 37.52
CA ILE B 670 2.20 -55.25 37.97
C ILE B 670 2.95 -54.84 39.25
N VAL B 671 2.76 -55.61 40.32
CA VAL B 671 3.52 -55.42 41.54
C VAL B 671 4.94 -55.03 41.22
N SER B 672 5.51 -55.60 40.17
CA SER B 672 6.90 -55.35 39.85
C SER B 672 7.07 -53.98 39.26
N LEU B 673 6.19 -53.62 38.33
CA LEU B 673 6.19 -52.29 37.73
C LEU B 673 6.16 -51.23 38.83
N MET B 674 5.16 -51.36 39.69
CA MET B 674 4.98 -50.49 40.84
C MET B 674 6.22 -50.52 41.71
N SER B 675 6.64 -51.68 42.14
CA SER B 675 7.83 -51.82 42.96
C SER B 675 9.06 -51.18 42.33
N ASP B 676 9.13 -51.15 41.01
CA ASP B 676 10.31 -50.58 40.37
C ASP B 676 10.26 -49.06 40.40
N GLN B 677 9.08 -48.50 40.15
CA GLN B 677 8.89 -47.07 40.28
C GLN B 677 9.36 -46.61 41.65
N LEU B 678 9.16 -47.46 42.64
CA LEU B 678 9.50 -47.17 44.03
C LEU B 678 11.00 -47.24 44.19
N THR B 679 11.57 -48.42 43.99
CA THR B 679 13.01 -48.61 44.21
C THR B 679 13.87 -47.54 43.52
N LYS B 680 13.32 -46.89 42.50
CA LYS B 680 13.99 -45.77 41.81
C LYS B 680 13.89 -44.48 42.60
N ARG B 681 12.67 -44.17 43.03
CA ARG B 681 12.45 -42.95 43.79
C ARG B 681 13.10 -42.99 45.18
N LEU B 682 13.54 -44.18 45.61
CA LEU B 682 14.26 -44.31 46.88
C LEU B 682 15.74 -44.16 46.63
N LYS B 683 16.23 -44.70 45.52
CA LYS B 683 17.64 -44.56 45.19
C LYS B 683 18.04 -43.10 45.23
N GLU B 684 17.10 -42.24 44.86
CA GLU B 684 17.30 -40.80 44.93
C GLU B 684 17.54 -40.35 46.38
N GLN B 685 16.80 -40.94 47.32
CA GLN B 685 16.96 -40.66 48.75
C GLN B 685 17.97 -41.62 49.39
N ASP B 686 19.00 -41.96 48.63
CA ASP B 686 20.11 -42.79 49.09
C ASP B 686 19.67 -44.13 49.68
N LEU B 687 18.47 -44.56 49.30
CA LEU B 687 17.95 -45.84 49.74
C LEU B 687 17.97 -46.87 48.61
N SER B 688 18.69 -47.96 48.85
CA SER B 688 18.78 -49.02 47.87
C SER B 688 17.94 -50.23 48.27
N ILE B 689 16.84 -50.44 47.55
CA ILE B 689 16.04 -51.62 47.85
C ILE B 689 15.81 -52.50 46.62
N GLU B 690 15.49 -53.76 46.90
CA GLU B 690 15.22 -54.77 45.88
C GLU B 690 14.18 -55.75 46.43
N LEU B 691 13.18 -56.07 45.63
CA LEU B 691 12.32 -57.20 45.95
C LEU B 691 12.71 -58.46 45.15
N THR B 692 12.74 -59.58 45.86
CA THR B 692 12.93 -60.87 45.22
C THR B 692 11.66 -61.22 44.49
N ASP B 693 11.77 -62.05 43.46
CA ASP B 693 10.59 -62.46 42.73
C ASP B 693 9.61 -63.16 43.68
N ALA B 694 10.17 -63.82 44.69
CA ALA B 694 9.36 -64.50 45.70
C ALA B 694 8.46 -63.51 46.44
N ALA B 695 8.96 -62.29 46.65
CA ALA B 695 8.26 -61.26 47.43
C ALA B 695 7.15 -60.61 46.63
N LYS B 696 7.42 -60.35 45.34
CA LYS B 696 6.42 -59.73 44.48
C LYS B 696 5.25 -60.68 44.31
N ALA B 697 5.55 -61.97 44.34
CA ALA B 697 4.50 -62.98 44.31
C ALA B 697 3.59 -62.77 45.51
N LYS B 698 4.19 -62.73 46.70
CA LYS B 698 3.39 -62.58 47.91
C LYS B 698 2.59 -61.29 48.00
N VAL B 699 3.09 -60.23 47.41
CA VAL B 699 2.29 -59.00 47.36
C VAL B 699 1.11 -59.26 46.44
N ALA B 700 1.39 -59.86 45.27
CA ALA B 700 0.37 -60.04 44.24
C ALA B 700 -0.81 -60.85 44.76
N GLU B 701 -0.57 -61.72 45.73
CA GLU B 701 -1.64 -62.56 46.29
C GLU B 701 -2.81 -61.72 46.70
N GLU B 702 -2.56 -60.40 46.82
CA GLU B 702 -3.45 -59.48 47.51
C GLU B 702 -4.34 -58.77 46.50
N GLY B 703 -4.32 -59.26 45.27
CA GLY B 703 -5.19 -58.72 44.24
C GLY B 703 -5.70 -59.83 43.36
N VAL B 704 -6.13 -60.90 44.00
CA VAL B 704 -6.59 -62.06 43.27
C VAL B 704 -8.10 -62.00 43.23
N ASP B 705 -8.71 -61.81 44.38
CA ASP B 705 -10.15 -61.67 44.49
C ASP B 705 -10.72 -60.90 43.30
N LEU B 706 -11.36 -61.63 42.39
CA LEU B 706 -11.86 -61.08 41.12
C LEU B 706 -12.68 -59.82 41.36
N GLU B 707 -13.25 -59.74 42.55
CA GLU B 707 -14.17 -58.67 42.89
C GLU B 707 -13.54 -57.29 42.88
N TYR B 708 -12.32 -57.18 43.42
CA TYR B 708 -11.68 -55.89 43.55
C TYR B 708 -10.53 -55.74 42.57
N GLY B 709 -10.10 -56.84 41.98
CA GLY B 709 -9.14 -56.67 40.92
C GLY B 709 -7.76 -56.40 41.45
N ALA B 710 -7.05 -55.49 40.79
CA ALA B 710 -5.66 -55.22 41.11
C ALA B 710 -5.47 -53.87 41.80
N ARG B 711 -6.56 -53.24 42.23
CA ARG B 711 -6.50 -51.98 43.00
C ARG B 711 -5.58 -52.11 44.22
N PRO B 712 -5.88 -53.09 45.08
CA PRO B 712 -5.23 -53.31 46.37
C PRO B 712 -3.71 -53.31 46.34
N LEU B 713 -3.11 -53.43 45.18
CA LEU B 713 -1.68 -53.68 45.12
C LEU B 713 -0.88 -52.48 45.55
N ARG B 714 -1.31 -51.28 45.14
CA ARG B 714 -0.59 -50.06 45.51
C ARG B 714 -0.50 -49.95 47.01
N ARG B 715 -1.67 -49.94 47.65
CA ARG B 715 -1.74 -49.94 49.11
C ARG B 715 -0.91 -51.05 49.79
N ALA B 716 -1.07 -52.28 49.32
CA ALA B 716 -0.41 -53.43 49.92
C ALA B 716 1.10 -53.37 49.69
N ILE B 717 1.54 -52.69 48.66
CA ILE B 717 2.96 -52.43 48.50
C ILE B 717 3.50 -51.46 49.55
N GLN B 718 2.77 -50.37 49.79
CA GLN B 718 3.18 -49.41 50.82
C GLN B 718 3.15 -50.05 52.21
N LYS B 719 2.16 -50.89 52.47
CA LYS B 719 2.07 -51.59 53.74
C LYS B 719 3.19 -52.62 53.96
N HIS B 720 3.48 -53.46 52.98
CA HIS B 720 4.38 -54.59 53.20
C HIS B 720 5.81 -54.21 52.91
N VAL B 721 5.96 -53.13 52.17
CA VAL B 721 7.29 -52.60 51.80
C VAL B 721 7.61 -51.26 52.48
N GLU B 722 6.88 -50.20 52.12
CA GLU B 722 7.12 -48.89 52.72
C GLU B 722 7.02 -48.94 54.26
N ASP B 723 5.80 -49.02 54.79
CA ASP B 723 5.60 -49.17 56.24
C ASP B 723 6.64 -50.05 56.94
N ARG B 724 6.93 -51.22 56.37
CA ARG B 724 7.84 -52.17 57.00
C ARG B 724 9.29 -51.71 57.00
N LEU B 725 9.77 -51.23 55.86
CA LEU B 725 11.11 -50.66 55.81
C LEU B 725 11.30 -49.50 56.80
N SER B 726 10.32 -48.59 56.90
CA SER B 726 10.39 -47.53 57.91
C SER B 726 10.57 -48.13 59.30
N GLU B 727 9.52 -48.76 59.81
CA GLU B 727 9.59 -49.49 61.08
C GLU B 727 10.91 -50.25 61.23
N GLU B 728 11.52 -50.64 60.14
CA GLU B 728 12.73 -51.44 60.24
C GLU B 728 13.95 -50.54 60.33
N LEU B 729 13.92 -49.44 59.59
CA LEU B 729 15.00 -48.44 59.66
C LEU B 729 15.01 -47.73 61.02
N LEU B 730 13.82 -47.33 61.47
CA LEU B 730 13.66 -46.64 62.74
C LEU B 730 14.08 -47.53 63.90
N ARG B 731 13.56 -48.76 63.97
CA ARG B 731 13.96 -49.70 65.03
C ARG B 731 15.48 -49.99 65.01
N GLY B 732 16.17 -49.50 63.97
CA GLY B 732 17.63 -49.53 63.94
C GLY B 732 18.25 -50.81 63.40
N ASN B 733 17.47 -51.54 62.61
CA ASN B 733 17.91 -52.83 62.08
C ASN B 733 18.56 -52.71 60.70
N ILE B 734 18.38 -51.57 60.04
CA ILE B 734 18.95 -51.41 58.69
C ILE B 734 19.66 -50.09 58.48
N HIS B 735 20.97 -50.17 58.54
CA HIS B 735 21.80 -49.00 58.54
C HIS B 735 21.84 -48.47 57.09
N LYS B 736 20.82 -47.67 56.78
CA LYS B 736 20.57 -47.08 55.45
C LYS B 736 21.79 -46.82 54.56
N GLY B 737 21.69 -47.16 53.28
CA GLY B 737 22.82 -46.97 52.40
C GLY B 737 23.63 -48.24 52.38
N GLN B 738 23.14 -49.26 53.08
CA GLN B 738 23.49 -50.64 52.78
C GLN B 738 22.41 -51.12 51.81
N HIS B 739 22.57 -52.33 51.25
CA HIS B 739 21.60 -52.84 50.28
C HIS B 739 20.53 -53.70 50.95
N ILE B 740 19.28 -53.35 50.68
CA ILE B 740 18.17 -53.88 51.45
C ILE B 740 17.26 -54.70 50.56
N VAL B 741 17.12 -55.98 50.89
CA VAL B 741 16.30 -56.89 50.11
C VAL B 741 15.09 -57.38 50.89
N LEU B 742 13.95 -57.41 50.21
CA LEU B 742 12.71 -57.93 50.78
C LEU B 742 12.45 -59.28 50.14
N ASP B 743 12.37 -60.31 50.97
CA ASP B 743 12.24 -61.68 50.52
C ASP B 743 11.16 -62.33 51.35
N VAL B 744 10.71 -63.51 50.92
CA VAL B 744 9.80 -64.32 51.70
C VAL B 744 10.57 -65.53 52.23
N GLU B 745 10.36 -65.90 53.49
CA GLU B 745 11.07 -67.04 54.06
C GLU B 745 10.11 -68.21 54.25
N ASP B 746 9.60 -68.38 55.45
CA ASP B 746 8.68 -69.47 55.69
C ASP B 746 7.27 -69.01 55.39
N GLY B 747 7.05 -68.60 54.14
CA GLY B 747 5.79 -68.00 53.73
C GLY B 747 5.52 -66.65 54.39
N GLU B 748 6.56 -66.09 55.01
CA GLU B 748 6.45 -64.80 55.66
C GLU B 748 7.50 -63.85 55.12
N PHE B 749 7.24 -62.54 55.23
CA PHE B 749 8.17 -61.53 54.74
C PHE B 749 9.39 -61.44 55.63
N VAL B 750 10.55 -61.27 54.99
CA VAL B 750 11.80 -61.14 55.71
C VAL B 750 12.68 -60.05 55.07
N VAL B 751 13.42 -59.30 55.90
CA VAL B 751 14.30 -58.27 55.39
C VAL B 751 15.77 -58.66 55.55
N LYS B 752 16.58 -58.47 54.51
CA LYS B 752 17.97 -58.94 54.51
C LYS B 752 18.92 -57.84 54.02
N THR B 753 20.16 -57.93 54.45
CA THR B 753 21.16 -56.91 54.15
C THR B 753 22.42 -57.50 53.48
N THR B 754 22.95 -56.81 52.49
CA THR B 754 24.11 -57.31 51.72
C THR B 754 25.01 -56.22 51.14
N ALA B 755 25.00 -55.04 51.77
CA ALA B 755 25.80 -53.88 51.33
C ALA B 755 26.51 -54.07 49.99
N GLN C 18 53.65 25.68 -11.79
CA GLN C 18 52.55 24.77 -12.12
C GLN C 18 53.05 23.34 -12.15
N LYS C 19 52.21 22.43 -11.65
CA LYS C 19 52.59 21.04 -11.50
C LYS C 19 52.67 20.33 -12.84
N LEU C 20 53.56 19.36 -12.93
CA LEU C 20 53.86 18.69 -14.17
C LEU C 20 53.85 17.18 -14.00
N GLN C 21 53.04 16.67 -13.08
CA GLN C 21 52.87 15.24 -12.92
C GLN C 21 51.47 14.90 -12.40
N PHE C 22 50.76 13.99 -13.07
CA PHE C 22 49.35 13.66 -12.76
C PHE C 22 48.98 12.15 -12.69
N VAL C 23 47.88 11.84 -12.00
CA VAL C 23 47.46 10.48 -11.74
C VAL C 23 46.02 10.36 -12.17
N LEU C 24 45.76 9.51 -13.14
CA LEU C 24 44.41 9.42 -13.69
C LEU C 24 43.83 8.03 -13.52
N ARG C 25 42.51 7.94 -13.35
CA ARG C 25 41.82 6.67 -13.17
C ARG C 25 40.91 6.35 -14.36
N PHE C 26 41.02 5.14 -14.88
CA PHE C 26 40.20 4.70 -15.98
C PHE C 26 39.16 3.77 -15.41
N GLY C 27 37.96 3.81 -15.96
CA GLY C 27 36.88 2.99 -15.44
C GLY C 27 37.08 1.53 -15.81
N ASP C 28 37.37 1.30 -17.08
CA ASP C 28 37.65 -0.05 -17.52
C ASP C 28 38.97 -0.01 -18.25
N PHE C 29 39.65 -1.14 -18.27
CA PHE C 29 40.99 -1.20 -18.84
C PHE C 29 41.04 -0.82 -20.30
N GLU C 30 40.05 -1.24 -21.06
CA GLU C 30 40.11 -0.97 -22.48
C GLU C 30 40.26 0.52 -22.73
N ASP C 31 39.78 1.34 -21.79
CA ASP C 31 39.91 2.77 -21.93
C ASP C 31 41.40 3.08 -22.07
N VAL C 32 42.23 2.29 -21.41
CA VAL C 32 43.67 2.55 -21.43
C VAL C 32 44.28 2.18 -22.78
N ILE C 33 43.92 1.00 -23.31
CA ILE C 33 44.38 0.58 -24.62
C ILE C 33 44.15 1.73 -25.60
N SER C 34 42.92 2.24 -25.60
CA SER C 34 42.50 3.33 -26.48
C SER C 34 43.48 4.49 -26.41
N LEU C 35 43.70 4.99 -25.21
CA LEU C 35 44.65 6.07 -25.00
C LEU C 35 45.97 5.74 -25.64
N SER C 36 46.36 4.46 -25.60
CA SER C 36 47.67 4.03 -26.03
C SER C 36 47.81 4.29 -27.52
N LYS C 37 46.71 4.10 -28.23
CA LYS C 37 46.73 4.17 -29.68
C LYS C 37 47.04 5.54 -30.25
N LEU C 38 47.73 6.39 -29.51
CA LEU C 38 48.07 7.73 -29.99
C LEU C 38 49.56 8.08 -29.87
N ASN C 39 49.86 9.30 -29.43
CA ASN C 39 51.23 9.73 -29.19
C ASN C 39 51.47 10.21 -27.75
N VAL C 40 52.31 9.47 -27.02
CA VAL C 40 52.66 9.82 -25.63
C VAL C 40 53.44 11.13 -25.60
N ASN C 41 54.59 11.12 -26.26
CA ASN C 41 55.35 12.33 -26.57
C ASN C 41 56.00 13.05 -25.39
N GLY C 42 57.31 12.85 -25.26
CA GLY C 42 58.08 13.49 -24.22
C GLY C 42 57.44 13.22 -22.88
N SER C 43 56.70 12.12 -22.81
CA SER C 43 55.91 11.82 -21.64
C SER C 43 56.26 10.47 -21.03
N LYS C 44 57.01 10.51 -19.92
CA LYS C 44 57.23 9.32 -19.14
C LYS C 44 55.88 9.00 -18.51
N THR C 45 55.56 7.74 -18.35
CA THR C 45 54.26 7.33 -17.82
C THR C 45 54.27 5.92 -17.21
N THR C 46 53.55 5.72 -16.11
CA THR C 46 53.57 4.45 -15.37
C THR C 46 52.17 4.03 -14.92
N LEU C 47 51.86 2.73 -14.97
CA LEU C 47 50.49 2.25 -14.78
C LEU C 47 50.23 1.24 -13.67
N TYR C 48 49.36 1.62 -12.73
CA TYR C 48 49.03 0.81 -11.56
C TYR C 48 47.62 0.20 -11.63
N SER C 49 47.37 -0.81 -10.81
CA SER C 49 46.07 -1.43 -10.68
C SER C 49 45.70 -1.38 -9.21
N PHE C 50 44.50 -0.87 -8.93
CA PHE C 50 44.11 -0.52 -7.55
C PHE C 50 42.59 -0.34 -7.41
N GLU C 51 41.99 -1.02 -6.43
CA GLU C 51 40.52 -1.00 -6.29
C GLU C 51 39.84 -1.47 -7.56
N ASN C 52 40.46 -2.45 -8.21
CA ASN C 52 39.95 -3.02 -9.46
C ASN C 52 40.00 -2.06 -10.64
N ARG C 53 39.99 -0.75 -10.37
CA ARG C 53 40.13 0.24 -11.42
C ARG C 53 41.61 0.50 -11.70
N TYR C 54 41.98 0.86 -12.94
CA TYR C 54 43.39 1.12 -13.28
C TYR C 54 43.74 2.59 -13.27
N TYR C 55 44.73 2.98 -12.47
CA TYR C 55 45.20 4.36 -12.39
C TYR C 55 46.42 4.46 -13.33
N LEU C 56 46.69 5.63 -13.89
CA LEU C 56 47.87 5.81 -14.75
C LEU C 56 48.59 7.11 -14.39
N TYR C 57 49.91 7.04 -14.19
CA TYR C 57 50.70 8.16 -13.68
C TYR C 57 51.67 8.81 -14.68
N VAL C 58 51.34 10.04 -15.07
CA VAL C 58 51.98 10.79 -16.15
C VAL C 58 52.98 11.79 -15.63
N ASP C 59 54.11 11.95 -16.30
CA ASP C 59 55.17 12.85 -15.85
C ASP C 59 55.80 13.58 -17.02
N PHE C 60 55.41 14.83 -17.19
CA PHE C 60 55.98 15.63 -18.24
C PHE C 60 57.29 16.24 -17.73
N CYS C 61 58.34 15.99 -18.46
CA CYS C 61 59.56 16.69 -18.20
C CYS C 61 59.50 17.98 -19.01
N ASN C 62 59.74 19.13 -18.36
CA ASN C 62 59.88 20.37 -19.10
C ASN C 62 58.89 20.52 -20.26
N MET C 63 57.81 21.24 -19.99
CA MET C 63 56.91 21.68 -21.03
C MET C 63 56.34 22.98 -20.57
N THR C 64 55.98 23.85 -21.50
CA THR C 64 55.37 25.11 -21.13
C THR C 64 54.06 24.78 -20.47
N ASP C 65 53.62 25.62 -19.54
CA ASP C 65 52.34 25.40 -18.90
C ASP C 65 51.27 25.29 -19.97
N GLU C 66 51.29 26.19 -20.93
CA GLU C 66 50.31 26.14 -22.02
C GLU C 66 50.37 24.77 -22.67
N GLU C 67 51.58 24.28 -22.87
CA GLU C 67 51.77 23.00 -23.56
C GLU C 67 51.25 21.83 -22.75
N VAL C 68 51.22 21.95 -21.44
CA VAL C 68 50.77 20.83 -20.63
C VAL C 68 49.28 20.90 -20.41
N GLU C 69 48.76 22.06 -20.01
CA GLU C 69 47.32 22.17 -19.84
C GLU C 69 46.72 21.64 -21.12
N ASN C 70 47.37 21.95 -22.24
CA ASN C 70 46.98 21.38 -23.52
C ASN C 70 46.94 19.87 -23.46
N GLN C 71 48.11 19.25 -23.50
CA GLN C 71 48.20 17.81 -23.56
C GLN C 71 47.20 17.14 -22.63
N LEU C 72 47.19 17.55 -21.36
CA LEU C 72 46.36 16.89 -20.36
C LEU C 72 44.91 16.84 -20.78
N SER C 73 44.51 17.81 -21.59
CA SER C 73 43.16 17.81 -22.11
C SER C 73 42.89 16.45 -22.71
N ILE C 74 43.69 16.09 -23.70
CA ILE C 74 43.50 14.82 -24.40
C ILE C 74 43.27 13.69 -23.42
N LEU C 75 44.19 13.54 -22.48
CA LEU C 75 44.15 12.42 -21.56
C LEU C 75 42.78 12.24 -20.98
N LEU C 76 42.17 13.32 -20.56
CA LEU C 76 40.93 13.16 -19.86
C LEU C 76 39.74 13.00 -20.79
N GLU C 77 39.98 12.81 -22.10
CA GLU C 77 38.93 12.32 -23.00
C GLU C 77 38.77 10.84 -22.68
N TYR C 78 39.86 10.25 -22.18
CA TYR C 78 39.93 8.82 -21.93
C TYR C 78 39.97 8.46 -20.43
N ALA C 79 40.28 9.44 -19.59
CA ALA C 79 40.20 9.28 -18.13
C ALA C 79 39.51 10.42 -17.36
N THR C 80 39.62 10.34 -16.04
CA THR C 80 39.35 11.45 -15.14
C THR C 80 40.62 11.59 -14.26
N GLU C 81 40.76 12.69 -13.51
CA GLU C 81 41.94 12.94 -12.68
C GLU C 81 41.71 12.60 -11.20
N SER C 82 42.39 11.58 -10.67
CA SER C 82 42.06 11.14 -9.30
C SER C 82 42.76 11.89 -8.19
N SER C 83 41.99 12.20 -7.17
CA SER C 83 42.45 12.96 -6.03
C SER C 83 43.49 12.14 -5.29
N ILE C 84 43.78 10.96 -5.81
CA ILE C 84 44.62 9.99 -5.09
C ILE C 84 46.08 10.39 -4.87
N SER C 85 46.48 10.38 -3.60
CA SER C 85 47.87 10.66 -3.29
C SER C 85 48.75 9.70 -4.06
N ILE C 86 49.62 10.23 -4.89
CA ILE C 86 50.42 9.35 -5.72
C ILE C 86 51.29 8.35 -4.97
N HIS C 87 51.68 8.65 -3.72
CA HIS C 87 52.56 7.74 -2.94
C HIS C 87 51.78 6.59 -2.33
N ARG C 88 50.45 6.70 -2.32
CA ARG C 88 49.59 5.60 -1.89
C ARG C 88 49.78 4.46 -2.86
N LEU C 89 49.76 4.78 -4.14
CA LEU C 89 50.08 3.80 -5.18
C LEU C 89 51.51 3.26 -5.03
N GLU C 90 52.52 4.13 -5.07
CA GLU C 90 53.91 3.67 -5.02
C GLU C 90 54.10 2.67 -3.91
N GLU C 91 53.41 2.86 -2.79
CA GLU C 91 53.41 1.86 -1.72
C GLU C 91 52.35 0.78 -1.98
N TYR C 92 51.10 1.09 -1.63
CA TYR C 92 50.01 0.10 -1.61
C TYR C 92 49.27 -0.21 -2.96
N GLY C 93 49.84 0.13 -4.11
CA GLY C 93 49.20 -0.22 -5.37
C GLY C 93 49.53 -1.61 -5.91
N LYS C 94 49.53 -1.74 -7.24
CA LYS C 94 50.04 -2.92 -7.96
C LYS C 94 50.63 -2.47 -9.27
N LEU C 95 51.95 -2.47 -9.38
CA LEU C 95 52.62 -2.00 -10.59
C LEU C 95 52.28 -2.91 -11.73
N ILE C 96 52.17 -2.35 -12.92
CA ILE C 96 51.94 -3.16 -14.12
C ILE C 96 52.93 -2.84 -15.24
N ILE C 97 53.16 -1.55 -15.50
CA ILE C 97 54.16 -1.13 -16.47
C ILE C 97 54.87 0.17 -16.04
N SER C 98 56.20 0.23 -16.12
CA SER C 98 56.96 1.39 -15.63
C SER C 98 57.36 2.32 -16.75
N GLU C 99 57.48 3.60 -16.40
CA GLU C 99 58.07 4.61 -17.27
C GLU C 99 57.47 4.73 -18.69
N HIS C 100 57.37 3.62 -19.39
CA HIS C 100 56.82 3.61 -20.75
C HIS C 100 55.52 2.84 -20.76
N ALA C 101 54.57 3.25 -19.91
CA ALA C 101 53.33 2.51 -19.70
C ALA C 101 52.41 2.54 -20.90
N LEU C 102 52.31 3.68 -21.53
CA LEU C 102 51.44 3.73 -22.68
C LEU C 102 52.05 2.88 -23.73
N GLU C 103 53.25 3.26 -24.12
CA GLU C 103 53.96 2.62 -25.19
C GLU C 103 53.79 1.10 -25.21
N THR C 104 53.88 0.45 -24.05
CA THR C 104 53.82 -1.01 -23.98
C THR C 104 52.45 -1.55 -24.36
N ILE C 105 51.38 -0.87 -23.97
CA ILE C 105 50.06 -1.39 -24.28
C ILE C 105 49.81 -1.33 -25.77
N LYS C 106 50.35 -0.31 -26.42
CA LYS C 106 50.19 -0.15 -27.86
C LYS C 106 50.82 -1.35 -28.56
N LYS C 107 51.94 -1.82 -28.06
CA LYS C 107 52.58 -3.00 -28.61
C LYS C 107 51.63 -4.17 -28.62
N HIS C 108 51.23 -4.64 -27.44
CA HIS C 108 50.48 -5.90 -27.34
C HIS C 108 48.98 -5.80 -27.64
N PHE C 109 48.50 -4.68 -28.13
CA PHE C 109 47.06 -4.52 -28.25
C PHE C 109 46.47 -3.83 -29.51
N ALA C 110 47.12 -2.79 -30.03
CA ALA C 110 46.68 -2.18 -31.27
C ALA C 110 46.98 -3.12 -32.46
N SER C 111 45.99 -3.93 -32.83
CA SER C 111 46.16 -4.89 -33.90
C SER C 111 47.22 -5.92 -33.53
N PHE D 3 23.03 6.85 -28.34
CA PHE D 3 22.55 6.18 -27.14
C PHE D 3 21.04 6.31 -26.99
N GLY D 4 20.38 6.67 -28.09
CA GLY D 4 18.94 6.85 -28.11
C GLY D 4 18.46 7.46 -29.41
N ARG D 5 17.66 8.52 -29.31
CA ARG D 5 17.21 9.28 -30.48
C ARG D 5 17.14 10.80 -30.23
N PHE D 6 17.75 11.54 -31.15
CA PHE D 6 17.83 12.98 -31.05
C PHE D 6 17.31 13.56 -32.36
N THR D 7 17.49 14.85 -32.59
CA THR D 7 17.11 15.44 -33.87
C THR D 7 17.99 14.86 -34.96
N GLU D 8 17.65 15.16 -36.22
CA GLU D 8 18.62 14.97 -37.27
C GLU D 8 19.84 15.73 -36.75
N ARG D 9 19.65 17.03 -36.57
CA ARG D 9 20.71 17.94 -36.13
C ARG D 9 21.62 17.37 -35.05
N ALA D 10 21.02 16.78 -34.01
CA ALA D 10 21.81 16.02 -33.06
C ALA D 10 22.49 14.90 -33.82
N GLN D 11 21.76 13.85 -34.19
CA GLN D 11 22.35 12.71 -34.91
C GLN D 11 23.41 13.08 -35.94
N LYS D 12 23.17 14.11 -36.75
CA LYS D 12 24.17 14.53 -37.72
C LYS D 12 25.40 15.06 -37.02
N VAL D 13 25.20 15.93 -36.04
CA VAL D 13 26.33 16.49 -35.34
C VAL D 13 27.16 15.41 -34.68
N LEU D 14 26.51 14.33 -34.24
CA LEU D 14 27.24 13.25 -33.53
C LEU D 14 28.09 12.45 -34.49
N ALA D 15 27.47 11.98 -35.56
CA ALA D 15 28.21 11.24 -36.55
C ALA D 15 29.28 12.17 -37.06
N LEU D 16 28.98 13.46 -37.05
CA LEU D 16 29.90 14.48 -37.55
C LEU D 16 31.14 14.58 -36.67
N ALA D 17 31.01 14.20 -35.42
CA ALA D 17 32.19 14.11 -34.58
C ALA D 17 33.11 13.07 -35.22
N GLN D 18 32.56 11.90 -35.55
CA GLN D 18 33.35 10.85 -36.19
C GLN D 18 34.01 11.32 -37.47
N GLU D 19 33.27 12.03 -38.31
CA GLU D 19 33.83 12.55 -39.53
C GLU D 19 35.12 13.22 -39.12
N GLU D 20 35.06 13.99 -38.04
CA GLU D 20 36.22 14.62 -37.49
C GLU D 20 37.13 13.64 -36.73
N ALA D 21 36.57 12.57 -36.19
CA ALA D 21 37.41 11.58 -35.54
C ALA D 21 38.57 11.31 -36.45
N LEU D 22 38.23 10.96 -37.67
CA LEU D 22 39.21 10.48 -38.62
C LEU D 22 39.96 11.59 -39.33
N ARG D 23 39.27 12.66 -39.71
CA ARG D 23 39.91 13.73 -40.48
C ARG D 23 41.24 14.17 -39.86
N LEU D 24 41.48 13.73 -38.63
CA LEU D 24 42.73 14.04 -37.95
C LEU D 24 43.48 12.75 -37.58
N GLY D 25 42.78 11.64 -37.71
CA GLY D 25 43.41 10.33 -37.62
C GLY D 25 43.39 9.71 -36.24
N HIS D 26 42.89 10.45 -35.28
CA HIS D 26 42.83 9.94 -33.92
C HIS D 26 41.97 8.70 -33.90
N ASN D 27 41.89 8.07 -32.74
CA ASN D 27 41.30 6.73 -32.64
C ASN D 27 40.12 6.65 -31.68
N ASN D 28 40.05 7.58 -30.75
CA ASN D 28 38.87 7.67 -29.93
C ASN D 28 38.29 9.07 -30.12
N ILE D 29 36.96 9.18 -30.30
CA ILE D 29 36.32 10.51 -30.35
C ILE D 29 35.92 11.03 -28.99
N GLY D 30 36.64 12.04 -28.54
CA GLY D 30 36.48 12.55 -27.20
C GLY D 30 35.53 13.70 -27.20
N THR D 31 35.47 14.42 -26.10
CA THR D 31 34.63 15.60 -26.09
C THR D 31 35.12 16.64 -27.12
N GLU D 32 36.40 16.62 -27.49
CA GLU D 32 36.90 17.62 -28.44
C GLU D 32 36.31 17.48 -29.81
N HIS D 33 35.87 16.27 -30.16
CA HIS D 33 35.32 16.01 -31.49
C HIS D 33 33.84 16.29 -31.53
N ILE D 34 33.17 16.00 -30.42
CA ILE D 34 31.78 16.36 -30.32
C ILE D 34 31.71 17.87 -30.51
N LEU D 35 32.64 18.61 -29.94
CA LEU D 35 32.63 20.05 -30.11
C LEU D 35 32.84 20.46 -31.56
N LEU D 36 33.81 19.88 -32.25
CA LEU D 36 34.01 20.14 -33.67
C LEU D 36 32.72 19.79 -34.40
N GLY D 37 32.07 18.74 -33.94
CA GLY D 37 30.83 18.30 -34.57
C GLY D 37 29.78 19.38 -34.58
N LEU D 38 29.65 20.08 -33.46
CA LEU D 38 28.62 21.08 -33.32
C LEU D 38 28.89 22.31 -34.20
N VAL D 39 30.10 22.86 -34.18
CA VAL D 39 30.38 24.09 -34.92
C VAL D 39 30.50 23.83 -36.39
N ARG D 40 30.53 22.55 -36.74
CA ARG D 40 30.75 22.14 -38.13
C ARG D 40 29.49 21.74 -38.87
N GLU D 41 28.41 21.54 -38.13
CA GLU D 41 27.10 21.42 -38.77
C GLU D 41 26.49 22.81 -38.83
N GLY D 42 27.25 23.78 -38.34
CA GLY D 42 27.01 25.20 -38.54
C GLY D 42 25.60 25.79 -38.56
N GLU D 43 24.60 24.95 -38.33
CA GLU D 43 23.20 25.39 -38.39
C GLU D 43 22.34 25.05 -37.14
N GLY D 44 22.82 24.16 -36.28
CA GLY D 44 22.12 23.85 -35.05
C GLY D 44 22.14 25.01 -34.08
N ILE D 45 21.22 25.03 -33.12
CA ILE D 45 21.23 26.09 -32.13
C ILE D 45 22.57 26.09 -31.43
N ALA D 46 23.10 24.88 -31.26
CA ALA D 46 24.42 24.67 -30.73
C ALA D 46 25.41 25.34 -31.65
N ALA D 47 25.31 25.03 -32.93
CA ALA D 47 26.19 25.63 -33.91
C ALA D 47 26.09 27.13 -33.85
N LYS D 48 24.86 27.62 -33.78
CA LYS D 48 24.60 29.08 -33.79
C LYS D 48 25.28 29.78 -32.62
N ALA D 49 25.08 29.23 -31.44
CA ALA D 49 25.69 29.79 -30.27
C ALA D 49 27.21 30.01 -30.44
N LEU D 50 27.93 28.96 -30.80
CA LEU D 50 29.37 29.06 -30.89
C LEU D 50 29.74 30.24 -31.79
N GLN D 51 28.94 30.48 -32.82
CA GLN D 51 29.21 31.58 -33.73
C GLN D 51 29.15 32.88 -32.96
N ALA D 52 28.55 32.83 -31.78
CA ALA D 52 28.39 34.02 -30.97
C ALA D 52 29.62 34.32 -30.16
N LEU D 53 30.09 33.33 -29.41
CA LEU D 53 31.23 33.54 -28.52
C LEU D 53 32.47 33.98 -29.26
N GLY D 54 32.45 33.83 -30.58
CA GLY D 54 33.59 34.16 -31.42
C GLY D 54 34.39 32.90 -31.74
N LEU D 55 33.68 31.80 -31.95
CA LEU D 55 34.32 30.50 -32.10
C LEU D 55 33.95 29.75 -33.35
N GLY D 56 34.41 30.24 -34.48
CA GLY D 56 34.18 29.52 -35.72
C GLY D 56 34.97 28.22 -35.71
N SER D 57 34.73 27.37 -36.70
CA SER D 57 35.52 26.16 -36.88
C SER D 57 37.02 26.50 -37.01
N GLU D 58 37.31 27.63 -37.65
CA GLU D 58 38.69 28.06 -37.85
C GLU D 58 39.43 28.12 -36.53
N LYS D 59 38.95 28.95 -35.59
CA LYS D 59 39.64 29.20 -34.33
C LYS D 59 39.81 27.94 -33.50
N ILE D 60 38.81 27.08 -33.52
CA ILE D 60 38.78 25.89 -32.68
C ILE D 60 39.76 24.85 -33.13
N GLN D 61 39.56 24.37 -34.35
CA GLN D 61 40.34 23.25 -34.82
C GLN D 61 41.82 23.58 -34.68
N LYS D 62 42.18 24.86 -34.72
CA LYS D 62 43.58 25.25 -34.56
C LYS D 62 44.07 24.97 -33.15
N GLU D 63 43.25 25.30 -32.14
CA GLU D 63 43.63 24.92 -30.78
C GLU D 63 43.72 23.42 -30.65
N VAL D 64 42.69 22.70 -31.10
CA VAL D 64 42.69 21.25 -31.00
C VAL D 64 43.93 20.59 -31.68
N GLU D 65 44.18 20.84 -32.97
CA GLU D 65 45.40 20.29 -33.60
C GLU D 65 46.65 20.73 -32.85
N SER D 66 46.55 21.85 -32.15
CA SER D 66 47.68 22.36 -31.39
C SER D 66 47.80 21.62 -30.08
N LEU D 67 46.98 20.60 -29.91
CA LEU D 67 47.05 19.77 -28.71
C LEU D 67 46.88 18.27 -28.97
N ILE D 68 46.91 17.84 -30.24
CA ILE D 68 46.80 16.41 -30.53
C ILE D 68 47.44 16.01 -31.84
N GLY D 69 47.00 16.63 -32.92
CA GLY D 69 47.57 16.38 -34.23
C GLY D 69 47.50 14.92 -34.67
N ARG D 70 48.05 14.64 -35.84
CA ARG D 70 48.02 13.31 -36.40
C ARG D 70 48.44 12.25 -35.39
N GLY D 71 48.00 11.02 -35.61
CA GLY D 71 47.16 10.73 -36.76
C GLY D 71 47.29 9.29 -37.21
N GLN D 72 47.43 8.39 -36.25
CA GLN D 72 47.48 6.97 -36.55
C GLN D 72 46.19 6.59 -37.29
N GLU D 73 46.27 6.49 -38.62
CA GLU D 73 45.11 6.21 -39.44
C GLU D 73 44.39 4.95 -39.00
N MET D 74 44.94 4.32 -37.95
CA MET D 74 44.37 3.12 -37.36
C MET D 74 42.90 2.97 -37.70
N SER D 75 42.10 3.92 -37.23
CA SER D 75 40.66 3.92 -37.51
C SER D 75 40.07 2.51 -37.39
N GLN D 76 40.68 1.70 -36.52
CA GLN D 76 40.25 0.33 -36.31
C GLN D 76 38.86 0.26 -35.70
N THR D 77 37.86 0.70 -36.46
CA THR D 77 36.50 0.79 -35.97
C THR D 77 36.50 1.38 -34.57
N ILE D 78 36.44 2.70 -34.48
CA ILE D 78 36.65 3.41 -33.24
C ILE D 78 35.43 3.47 -32.33
N HIS D 79 35.66 3.88 -31.09
CA HIS D 79 34.57 4.13 -30.16
C HIS D 79 34.83 5.44 -29.38
N TYR D 80 33.96 5.73 -28.42
CA TYR D 80 34.01 7.01 -27.73
C TYR D 80 35.10 7.11 -26.69
N THR D 81 35.24 8.31 -26.15
CA THR D 81 35.94 8.49 -24.88
C THR D 81 34.97 8.17 -23.77
N PRO D 82 35.48 7.70 -22.64
CA PRO D 82 34.45 7.48 -21.60
C PRO D 82 33.88 8.84 -21.19
N ARG D 83 34.68 9.90 -21.32
CA ARG D 83 34.24 11.23 -20.95
C ARG D 83 33.08 11.57 -21.83
N ALA D 84 33.35 11.63 -23.11
CA ALA D 84 32.28 11.96 -24.03
C ALA D 84 31.03 11.05 -23.88
N LYS D 85 31.19 9.79 -23.48
CA LYS D 85 30.02 8.94 -23.27
C LYS D 85 29.22 9.49 -22.10
N LYS D 86 29.93 10.04 -21.14
CA LYS D 86 29.27 10.73 -20.07
C LYS D 86 28.57 11.95 -20.69
N VAL D 87 29.28 12.68 -21.54
CA VAL D 87 28.75 13.93 -22.10
C VAL D 87 27.42 13.70 -22.85
N ILE D 88 27.31 12.53 -23.43
CA ILE D 88 26.09 12.18 -24.09
C ILE D 88 25.02 11.81 -23.06
N GLU D 89 25.39 11.00 -22.08
CA GLU D 89 24.45 10.64 -21.04
C GLU D 89 23.86 11.92 -20.46
N LEU D 90 24.66 13.00 -20.46
CA LEU D 90 24.28 14.31 -19.88
C LEU D 90 23.30 15.15 -20.68
N SER D 91 23.58 15.37 -21.96
CA SER D 91 22.63 16.07 -22.80
C SER D 91 21.21 15.49 -22.67
N MET D 92 21.08 14.16 -22.57
CA MET D 92 19.79 13.54 -22.29
C MET D 92 19.13 14.20 -21.05
N ASP D 93 19.92 14.51 -20.03
CA ASP D 93 19.43 15.10 -18.77
C ASP D 93 19.29 16.61 -18.90
N GLU D 94 20.19 17.26 -19.63
CA GLU D 94 20.10 18.70 -19.86
C GLU D 94 18.86 19.01 -20.73
N ALA D 95 18.06 17.98 -21.00
CA ALA D 95 16.81 18.13 -21.75
C ALA D 95 15.58 17.63 -20.99
N ARG D 96 15.74 16.59 -20.18
CA ARG D 96 14.71 16.30 -19.20
C ARG D 96 14.50 17.66 -18.59
N LYS D 97 15.61 18.34 -18.30
CA LYS D 97 15.61 19.65 -17.66
C LYS D 97 15.23 20.78 -18.61
N LEU D 98 14.12 20.61 -19.34
CA LEU D 98 13.70 21.60 -20.31
C LEU D 98 12.43 21.16 -21.02
N GLY D 99 11.89 20.03 -20.58
CA GLY D 99 10.63 19.53 -21.15
C GLY D 99 10.80 19.15 -22.60
N HIS D 100 12.02 19.35 -23.12
CA HIS D 100 12.29 19.02 -24.51
C HIS D 100 12.19 17.51 -24.65
N SER D 101 11.13 17.04 -25.26
CA SER D 101 10.87 15.61 -25.35
C SER D 101 11.98 14.86 -26.10
N TYR D 102 12.82 15.59 -26.82
CA TYR D 102 13.88 14.97 -27.62
C TYR D 102 15.15 15.82 -27.68
N VAL D 103 16.30 15.15 -27.56
CA VAL D 103 17.59 15.84 -27.52
C VAL D 103 17.95 16.36 -28.89
N GLY D 104 18.83 17.36 -28.90
CA GLY D 104 19.21 18.04 -30.13
C GLY D 104 20.47 18.85 -29.94
N THR D 105 20.83 19.65 -30.95
CA THR D 105 22.14 20.28 -31.00
C THR D 105 22.49 21.06 -29.77
N GLU D 106 21.51 21.77 -29.23
CA GLU D 106 21.76 22.56 -28.03
C GLU D 106 22.17 21.67 -26.85
N HIS D 107 21.34 20.68 -26.54
CA HIS D 107 21.46 19.88 -25.33
C HIS D 107 22.83 19.25 -25.18
N ILE D 108 23.41 18.91 -26.32
CA ILE D 108 24.72 18.29 -26.37
C ILE D 108 25.75 19.34 -25.98
N LEU D 109 25.60 20.56 -26.48
CA LEU D 109 26.43 21.68 -26.06
C LEU D 109 26.17 21.96 -24.58
N LEU D 110 24.93 21.78 -24.14
CA LEU D 110 24.64 22.01 -22.75
C LEU D 110 25.39 20.98 -21.97
N GLY D 111 25.24 19.72 -22.38
CA GLY D 111 25.83 18.54 -21.75
C GLY D 111 27.36 18.53 -21.62
N LEU D 112 28.04 19.13 -22.59
CA LEU D 112 29.48 19.34 -22.49
C LEU D 112 29.91 20.25 -21.34
N ILE D 113 29.33 21.45 -21.22
CA ILE D 113 29.67 22.35 -20.13
C ILE D 113 29.54 21.68 -18.78
N ARG D 114 28.46 20.94 -18.64
CA ARG D 114 28.11 20.33 -17.37
C ARG D 114 29.26 19.43 -16.91
N GLU D 115 29.73 18.55 -17.81
CA GLU D 115 30.88 17.66 -17.50
C GLU D 115 32.24 18.29 -17.95
N GLY D 116 32.48 19.52 -17.48
CA GLY D 116 33.60 20.32 -17.94
C GLY D 116 34.99 19.73 -17.94
N GLU D 117 35.18 18.63 -17.23
CA GLU D 117 36.50 18.04 -17.18
C GLU D 117 36.74 17.33 -18.51
N GLY D 118 37.69 17.82 -19.32
CA GLY D 118 37.87 17.27 -20.64
C GLY D 118 38.42 18.24 -21.65
N VAL D 119 38.64 17.75 -22.86
CA VAL D 119 39.35 18.52 -23.85
C VAL D 119 38.57 19.67 -24.42
N ALA D 120 37.29 19.49 -24.70
CA ALA D 120 36.54 20.62 -25.19
C ALA D 120 36.76 21.77 -24.22
N ALA D 121 36.27 21.58 -23.01
CA ALA D 121 36.37 22.60 -21.98
C ALA D 121 37.66 23.39 -22.01
N ARG D 122 38.78 22.72 -22.25
CA ARG D 122 40.08 23.40 -22.25
C ARG D 122 40.30 24.19 -23.53
N VAL D 123 39.75 23.72 -24.63
CA VAL D 123 39.86 24.50 -25.85
C VAL D 123 39.40 25.93 -25.54
N LEU D 124 38.35 26.04 -24.73
CA LEU D 124 37.71 27.32 -24.50
C LEU D 124 38.31 28.12 -23.35
N ASN D 125 38.58 27.45 -22.23
CA ASN D 125 39.27 28.13 -21.14
C ASN D 125 40.65 28.55 -21.65
N ASN D 126 40.94 28.14 -22.89
CA ASN D 126 42.17 28.50 -23.59
C ASN D 126 41.84 29.59 -24.59
N LEU D 127 40.69 29.46 -25.22
CA LEU D 127 40.20 30.50 -26.08
C LEU D 127 39.47 31.55 -25.27
N GLY D 128 39.95 31.82 -24.06
CA GLY D 128 39.42 32.90 -23.24
C GLY D 128 37.90 33.00 -23.24
N VAL D 129 37.24 31.92 -22.86
CA VAL D 129 35.80 31.84 -22.89
C VAL D 129 35.35 30.99 -21.72
N SER D 130 35.40 31.57 -20.52
CA SER D 130 35.05 30.84 -19.32
C SER D 130 33.87 29.94 -19.63
N LEU D 131 33.61 28.96 -18.77
CA LEU D 131 32.51 28.01 -18.98
C LEU D 131 31.07 28.57 -18.87
N ASN D 132 30.85 29.58 -18.03
CA ASN D 132 29.49 30.04 -17.86
C ASN D 132 29.03 31.03 -18.91
N LYS D 133 29.97 31.81 -19.43
CA LYS D 133 29.65 32.75 -20.51
C LYS D 133 29.07 31.95 -21.65
N ALA D 134 29.46 30.69 -21.69
CA ALA D 134 29.01 29.79 -22.74
C ALA D 134 27.62 29.18 -22.51
N ARG D 135 27.34 28.66 -21.32
CA ARG D 135 26.03 28.06 -21.14
C ARG D 135 25.01 29.15 -21.32
N GLN D 136 25.42 30.38 -21.05
CA GLN D 136 24.55 31.53 -21.22
C GLN D 136 24.12 31.60 -22.69
N GLN D 137 25.06 31.85 -23.59
CA GLN D 137 24.74 32.00 -25.00
C GLN D 137 23.72 31.01 -25.54
N VAL D 138 23.82 29.74 -25.16
CA VAL D 138 22.82 28.76 -25.58
C VAL D 138 21.45 29.10 -25.01
N LEU D 139 21.40 29.40 -23.73
CA LEU D 139 20.15 29.77 -23.07
C LEU D 139 19.39 30.91 -23.74
N GLN D 140 20.08 32.02 -23.99
CA GLN D 140 19.44 33.20 -24.54
C GLN D 140 18.95 32.94 -25.97
N LEU D 141 18.90 31.65 -26.34
CA LEU D 141 18.32 31.21 -27.61
C LEU D 141 17.26 30.10 -27.45
N LEU D 142 16.45 30.17 -26.39
CA LEU D 142 15.37 29.22 -26.09
C LEU D 142 14.49 29.91 -25.02
N GLY D 143 13.19 29.65 -24.97
CA GLY D 143 12.38 30.24 -23.87
C GLY D 143 10.90 29.85 -23.79
N SER D 144 10.38 29.97 -22.57
CA SER D 144 8.99 29.65 -22.17
C SER D 144 8.09 28.88 -23.14
N ASN D 145 6.84 29.33 -23.21
CA ASN D 145 5.83 28.81 -24.11
C ASN D 145 4.59 29.72 -24.12
N SER D 156 -1.00 39.38 -12.45
CA SER D 156 -2.13 38.56 -12.04
C SER D 156 -2.32 38.75 -10.55
N ASN D 157 -3.38 39.47 -10.19
CA ASN D 157 -3.53 40.02 -8.84
C ASN D 157 -3.25 39.06 -7.69
N ALA D 158 -4.25 38.85 -6.85
CA ALA D 158 -4.04 38.01 -5.67
C ALA D 158 -3.48 36.62 -5.98
N ASN D 159 -3.64 36.19 -7.24
CA ASN D 159 -3.14 34.88 -7.70
C ASN D 159 -1.70 34.72 -7.28
N THR D 160 -1.02 35.86 -7.15
CA THR D 160 0.28 35.94 -6.52
C THR D 160 0.39 34.89 -5.41
N PRO D 161 -0.24 35.17 -4.28
CA PRO D 161 -0.18 34.27 -3.13
C PRO D 161 -0.70 32.87 -3.46
N THR D 162 -2.00 32.76 -3.79
CA THR D 162 -2.62 31.46 -4.09
C THR D 162 -1.67 30.64 -4.90
N LEU D 163 -1.25 31.29 -5.96
CA LEU D 163 -0.70 30.66 -7.15
C LEU D 163 0.67 30.00 -6.96
N ASP D 164 0.88 29.50 -5.75
CA ASP D 164 1.88 28.49 -5.45
C ASP D 164 1.60 27.28 -6.33
N SER D 165 1.71 26.10 -5.72
CA SER D 165 1.34 24.85 -6.37
C SER D 165 1.42 23.66 -5.40
N LEU D 166 0.50 23.60 -4.44
CA LEU D 166 -0.58 24.58 -4.28
C LEU D 166 -0.57 25.77 -5.25
N ALA D 167 -1.56 25.83 -6.13
CA ALA D 167 -2.54 24.78 -6.22
C ALA D 167 -3.21 24.87 -7.58
N ARG D 168 -2.45 25.34 -8.54
CA ARG D 168 -2.79 25.24 -9.96
C ARG D 168 -4.24 25.59 -10.23
N ASP D 169 -4.40 26.40 -11.27
CA ASP D 169 -5.64 27.09 -11.54
C ASP D 169 -6.54 26.41 -12.58
N LEU D 170 -7.49 25.57 -12.15
CA LEU D 170 -8.32 24.81 -13.10
C LEU D 170 -8.80 25.69 -14.23
N THR D 171 -9.24 26.89 -13.87
CA THR D 171 -9.88 27.83 -14.78
C THR D 171 -9.00 28.40 -15.90
N ALA D 172 -8.29 29.49 -15.64
CA ALA D 172 -7.42 30.04 -16.67
C ALA D 172 -6.60 28.89 -17.24
N ILE D 173 -6.30 27.90 -16.41
CA ILE D 173 -5.50 26.74 -16.80
C ILE D 173 -6.16 25.97 -17.95
N ALA D 174 -7.49 25.93 -17.93
CA ALA D 174 -8.26 25.32 -19.01
C ALA D 174 -8.94 26.37 -19.89
N LYS D 175 -8.50 27.62 -19.75
CA LYS D 175 -8.95 28.72 -20.60
C LYS D 175 -8.03 28.74 -21.82
N GLU D 176 -6.79 28.33 -21.60
CA GLU D 176 -5.76 28.34 -22.63
C GLU D 176 -6.02 27.30 -23.70
N ASP D 177 -7.29 26.99 -23.97
CA ASP D 177 -7.61 26.06 -25.05
C ASP D 177 -7.11 24.69 -24.63
N SER D 178 -6.27 24.70 -23.61
CA SER D 178 -5.46 23.55 -23.22
C SER D 178 -6.27 22.36 -22.70
N LEU D 179 -7.57 22.51 -22.64
CA LEU D 179 -8.35 21.40 -22.11
C LEU D 179 -8.96 20.44 -23.11
N ASP D 180 -9.11 19.22 -22.61
CA ASP D 180 -9.51 18.06 -23.37
C ASP D 180 -11.03 18.01 -23.51
N PRO D 181 -11.60 16.80 -23.71
CA PRO D 181 -13.03 16.49 -23.67
C PRO D 181 -13.96 17.46 -22.89
N VAL D 182 -14.43 17.24 -21.65
CA VAL D 182 -14.20 16.08 -20.78
C VAL D 182 -15.53 15.34 -20.51
N ILE D 183 -15.50 13.99 -20.50
CA ILE D 183 -16.75 13.20 -20.34
C ILE D 183 -17.18 13.00 -18.90
N GLY D 184 -18.48 13.19 -18.69
CA GLY D 184 -19.06 13.10 -17.36
C GLY D 184 -19.98 11.91 -17.27
N ARG D 185 -20.81 11.83 -16.22
CA ARG D 185 -20.98 12.89 -15.21
C ARG D 185 -21.10 14.28 -15.83
N SER D 186 -22.18 14.44 -16.61
CA SER D 186 -22.60 15.71 -17.24
C SER D 186 -23.69 16.34 -16.37
N LYS D 187 -24.58 15.49 -15.84
CA LYS D 187 -25.48 15.96 -14.80
C LYS D 187 -24.85 15.84 -13.39
N GLU D 188 -23.71 15.18 -13.27
CA GLU D 188 -22.98 15.30 -12.00
C GLU D 188 -22.49 16.73 -11.85
N ILE D 189 -22.04 17.31 -12.96
CA ILE D 189 -21.50 18.66 -12.98
C ILE D 189 -22.52 19.68 -12.55
N GLN D 190 -23.64 19.71 -13.26
CA GLN D 190 -24.63 20.73 -13.01
C GLN D 190 -25.14 20.75 -11.55
N ARG D 191 -25.07 19.63 -10.82
CA ARG D 191 -25.54 19.68 -9.43
C ARG D 191 -24.53 20.33 -8.53
N VAL D 192 -23.29 20.41 -9.00
CA VAL D 192 -22.26 21.21 -8.35
C VAL D 192 -22.57 22.69 -8.43
N ILE D 193 -23.53 23.03 -9.28
CA ILE D 193 -23.86 24.44 -9.53
C ILE D 193 -25.17 24.98 -8.88
N GLU D 194 -26.19 24.15 -8.75
CA GLU D 194 -27.37 24.51 -7.96
C GLU D 194 -26.88 24.91 -6.59
N VAL D 195 -25.87 24.18 -6.10
CA VAL D 195 -25.33 24.40 -4.77
C VAL D 195 -24.39 25.56 -4.77
N LEU D 196 -23.61 25.69 -5.82
CA LEU D 196 -22.60 26.73 -5.85
C LEU D 196 -23.21 28.03 -6.35
N SER D 197 -24.33 28.43 -5.74
CA SER D 197 -25.05 29.64 -6.10
C SER D 197 -25.84 30.07 -4.87
N ARG D 198 -26.42 29.07 -4.21
CA ARG D 198 -27.43 29.22 -3.14
C ARG D 198 -27.45 30.49 -2.23
N ARG D 199 -26.72 30.46 -1.12
CA ARG D 199 -26.92 31.34 0.03
C ARG D 199 -27.47 30.48 1.18
N THR D 200 -28.01 29.30 0.85
CA THR D 200 -28.29 28.30 1.88
C THR D 200 -27.10 27.32 2.06
N LYS D 201 -27.42 26.03 2.04
CA LYS D 201 -26.38 25.03 2.01
C LYS D 201 -25.56 25.40 0.77
N ASN D 202 -24.70 26.43 0.91
CA ASN D 202 -23.88 26.97 -0.19
C ASN D 202 -22.77 26.09 -0.78
N ASN D 203 -21.72 25.80 -0.01
CA ASN D 203 -20.54 25.11 -0.55
C ASN D 203 -20.75 23.61 -0.75
N PRO D 204 -20.65 23.11 -2.00
CA PRO D 204 -20.93 21.71 -2.34
C PRO D 204 -19.83 20.73 -1.93
N VAL D 205 -20.24 19.61 -1.33
CA VAL D 205 -19.31 18.56 -0.91
C VAL D 205 -19.51 17.35 -1.82
N LEU D 206 -18.42 16.94 -2.49
CA LEU D 206 -18.47 15.90 -3.51
C LEU D 206 -18.27 14.50 -2.94
N ILE D 207 -19.36 13.85 -2.59
CA ILE D 207 -19.25 12.50 -2.03
C ILE D 207 -19.51 11.48 -3.09
N GLY D 208 -18.59 10.53 -3.18
CA GLY D 208 -18.80 9.34 -4.00
C GLY D 208 -17.62 8.41 -3.79
N GLU D 209 -17.81 7.12 -4.02
CA GLU D 209 -16.66 6.24 -3.92
C GLU D 209 -15.51 6.83 -4.75
N PRO D 210 -14.31 6.94 -4.12
CA PRO D 210 -13.10 7.69 -4.52
C PRO D 210 -12.73 7.61 -5.99
N GLY D 211 -11.73 8.40 -6.39
CA GLY D 211 -11.38 8.55 -7.79
C GLY D 211 -11.22 10.01 -8.20
N VAL D 212 -11.40 10.36 -9.48
CA VAL D 212 -11.81 9.47 -10.61
C VAL D 212 -13.08 8.55 -10.44
N GLY D 213 -14.25 9.07 -10.81
CA GLY D 213 -14.36 10.36 -11.47
C GLY D 213 -13.93 11.59 -10.69
N LYS D 214 -14.59 11.81 -9.55
CA LYS D 214 -14.50 13.02 -8.69
C LYS D 214 -13.63 14.22 -9.09
N THR D 215 -12.33 14.05 -9.23
CA THR D 215 -11.55 15.21 -9.64
C THR D 215 -12.08 15.76 -10.99
N ALA D 216 -12.74 14.92 -11.78
CA ALA D 216 -13.21 15.36 -13.10
C ALA D 216 -14.44 16.30 -13.09
N ILE D 217 -15.23 16.24 -12.02
CA ILE D 217 -16.38 17.13 -11.86
C ILE D 217 -15.96 18.61 -11.74
N ALA D 218 -14.90 18.92 -10.98
CA ALA D 218 -14.42 20.29 -10.81
C ALA D 218 -13.72 20.82 -12.05
N GLU D 219 -13.16 19.89 -12.81
CA GLU D 219 -12.50 20.18 -14.08
C GLU D 219 -13.59 20.48 -15.06
N GLY D 220 -14.78 20.05 -14.69
CA GLY D 220 -16.04 20.50 -15.24
C GLY D 220 -16.39 21.98 -15.06
N LEU D 221 -16.68 22.44 -13.83
CA LEU D 221 -17.03 23.87 -13.62
C LEU D 221 -16.05 24.70 -14.41
N ALA D 222 -14.78 24.52 -14.07
CA ALA D 222 -13.71 25.05 -14.88
C ALA D 222 -14.16 25.13 -16.36
N GLN D 223 -14.33 23.99 -17.03
CA GLN D 223 -14.77 23.97 -18.42
C GLN D 223 -16.05 24.76 -18.66
N GLN D 224 -16.98 24.69 -17.72
CA GLN D 224 -18.26 25.35 -17.92
C GLN D 224 -18.21 26.87 -17.80
N ILE D 225 -17.77 27.40 -16.67
CA ILE D 225 -17.72 28.87 -16.58
C ILE D 225 -17.00 29.45 -17.81
N ILE D 226 -15.88 28.86 -18.17
CA ILE D 226 -15.08 29.46 -19.23
C ILE D 226 -15.78 29.46 -20.62
N ASN D 227 -16.27 28.32 -21.10
CA ASN D 227 -16.81 28.30 -22.46
C ASN D 227 -18.24 27.79 -22.64
N ASN D 228 -19.24 28.61 -22.26
CA ASN D 228 -19.16 29.73 -21.29
C ASN D 228 -20.49 29.80 -20.54
N GLU D 229 -21.51 29.14 -21.10
CA GLU D 229 -22.86 29.12 -20.52
C GLU D 229 -22.85 28.82 -19.01
N VAL D 230 -23.15 29.83 -18.16
CA VAL D 230 -23.34 29.68 -16.67
C VAL D 230 -24.09 30.91 -16.03
N PRO D 231 -24.32 30.95 -14.68
CA PRO D 231 -25.41 31.89 -14.47
C PRO D 231 -25.29 32.91 -13.32
N GLU D 232 -26.14 32.62 -12.33
CA GLU D 232 -26.22 33.35 -11.08
C GLU D 232 -24.84 33.83 -10.70
N ILE D 233 -24.43 34.95 -11.28
CA ILE D 233 -23.10 35.51 -11.11
C ILE D 233 -22.03 34.43 -10.90
N LEU D 234 -21.22 34.13 -11.92
CA LEU D 234 -20.11 33.17 -11.74
C LEU D 234 -18.92 33.38 -12.67
N ARG D 235 -18.99 34.38 -13.54
CA ARG D 235 -17.88 34.65 -14.45
C ARG D 235 -16.60 35.20 -13.78
N ASP D 236 -15.54 35.26 -14.62
CA ASP D 236 -14.13 35.38 -14.20
C ASP D 236 -13.91 34.77 -12.81
N LYS D 237 -14.18 33.47 -12.71
CA LYS D 237 -13.95 32.70 -11.46
C LYS D 237 -13.03 31.51 -11.68
N ARG D 238 -11.93 31.48 -10.94
CA ARG D 238 -10.96 30.39 -11.00
C ARG D 238 -11.47 29.24 -10.11
N VAL D 239 -11.16 28.00 -10.53
CA VAL D 239 -11.15 26.86 -9.61
C VAL D 239 -9.71 26.44 -9.29
N MET D 240 -9.32 26.49 -8.01
CA MET D 240 -7.95 26.17 -7.66
C MET D 240 -7.95 24.92 -6.79
N THR D 241 -6.77 24.26 -6.72
CA THR D 241 -6.62 22.88 -6.23
C THR D 241 -5.57 22.44 -5.13
N LEU D 242 -5.03 21.23 -5.33
CA LEU D 242 -4.38 20.39 -4.30
C LEU D 242 -4.95 20.54 -2.89
N GLU D 253 2.65 23.59 6.53
CA GLU D 253 1.94 24.38 7.52
C GLU D 253 2.58 25.75 7.72
N ASP D 254 3.88 25.85 7.46
CA ASP D 254 4.61 27.11 7.61
C ASP D 254 4.38 28.09 6.46
N ARG D 255 3.21 27.97 5.83
CA ARG D 255 2.80 28.84 4.74
C ARG D 255 1.27 28.89 4.73
N LEU D 256 0.69 28.39 5.84
CA LEU D 256 -0.75 28.13 6.04
C LEU D 256 -1.78 29.16 5.51
N LYS D 257 -2.44 29.79 6.47
CA LYS D 257 -3.45 30.81 6.20
C LYS D 257 -2.78 32.00 5.51
N LYS D 258 -1.46 31.92 5.33
CA LYS D 258 -0.67 32.92 4.60
C LYS D 258 -1.34 33.32 3.30
N VAL D 259 -1.24 32.45 2.31
CA VAL D 259 -1.82 32.70 1.01
C VAL D 259 -3.32 32.98 1.10
N MET D 260 -4.00 32.35 2.06
CA MET D 260 -5.46 32.49 2.21
C MET D 260 -5.96 33.94 2.41
N ASP D 261 -5.08 34.86 2.73
CA ASP D 261 -5.51 36.25 2.84
C ASP D 261 -5.54 37.01 1.52
N GLU D 262 -4.81 36.53 0.53
CA GLU D 262 -4.94 37.08 -0.83
C GLU D 262 -6.36 36.90 -1.39
N ILE D 263 -7.27 36.36 -0.56
CA ILE D 263 -8.65 36.01 -0.96
C ILE D 263 -9.74 36.82 -0.22
N ARG D 264 -9.54 36.98 1.08
CA ARG D 264 -10.39 37.90 1.82
C ARG D 264 -10.22 39.32 1.22
N GLN D 265 -9.42 39.42 0.15
CA GLN D 265 -9.14 40.68 -0.57
C GLN D 265 -9.23 40.51 -2.09
N ALA D 266 -10.36 39.99 -2.57
CA ALA D 266 -10.61 39.65 -3.99
C ALA D 266 -11.16 38.22 -4.03
N GLY D 267 -12.33 38.02 -4.63
CA GLY D 267 -13.05 36.75 -4.48
C GLY D 267 -13.62 36.06 -5.72
N ASN D 268 -12.77 35.90 -6.74
CA ASN D 268 -13.15 35.20 -7.96
C ASN D 268 -12.80 33.72 -7.94
N ILE D 269 -13.05 33.04 -6.82
CA ILE D 269 -12.36 31.76 -6.59
C ILE D 269 -13.04 30.67 -5.73
N ILE D 270 -13.21 29.54 -6.42
CA ILE D 270 -13.66 28.31 -5.81
C ILE D 270 -12.41 27.52 -5.46
N LEU D 271 -12.39 26.94 -4.25
CA LEU D 271 -11.31 26.00 -3.87
C LEU D 271 -11.66 24.51 -3.96
N PHE D 272 -10.76 23.78 -4.62
CA PHE D 272 -10.97 22.37 -4.84
C PHE D 272 -10.12 21.51 -3.82
N ILE D 273 -10.81 20.76 -2.96
CA ILE D 273 -10.10 20.14 -1.84
C ILE D 273 -9.85 18.63 -1.95
N ASP D 274 -8.74 18.20 -1.37
CA ASP D 274 -8.36 16.80 -1.40
C ASP D 274 -7.73 16.37 -0.08
N ALA D 275 -8.60 15.75 0.73
CA ALA D 275 -8.31 15.25 2.07
C ALA D 275 -9.53 15.49 2.97
N LYS D 284 -10.29 19.65 8.89
CA LYS D 284 -9.42 20.51 8.10
C LYS D 284 -9.82 22.00 8.02
N PRO D 285 -11.09 22.35 8.33
CA PRO D 285 -11.67 23.67 7.99
C PRO D 285 -11.11 24.92 8.67
N SER D 286 -10.30 25.70 7.96
CA SER D 286 -9.87 27.00 8.47
C SER D 286 -11.04 27.95 8.35
N LEU D 287 -12.14 27.41 7.85
CA LEU D 287 -13.46 27.95 8.13
C LEU D 287 -13.97 29.12 7.28
N ALA D 288 -15.28 29.09 7.00
CA ALA D 288 -16.04 30.19 6.39
C ALA D 288 -15.99 31.50 7.15
N ARG D 289 -14.77 31.90 7.57
CA ARG D 289 -14.53 33.21 8.18
C ARG D 289 -15.02 34.29 7.23
N GLY D 290 -15.52 33.85 6.08
CA GLY D 290 -16.08 34.73 5.07
C GLY D 290 -16.31 34.02 3.75
N GLU D 291 -15.48 34.36 2.75
CA GLU D 291 -15.59 33.90 1.38
C GLU D 291 -15.48 32.39 1.25
N LEU D 292 -14.33 31.92 0.77
CA LEU D 292 -14.00 30.49 0.72
C LEU D 292 -14.97 29.57 -0.02
N GLN D 293 -14.92 29.57 -1.35
CA GLN D 293 -15.76 28.62 -2.06
C GLN D 293 -14.99 27.37 -2.44
N CYS D 294 -15.44 26.22 -1.92
CA CYS D 294 -14.70 24.96 -2.02
C CYS D 294 -15.57 23.75 -2.37
N ILE D 295 -14.99 22.84 -3.16
CA ILE D 295 -15.69 21.61 -3.56
C ILE D 295 -15.08 20.39 -2.88
N GLY D 296 -15.96 19.63 -2.19
CA GLY D 296 -15.56 18.60 -1.24
C GLY D 296 -15.09 17.25 -1.74
N ALA D 297 -13.85 16.88 -1.38
CA ALA D 297 -13.30 15.54 -1.62
C ALA D 297 -13.47 14.62 -0.42
N THR D 298 -14.52 13.80 -0.43
CA THR D 298 -14.83 12.91 0.71
C THR D 298 -15.76 11.72 0.43
N THR D 299 -15.69 10.73 1.33
CA THR D 299 -16.29 9.40 1.17
C THR D 299 -17.66 9.21 1.81
N LEU D 300 -18.36 8.17 1.34
CA LEU D 300 -19.74 7.93 1.75
C LEU D 300 -19.88 8.33 3.19
N ASP D 301 -18.93 7.85 4.01
CA ASP D 301 -18.92 8.03 5.46
C ASP D 301 -18.07 9.22 5.88
N GLU D 302 -16.95 9.44 5.18
CA GLU D 302 -16.03 10.51 5.61
C GLU D 302 -16.76 11.84 5.85
N TYR D 303 -17.81 12.11 5.09
CA TYR D 303 -18.58 13.34 5.29
C TYR D 303 -19.30 13.33 6.64
N ARG D 304 -19.75 12.16 7.07
CA ARG D 304 -20.35 12.07 8.39
C ARG D 304 -19.30 12.35 9.49
N LYS D 305 -18.02 12.35 9.09
CA LYS D 305 -16.95 12.98 9.88
C LYS D 305 -16.81 14.51 9.63
N TYR D 306 -17.94 15.22 9.59
CA TYR D 306 -17.98 16.69 9.63
C TYR D 306 -19.32 17.09 10.27
N ILE D 307 -20.44 16.73 9.63
CA ILE D 307 -21.77 17.13 10.10
C ILE D 307 -22.18 16.59 11.48
N GLU D 308 -21.52 15.54 11.98
CA GLU D 308 -21.89 15.06 13.31
C GLU D 308 -21.49 16.06 14.38
N LYS D 309 -20.20 16.36 14.44
CA LYS D 309 -19.75 17.42 15.34
C LYS D 309 -20.51 18.66 14.93
N ASP D 310 -20.95 18.67 13.67
CA ASP D 310 -21.89 19.68 13.18
C ASP D 310 -21.30 21.09 13.36
N ALA D 311 -22.02 22.12 12.94
CA ALA D 311 -23.14 22.04 12.01
C ALA D 311 -22.85 23.12 11.00
N ALA D 312 -21.57 23.18 10.62
CA ALA D 312 -21.13 23.96 9.49
C ALA D 312 -21.63 23.20 8.28
N LEU D 313 -21.80 21.90 8.47
CA LEU D 313 -22.26 21.04 7.41
C LEU D 313 -23.67 21.44 6.95
N GLU D 314 -24.68 20.99 7.69
CA GLU D 314 -26.06 21.28 7.32
C GLU D 314 -26.18 22.75 6.94
N ARG D 315 -25.11 23.50 7.19
CA ARG D 315 -25.05 24.91 6.85
C ARG D 315 -24.28 25.10 5.57
N ARG D 316 -23.05 25.61 5.70
CA ARG D 316 -22.19 25.90 4.56
C ARG D 316 -22.08 24.70 3.63
N PHE D 317 -21.02 23.91 3.77
CA PHE D 317 -20.82 22.67 3.03
C PHE D 317 -22.20 21.93 2.73
N GLN D 318 -22.34 21.29 1.57
CA GLN D 318 -23.55 20.49 1.24
C GLN D 318 -23.32 19.55 0.05
N PRO D 319 -23.85 18.32 0.17
CA PRO D 319 -23.40 17.12 -0.55
C PRO D 319 -24.04 16.86 -1.89
N ILE D 320 -23.47 15.88 -2.58
CA ILE D 320 -23.95 15.39 -3.85
C ILE D 320 -23.10 14.19 -4.22
N GLN D 321 -23.69 13.23 -4.92
CA GLN D 321 -23.02 11.94 -5.15
C GLN D 321 -22.53 11.73 -6.56
N VAL D 322 -21.50 10.91 -6.71
CA VAL D 322 -20.94 10.56 -8.00
C VAL D 322 -21.45 9.19 -8.34
N ASP D 323 -22.49 9.14 -9.16
CA ASP D 323 -22.87 7.86 -9.74
C ASP D 323 -21.67 7.41 -10.57
N GLN D 324 -21.53 6.10 -10.72
CA GLN D 324 -20.45 5.56 -11.54
C GLN D 324 -20.79 5.85 -12.98
N PRO D 325 -19.91 6.60 -13.68
CA PRO D 325 -20.04 7.05 -15.08
C PRO D 325 -20.65 6.01 -16.05
N SER D 326 -21.27 6.47 -17.13
CA SER D 326 -22.00 5.52 -17.97
C SER D 326 -21.05 4.50 -18.60
N VAL D 327 -21.33 3.23 -18.41
CA VAL D 327 -20.63 2.16 -19.11
C VAL D 327 -20.06 2.54 -20.50
N ASP D 328 -20.91 3.03 -21.42
CA ASP D 328 -20.46 3.49 -22.75
C ASP D 328 -19.58 4.75 -22.65
N GLU D 329 -19.91 5.62 -21.71
CA GLU D 329 -19.14 6.82 -21.45
C GLU D 329 -17.81 6.40 -20.89
N SER D 330 -17.85 5.33 -20.10
CA SER D 330 -16.68 4.67 -19.50
C SER D 330 -15.64 4.33 -20.55
N ILE D 331 -16.09 3.64 -21.60
CA ILE D 331 -15.26 3.33 -22.75
C ILE D 331 -14.55 4.52 -23.39
N GLN D 332 -15.32 5.51 -23.85
CA GLN D 332 -14.74 6.64 -24.56
C GLN D 332 -14.00 7.61 -23.61
N ILE D 333 -13.84 7.20 -22.35
CA ILE D 333 -12.98 7.88 -21.36
C ILE D 333 -11.50 7.46 -21.47
N LEU D 334 -11.28 6.15 -21.50
CA LEU D 334 -9.96 5.63 -21.79
C LEU D 334 -9.37 6.16 -23.14
N GLN D 335 -10.11 6.01 -24.23
CA GLN D 335 -9.53 6.37 -25.52
C GLN D 335 -8.84 7.73 -25.47
N GLY D 336 -9.36 8.61 -24.60
CA GLY D 336 -8.77 9.92 -24.38
C GLY D 336 -7.39 9.84 -23.75
N LEU D 337 -7.25 8.97 -22.76
CA LEU D 337 -5.94 8.68 -22.12
C LEU D 337 -5.19 7.43 -22.66
N ARG D 338 -5.83 6.77 -23.65
CA ARG D 338 -5.22 5.77 -24.54
C ARG D 338 -3.90 6.33 -25.12
N ASP D 339 -4.03 7.43 -25.88
CA ASP D 339 -2.89 8.16 -26.43
C ASP D 339 -1.76 8.30 -25.40
N ARG D 340 -2.14 8.68 -24.17
CA ARG D 340 -1.19 9.08 -23.14
C ARG D 340 -0.53 7.94 -22.37
N TYR D 341 -1.19 6.79 -22.33
CA TYR D 341 -0.52 5.59 -21.89
C TYR D 341 0.22 4.92 -23.02
N GLU D 342 -0.02 5.36 -24.24
CA GLU D 342 0.74 4.80 -25.36
C GLU D 342 2.19 4.82 -24.93
N ALA D 343 2.40 5.54 -23.82
CA ALA D 343 3.65 5.71 -23.10
C ALA D 343 4.36 4.42 -22.67
N HIS D 344 3.65 3.30 -22.66
CA HIS D 344 4.33 2.07 -22.28
C HIS D 344 4.46 1.05 -23.41
N HIS D 345 3.79 1.29 -24.53
CA HIS D 345 4.04 0.49 -25.73
C HIS D 345 3.06 -0.65 -25.89
N ARG D 346 1.99 -0.32 -26.59
CA ARG D 346 0.92 -1.23 -27.05
C ARG D 346 -0.39 -0.49 -27.40
N VAL D 347 -0.89 0.24 -26.42
CA VAL D 347 -1.97 1.18 -26.62
C VAL D 347 -1.22 2.44 -27.04
N SER D 348 -1.75 3.26 -27.95
CA SER D 348 -3.11 3.19 -28.49
C SER D 348 -3.53 1.82 -29.01
N ILE D 349 -4.84 1.62 -29.05
CA ILE D 349 -5.46 0.33 -29.38
C ILE D 349 -5.19 -0.76 -28.30
N THR D 350 -6.01 -1.81 -28.33
CA THR D 350 -7.13 -1.83 -29.25
C THR D 350 -8.39 -1.35 -28.57
N ASP D 351 -9.27 -0.75 -29.36
CA ASP D 351 -10.61 -0.50 -28.90
C ASP D 351 -11.14 -1.82 -28.35
N ASP D 352 -11.10 -2.87 -29.15
CA ASP D 352 -11.58 -4.19 -28.71
C ASP D 352 -10.93 -4.57 -27.40
N ALA D 353 -9.84 -3.87 -27.06
CA ALA D 353 -9.09 -4.11 -25.83
C ALA D 353 -9.76 -3.44 -24.63
N ILE D 354 -10.23 -2.21 -24.84
CA ILE D 354 -10.92 -1.52 -23.76
C ILE D 354 -12.29 -2.11 -23.45
N GLU D 355 -13.11 -2.30 -24.49
CA GLU D 355 -14.42 -2.92 -24.34
C GLU D 355 -14.35 -3.88 -23.17
N ALA D 356 -13.30 -4.71 -23.18
CA ALA D 356 -13.04 -5.59 -22.07
C ALA D 356 -13.07 -4.79 -20.79
N ALA D 357 -11.92 -4.22 -20.46
CA ALA D 357 -11.72 -3.56 -19.17
C ALA D 357 -13.00 -3.07 -18.51
N VAL D 358 -13.77 -2.33 -19.28
CA VAL D 358 -14.93 -1.66 -18.71
C VAL D 358 -16.05 -2.61 -18.33
N LYS D 359 -16.43 -3.48 -19.26
CA LYS D 359 -17.59 -4.35 -19.04
C LYS D 359 -17.30 -5.39 -17.96
N LEU D 360 -16.07 -5.86 -17.94
CA LEU D 360 -15.68 -6.89 -16.99
C LEU D 360 -16.03 -6.39 -15.60
N SER D 361 -15.69 -5.13 -15.36
CA SER D 361 -15.78 -4.56 -14.03
C SER D 361 -17.21 -4.34 -13.55
N ASP D 362 -18.05 -3.71 -14.37
CA ASP D 362 -19.41 -3.38 -13.95
C ASP D 362 -20.21 -4.50 -13.25
N ARG D 363 -20.05 -5.75 -13.71
CA ARG D 363 -20.78 -6.85 -13.06
C ARG D 363 -19.85 -7.92 -12.47
N TYR D 364 -18.74 -8.20 -13.17
CA TYR D 364 -17.75 -9.14 -12.68
C TYR D 364 -16.80 -8.43 -11.71
N ILE D 365 -17.06 -8.57 -10.41
CA ILE D 365 -16.32 -7.86 -9.37
C ILE D 365 -15.63 -6.53 -9.83
N SER D 366 -16.39 -5.42 -9.75
CA SER D 366 -17.72 -5.26 -9.09
C SER D 366 -17.69 -4.96 -7.57
N ASP D 367 -16.62 -4.29 -7.15
CA ASP D 367 -16.48 -3.73 -5.81
C ASP D 367 -15.50 -2.57 -5.93
N ARG D 368 -15.89 -1.58 -6.76
CA ARG D 368 -15.22 -0.27 -6.90
C ARG D 368 -16.18 0.84 -7.43
N PHE D 369 -15.84 1.42 -8.57
CA PHE D 369 -16.69 2.41 -9.20
C PHE D 369 -16.46 2.27 -10.69
N LEU D 370 -17.53 2.34 -11.49
CA LEU D 370 -17.46 1.90 -12.88
C LEU D 370 -16.50 2.61 -13.86
N PRO D 371 -15.91 3.78 -13.47
CA PRO D 371 -14.85 4.36 -14.31
C PRO D 371 -13.45 4.09 -13.80
N ASP D 372 -13.25 4.04 -12.47
CA ASP D 372 -11.91 3.82 -11.90
C ASP D 372 -11.33 2.43 -12.25
N LYS D 373 -12.06 1.37 -11.88
CA LYS D 373 -11.67 -0.03 -12.14
C LYS D 373 -10.97 -0.24 -13.48
N ALA D 374 -11.75 -0.19 -14.57
CA ALA D 374 -11.25 -0.42 -15.93
C ALA D 374 -9.78 0.04 -16.12
N ILE D 375 -9.54 1.34 -16.09
CA ILE D 375 -8.17 1.91 -16.10
C ILE D 375 -7.10 1.08 -15.39
N ASP D 376 -7.39 0.61 -14.18
CA ASP D 376 -6.40 -0.11 -13.40
C ASP D 376 -5.97 -1.34 -14.17
N LEU D 377 -6.95 -1.97 -14.83
CA LEU D 377 -6.77 -3.26 -15.51
C LEU D 377 -5.79 -3.18 -16.66
N ILE D 378 -6.04 -2.21 -17.51
CA ILE D 378 -5.11 -1.82 -18.53
C ILE D 378 -3.71 -1.85 -17.97
N ASP D 379 -3.48 -1.10 -16.90
CA ASP D 379 -2.13 -0.96 -16.37
C ASP D 379 -1.48 -2.34 -16.07
N GLU D 380 -2.16 -3.20 -15.30
CA GLU D 380 -1.65 -4.55 -15.08
C GLU D 380 -1.02 -4.91 -16.40
N ALA D 381 -1.87 -4.96 -17.43
CA ALA D 381 -1.36 -5.22 -18.76
C ALA D 381 -0.53 -4.04 -19.37
N GLY D 382 -0.70 -2.80 -18.86
CA GLY D 382 -0.02 -1.56 -19.28
C GLY D 382 1.48 -1.45 -18.98
N SER D 383 1.94 -2.66 -18.74
CA SER D 383 3.27 -3.07 -18.36
C SER D 383 3.37 -4.56 -18.69
N LYS D 384 2.40 -5.35 -18.23
CA LYS D 384 2.51 -6.81 -18.14
C LYS D 384 2.90 -7.38 -19.49
N VAL D 385 2.70 -6.56 -20.52
CA VAL D 385 3.13 -6.87 -21.87
C VAL D 385 4.59 -6.42 -22.21
N ARG D 386 5.01 -5.20 -21.87
CA ARG D 386 6.44 -4.85 -22.02
C ARG D 386 7.27 -5.71 -21.04
N LEU D 387 6.63 -6.13 -19.95
CA LEU D 387 7.18 -7.10 -19.00
C LEU D 387 7.45 -8.44 -19.71
N ARG D 388 6.38 -9.17 -20.06
CA ARG D 388 6.49 -10.45 -20.80
C ARG D 388 7.35 -10.33 -22.06
N SER D 389 7.61 -9.07 -22.43
CA SER D 389 8.33 -8.77 -23.67
C SER D 389 9.80 -8.95 -23.49
N PHE D 390 10.29 -8.63 -22.30
CA PHE D 390 11.73 -8.59 -22.02
C PHE D 390 12.19 -9.78 -21.12
N THR D 391 11.46 -10.89 -21.20
CA THR D 391 11.76 -12.12 -20.48
C THR D 391 12.99 -12.89 -21.02
N PRO D 394 16.95 -15.74 -25.74
CA PRO D 394 16.75 -17.17 -25.47
C PRO D 394 17.67 -17.78 -24.42
N ASN D 395 17.98 -19.06 -24.61
CA ASN D 395 18.98 -19.75 -23.81
C ASN D 395 20.33 -19.02 -23.91
N LEU D 396 20.29 -17.78 -24.41
CA LEU D 396 21.49 -16.97 -24.61
C LEU D 396 22.01 -16.32 -23.34
N LYS D 397 21.76 -16.96 -22.20
CA LYS D 397 22.32 -16.50 -20.93
C LYS D 397 23.80 -16.92 -20.76
N GLU D 398 24.10 -18.19 -20.99
CA GLU D 398 25.42 -18.77 -20.71
C GLU D 398 26.60 -18.16 -21.46
N LEU D 399 26.36 -17.56 -22.61
CA LEU D 399 27.44 -16.83 -23.30
C LEU D 399 27.88 -15.64 -22.46
N GLU D 400 26.92 -15.00 -21.80
CA GLU D 400 27.25 -13.89 -20.93
C GLU D 400 28.26 -14.39 -19.92
N GLN D 401 27.96 -15.55 -19.31
CA GLN D 401 28.84 -16.15 -18.30
C GLN D 401 30.21 -16.46 -18.88
N LYS D 402 30.24 -17.08 -20.06
CA LYS D 402 31.50 -17.34 -20.74
C LYS D 402 32.23 -16.02 -20.91
N LEU D 403 31.63 -15.17 -21.73
CA LEU D 403 32.14 -13.84 -21.98
C LEU D 403 32.79 -13.20 -20.76
N ASP D 404 32.15 -13.36 -19.62
CA ASP D 404 32.57 -12.69 -18.41
C ASP D 404 34.04 -13.02 -18.11
N GLU D 405 34.32 -14.30 -17.91
CA GLU D 405 35.64 -14.76 -17.47
C GLU D 405 36.77 -14.44 -18.45
N VAL D 406 36.42 -14.36 -19.75
CA VAL D 406 37.38 -14.04 -20.82
C VAL D 406 37.96 -12.64 -20.60
N ARG D 407 37.07 -11.67 -20.48
CA ARG D 407 37.43 -10.30 -20.13
C ARG D 407 38.33 -10.42 -18.90
N LYS D 408 37.79 -11.01 -17.84
CA LYS D 408 38.54 -11.29 -16.63
C LYS D 408 39.90 -11.90 -16.94
N GLU D 409 39.90 -12.99 -17.71
CA GLU D 409 41.13 -13.69 -18.05
C GLU D 409 42.04 -12.71 -18.75
N LYS D 410 41.43 -11.85 -19.56
CA LYS D 410 42.17 -10.81 -20.27
C LYS D 410 42.83 -9.84 -19.30
N ASP D 411 42.07 -9.38 -18.31
CA ASP D 411 42.61 -8.37 -17.42
C ASP D 411 43.87 -8.92 -16.77
N ALA D 412 43.70 -10.02 -16.03
CA ALA D 412 44.80 -10.60 -15.25
C ALA D 412 46.13 -10.65 -16.00
N ALA D 413 46.08 -11.07 -17.25
CA ALA D 413 47.28 -11.20 -18.06
C ALA D 413 47.90 -9.86 -18.48
N VAL D 414 47.07 -8.85 -18.74
CA VAL D 414 47.59 -7.53 -19.17
C VAL D 414 48.44 -6.83 -18.09
N GLN D 415 48.07 -7.09 -16.84
CA GLN D 415 48.84 -6.75 -15.64
C GLN D 415 49.76 -7.93 -15.32
N SER D 416 50.58 -8.30 -16.29
CA SER D 416 51.41 -9.49 -16.23
C SER D 416 52.13 -9.48 -17.56
N GLN D 417 51.38 -9.15 -18.61
CA GLN D 417 51.90 -8.52 -19.83
C GLN D 417 53.13 -9.15 -20.54
N GLU D 418 53.00 -10.28 -21.24
CA GLU D 418 51.76 -11.06 -21.46
C GLU D 418 50.71 -10.39 -22.35
N PHE D 419 51.12 -9.37 -23.10
CA PHE D 419 50.21 -8.67 -24.02
C PHE D 419 49.62 -9.61 -25.03
N GLU D 420 50.46 -10.01 -25.97
CA GLU D 420 50.05 -10.96 -26.99
C GLU D 420 49.18 -11.99 -26.28
N LYS D 421 49.73 -12.60 -25.22
CA LYS D 421 49.08 -13.70 -24.52
C LYS D 421 47.70 -13.32 -23.99
N ALA D 422 47.18 -12.21 -24.54
CA ALA D 422 45.98 -11.50 -24.06
C ALA D 422 45.27 -10.80 -25.20
N ALA D 423 45.88 -9.77 -25.77
CA ALA D 423 45.47 -9.32 -27.10
C ALA D 423 44.85 -10.49 -27.87
N SER D 424 45.44 -11.68 -27.74
CA SER D 424 44.77 -12.91 -28.14
C SER D 424 43.42 -12.76 -27.53
N LEU D 425 43.45 -12.67 -26.20
CA LEU D 425 42.26 -12.66 -25.39
C LEU D 425 41.30 -11.49 -25.61
N ARG D 426 41.80 -10.37 -26.14
CA ARG D 426 40.90 -9.27 -26.54
C ARG D 426 40.28 -9.57 -27.88
N ASP D 427 41.11 -9.89 -28.86
CA ASP D 427 40.57 -10.24 -30.14
C ASP D 427 39.50 -11.29 -29.85
N THR D 428 39.73 -12.09 -28.81
CA THR D 428 38.78 -13.14 -28.39
C THR D 428 37.55 -12.69 -27.58
N GLU D 429 37.71 -11.76 -26.65
CA GLU D 429 36.50 -11.30 -25.99
C GLU D 429 35.59 -10.70 -27.06
N GLN D 430 36.15 -9.83 -27.88
CA GLN D 430 35.38 -9.10 -28.91
C GLN D 430 34.64 -9.98 -29.93
N ARG D 431 35.14 -11.17 -30.26
CA ARG D 431 34.40 -12.04 -31.17
C ARG D 431 33.06 -12.32 -30.49
N LEU D 432 33.09 -12.60 -29.19
CA LEU D 432 31.85 -12.89 -28.45
C LEU D 432 30.94 -11.66 -28.27
N ARG D 433 31.52 -10.47 -28.17
CA ARG D 433 30.72 -9.22 -28.10
C ARG D 433 29.75 -9.09 -29.28
N GLU D 434 30.26 -8.75 -30.46
CA GLU D 434 29.38 -8.53 -31.61
C GLU D 434 28.50 -9.76 -31.82
N GLN D 435 28.91 -10.86 -31.21
CA GLN D 435 28.16 -12.11 -31.21
C GLN D 435 26.80 -11.94 -30.54
N VAL D 436 26.81 -11.70 -29.23
CA VAL D 436 25.56 -11.55 -28.50
C VAL D 436 24.67 -10.41 -29.04
N GLU D 437 25.27 -9.30 -29.44
CA GLU D 437 24.52 -8.15 -29.93
C GLU D 437 23.52 -8.59 -30.98
N ASP D 438 24.00 -9.20 -32.05
CA ASP D 438 23.13 -9.64 -33.13
C ASP D 438 22.03 -10.63 -32.70
N THR D 439 21.90 -10.86 -31.38
CA THR D 439 20.66 -11.45 -30.85
C THR D 439 20.01 -10.58 -29.80
N LYS D 440 20.60 -9.42 -29.52
CA LYS D 440 19.93 -8.39 -28.69
C LYS D 440 19.38 -7.23 -29.54
N LYS D 441 20.13 -6.85 -30.58
CA LYS D 441 19.64 -6.00 -31.66
C LYS D 441 18.68 -6.81 -32.53
N SER D 442 18.89 -8.14 -32.53
CA SER D 442 17.89 -9.08 -33.06
C SER D 442 16.70 -9.17 -32.12
N TRP D 443 16.59 -8.23 -31.18
CA TRP D 443 15.41 -8.21 -30.31
C TRP D 443 14.49 -7.03 -30.51
N LYS D 444 14.89 -6.14 -31.40
CA LYS D 444 13.91 -5.31 -32.06
C LYS D 444 13.08 -6.22 -32.97
N GLU D 445 13.52 -7.48 -33.12
CA GLU D 445 12.66 -8.54 -33.66
C GLU D 445 11.54 -8.78 -32.63
N LYS D 446 11.77 -8.38 -31.38
CA LYS D 446 10.74 -8.53 -30.34
C LYS D 446 9.87 -7.28 -30.10
N GLN D 447 10.35 -6.11 -30.52
CA GLN D 447 9.47 -4.94 -30.45
C GLN D 447 8.24 -5.24 -31.34
N GLY D 448 8.50 -5.58 -32.60
CA GLY D 448 7.44 -5.86 -33.56
C GLY D 448 6.30 -6.70 -33.03
N GLN D 449 6.61 -7.84 -32.41
CA GLN D 449 5.58 -8.75 -31.88
C GLN D 449 4.78 -8.21 -30.69
N GLU D 450 4.88 -6.91 -30.43
CA GLU D 450 4.07 -6.26 -29.41
C GLU D 450 4.07 -4.70 -29.46
N GLU D 453 1.63 -2.81 -31.50
CA GLU D 453 0.58 -3.81 -31.57
C GLU D 453 -0.20 -3.61 -30.28
N VAL D 454 -1.50 -3.86 -30.32
CA VAL D 454 -2.33 -3.31 -29.26
C VAL D 454 -3.61 -4.09 -28.88
N THR D 455 -4.30 -4.61 -29.90
CA THR D 455 -5.67 -5.17 -29.80
C THR D 455 -5.95 -5.99 -28.53
N VAL D 456 -7.22 -6.29 -28.28
CA VAL D 456 -7.61 -7.04 -27.10
C VAL D 456 -6.59 -8.12 -26.73
N ASP D 457 -5.93 -8.70 -27.74
CA ASP D 457 -4.90 -9.72 -27.53
C ASP D 457 -4.18 -9.48 -26.22
N ASP D 458 -3.56 -8.30 -26.15
CA ASP D 458 -2.81 -7.88 -24.97
C ASP D 458 -3.71 -7.57 -23.76
N ILE D 459 -4.73 -6.77 -23.98
CA ILE D 459 -5.64 -6.41 -22.90
C ILE D 459 -6.11 -7.63 -22.08
N ALA D 460 -6.95 -8.49 -22.62
CA ALA D 460 -7.63 -9.44 -21.73
C ALA D 460 -6.76 -10.49 -21.00
N MET D 461 -5.68 -10.96 -21.62
CA MET D 461 -4.80 -11.91 -20.95
C MET D 461 -4.39 -11.33 -19.60
N VAL D 462 -4.24 -10.01 -19.58
CA VAL D 462 -4.15 -9.24 -18.35
C VAL D 462 -5.07 -9.83 -17.28
N VAL D 463 -6.33 -9.98 -17.65
CA VAL D 463 -7.38 -10.42 -16.73
C VAL D 463 -7.32 -11.87 -16.20
N SER D 464 -6.89 -12.83 -17.01
CA SER D 464 -6.82 -14.23 -16.57
C SER D 464 -6.40 -14.32 -15.10
N SER D 465 -5.62 -13.34 -14.66
CA SER D 465 -5.31 -13.13 -13.25
C SER D 465 -6.51 -12.58 -12.47
N TRP D 466 -6.85 -11.31 -12.69
CA TRP D 466 -7.89 -10.61 -11.90
C TRP D 466 -9.23 -11.37 -11.79
N THR D 467 -9.40 -12.40 -12.62
CA THR D 467 -10.47 -13.39 -12.44
C THR D 467 -9.91 -14.79 -12.69
N ALA D 475 -17.75 -17.63 -25.36
CA ALA D 475 -16.46 -18.12 -25.83
C ALA D 475 -16.43 -19.63 -25.89
N GLN D 476 -16.11 -20.18 -27.05
CA GLN D 476 -16.25 -21.62 -27.33
C GLN D 476 -16.22 -22.55 -26.09
N THR D 477 -15.04 -22.92 -25.57
CA THR D 477 -15.03 -23.84 -24.42
C THR D 477 -15.20 -23.11 -23.09
N GLU D 478 -16.03 -22.08 -23.09
CA GLU D 478 -16.62 -21.55 -21.87
C GLU D 478 -18.15 -21.63 -21.84
N THR D 479 -18.76 -21.61 -23.02
CA THR D 479 -20.17 -21.89 -23.12
C THR D 479 -20.27 -23.39 -23.38
N ASP D 480 -19.15 -24.01 -23.75
CA ASP D 480 -19.19 -25.45 -24.05
C ASP D 480 -19.24 -26.19 -22.73
N LYS D 481 -18.62 -25.57 -21.73
CA LYS D 481 -18.77 -26.06 -20.37
C LYS D 481 -20.27 -26.06 -20.03
N LEU D 482 -20.98 -25.07 -20.55
CA LEU D 482 -22.40 -24.94 -20.27
C LEU D 482 -23.30 -25.90 -21.08
N LEU D 483 -23.22 -25.82 -22.41
CA LEU D 483 -24.02 -26.70 -23.26
C LEU D 483 -23.78 -28.15 -22.91
N ASN D 484 -22.52 -28.45 -22.59
CA ASN D 484 -22.07 -29.83 -22.30
C ASN D 484 -21.91 -30.11 -20.82
N MET D 485 -22.47 -29.25 -19.99
CA MET D 485 -22.41 -29.43 -18.56
C MET D 485 -22.77 -30.83 -18.08
N GLU D 486 -23.84 -31.37 -18.61
CA GLU D 486 -24.28 -32.69 -18.18
C GLU D 486 -23.17 -33.72 -18.42
N ASN D 487 -22.60 -33.73 -19.62
CA ASN D 487 -21.50 -34.63 -19.95
C ASN D 487 -20.42 -34.51 -18.89
N ILE D 488 -20.28 -33.29 -18.40
CA ILE D 488 -19.18 -32.86 -17.54
C ILE D 488 -19.43 -33.20 -16.07
N LEU D 489 -20.63 -32.89 -15.62
CA LEU D 489 -21.04 -33.27 -14.28
C LEU D 489 -21.20 -34.78 -14.16
N HIS D 490 -21.52 -35.44 -15.27
CA HIS D 490 -21.76 -36.87 -15.27
C HIS D 490 -20.48 -37.65 -15.04
N SER D 491 -19.35 -37.08 -15.43
CA SER D 491 -18.09 -37.78 -15.35
C SER D 491 -17.57 -37.77 -13.92
N ARG D 492 -18.30 -37.13 -13.02
CA ARG D 492 -17.89 -36.96 -11.62
C ARG D 492 -18.99 -37.46 -10.71
N VAL D 493 -20.24 -37.22 -11.13
CA VAL D 493 -21.42 -37.66 -10.42
C VAL D 493 -22.16 -38.83 -11.11
N ILE D 494 -22.23 -39.97 -10.43
CA ILE D 494 -22.68 -41.21 -11.03
C ILE D 494 -24.06 -41.54 -10.54
N GLY D 495 -24.86 -42.13 -11.41
CA GLY D 495 -26.28 -42.20 -11.17
C GLY D 495 -26.73 -40.76 -11.26
N GLN D 496 -27.76 -40.43 -10.48
CA GLN D 496 -28.23 -39.04 -10.37
C GLN D 496 -28.43 -38.20 -11.66
N ASP D 497 -28.80 -38.79 -12.79
CA ASP D 497 -29.10 -38.01 -13.99
C ASP D 497 -30.33 -37.13 -13.77
N GLU D 498 -31.30 -37.63 -13.01
CA GLU D 498 -32.47 -36.84 -12.66
C GLU D 498 -31.98 -35.47 -12.15
N ALA D 499 -31.09 -35.47 -11.14
CA ALA D 499 -30.53 -34.23 -10.57
C ALA D 499 -29.66 -33.36 -11.48
N VAL D 500 -28.66 -33.96 -12.11
CA VAL D 500 -27.76 -33.25 -13.02
C VAL D 500 -28.47 -32.42 -14.09
N VAL D 501 -29.44 -33.01 -14.78
CA VAL D 501 -30.10 -32.30 -15.85
C VAL D 501 -30.90 -31.12 -15.35
N ALA D 502 -31.43 -31.25 -14.13
CA ALA D 502 -32.18 -30.16 -13.53
C ALA D 502 -31.25 -28.98 -13.25
N VAL D 503 -30.12 -29.27 -12.61
CA VAL D 503 -29.09 -28.25 -12.35
C VAL D 503 -28.45 -27.67 -13.61
N ALA D 504 -27.94 -28.52 -14.50
CA ALA D 504 -27.47 -28.07 -15.79
C ALA D 504 -28.36 -26.99 -16.42
N LYS D 505 -29.65 -27.29 -16.51
CA LYS D 505 -30.59 -26.44 -17.20
C LYS D 505 -30.83 -25.15 -16.45
N ALA D 506 -30.76 -25.22 -15.12
CA ALA D 506 -31.04 -24.07 -14.26
C ALA D 506 -29.92 -23.07 -14.31
N VAL D 507 -28.71 -23.59 -14.30
CA VAL D 507 -27.53 -22.78 -14.36
C VAL D 507 -27.53 -22.14 -15.72
N ARG D 508 -27.75 -22.95 -16.72
CA ARG D 508 -27.80 -22.50 -18.08
C ARG D 508 -28.90 -21.45 -18.30
N ARG D 509 -30.00 -21.53 -17.54
CA ARG D 509 -31.02 -20.50 -17.62
C ARG D 509 -30.46 -19.20 -17.10
N ALA D 510 -30.07 -19.19 -15.84
CA ALA D 510 -29.55 -18.01 -15.17
C ALA D 510 -28.35 -17.45 -15.92
N ARG D 511 -27.44 -18.34 -16.28
CA ARG D 511 -26.18 -17.98 -16.94
C ARG D 511 -26.38 -17.46 -18.39
N ALA D 512 -27.63 -17.41 -18.85
CA ALA D 512 -27.91 -17.04 -20.24
C ALA D 512 -28.68 -15.74 -20.34
N GLY D 513 -29.01 -15.16 -19.19
CA GLY D 513 -29.60 -13.82 -19.19
C GLY D 513 -31.00 -13.73 -18.64
N LEU D 514 -31.61 -14.88 -18.40
CA LEU D 514 -33.02 -14.93 -18.07
C LEU D 514 -33.32 -14.62 -16.62
N LYS D 515 -32.64 -15.25 -15.67
CA LYS D 515 -32.91 -14.96 -14.26
C LYS D 515 -32.36 -13.56 -13.87
N ASP D 516 -32.93 -12.97 -12.83
CA ASP D 516 -32.48 -11.65 -12.32
C ASP D 516 -31.10 -11.77 -11.67
N PRO D 517 -30.14 -10.96 -12.17
CA PRO D 517 -28.72 -11.00 -11.79
C PRO D 517 -28.41 -10.75 -10.32
N LYS D 518 -29.25 -10.00 -9.61
CA LYS D 518 -29.02 -9.67 -8.20
C LYS D 518 -29.20 -10.89 -7.29
N ARG D 519 -29.98 -11.86 -7.77
CA ARG D 519 -30.18 -13.17 -7.10
C ARG D 519 -29.08 -14.15 -7.46
N PRO D 520 -28.79 -15.10 -6.55
CA PRO D 520 -27.73 -16.06 -6.85
C PRO D 520 -27.89 -16.63 -8.24
N ILE D 521 -26.80 -17.17 -8.76
CA ILE D 521 -26.81 -17.92 -10.01
C ILE D 521 -27.85 -19.05 -9.94
N GLY D 522 -27.93 -19.71 -8.77
CA GLY D 522 -28.81 -20.84 -8.56
C GLY D 522 -29.13 -21.04 -7.10
N SER D 523 -30.39 -21.29 -6.81
CA SER D 523 -30.83 -21.62 -5.45
C SER D 523 -31.43 -23.01 -5.55
N PHE D 524 -30.82 -24.00 -4.92
CA PHE D 524 -31.36 -25.36 -4.94
C PHE D 524 -31.54 -25.96 -3.56
N ILE D 525 -32.38 -26.99 -3.49
CA ILE D 525 -32.46 -27.86 -2.32
C ILE D 525 -32.20 -29.29 -2.76
N PHE D 526 -31.27 -29.97 -2.09
CA PHE D 526 -30.91 -31.31 -2.48
C PHE D 526 -31.53 -32.28 -1.48
N LEU D 527 -32.49 -33.07 -1.96
CA LEU D 527 -33.17 -34.02 -1.09
C LEU D 527 -32.70 -35.40 -1.46
N GLY D 528 -32.79 -36.30 -0.49
CA GLY D 528 -32.30 -37.62 -0.73
C GLY D 528 -31.47 -38.13 0.43
N PRO D 529 -31.11 -39.41 0.35
CA PRO D 529 -30.32 -40.13 1.34
C PRO D 529 -28.86 -39.69 1.33
N THR D 530 -28.11 -40.14 2.33
CA THR D 530 -26.75 -39.70 2.53
C THR D 530 -25.80 -40.47 1.67
N GLY D 531 -24.73 -39.80 1.22
CA GLY D 531 -23.67 -40.47 0.51
C GLY D 531 -24.11 -40.87 -0.88
N VAL D 532 -25.05 -40.13 -1.43
CA VAL D 532 -25.56 -40.42 -2.76
C VAL D 532 -24.89 -39.55 -3.83
N GLY D 533 -24.57 -38.32 -3.46
CA GLY D 533 -23.89 -37.40 -4.36
C GLY D 533 -24.21 -35.96 -4.03
N LYS D 534 -24.90 -35.73 -2.91
CA LYS D 534 -25.37 -34.38 -2.60
C LYS D 534 -24.17 -33.44 -2.69
N THR D 535 -23.23 -33.58 -1.76
CA THR D 535 -21.99 -32.79 -1.79
C THR D 535 -21.20 -32.95 -3.08
N GLU D 536 -20.95 -34.18 -3.47
CA GLU D 536 -20.25 -34.47 -4.72
C GLU D 536 -20.72 -33.65 -5.92
N LEU D 537 -22.00 -33.39 -6.05
CA LEU D 537 -22.46 -32.58 -7.17
C LEU D 537 -22.05 -31.13 -6.91
N ALA D 538 -22.13 -30.69 -5.66
CA ALA D 538 -21.71 -29.33 -5.31
C ALA D 538 -20.25 -29.06 -5.66
N ARG D 539 -19.37 -30.02 -5.39
CA ARG D 539 -17.99 -29.93 -5.84
C ARG D 539 -17.94 -29.78 -7.35
N ALA D 540 -18.41 -30.80 -8.07
CA ALA D 540 -18.36 -30.81 -9.51
C ALA D 540 -18.90 -29.52 -10.12
N LEU D 541 -19.81 -28.87 -9.41
CA LEU D 541 -20.38 -27.60 -9.86
C LEU D 541 -19.35 -26.50 -9.73
N ALA D 542 -18.83 -26.34 -8.51
CA ALA D 542 -17.68 -25.49 -8.25
C ALA D 542 -16.55 -25.68 -9.28
N GLU D 543 -16.07 -26.89 -9.43
CA GLU D 543 -15.03 -27.16 -10.43
C GLU D 543 -15.41 -26.70 -11.84
N SER D 544 -16.60 -27.05 -12.30
CA SER D 544 -17.00 -26.79 -13.68
C SER D 544 -17.33 -25.32 -13.89
N ILE D 545 -18.08 -24.76 -12.94
CA ILE D 545 -18.62 -23.38 -13.03
C ILE D 545 -17.64 -22.32 -12.55
N PHE D 546 -17.01 -22.59 -11.42
CA PHE D 546 -16.12 -21.61 -10.82
C PHE D 546 -14.63 -21.97 -11.00
N GLY D 547 -14.32 -23.12 -11.59
CA GLY D 547 -12.91 -23.44 -11.86
C GLY D 547 -12.14 -24.28 -10.85
N ASP D 548 -12.63 -24.40 -9.62
CA ASP D 548 -11.87 -25.03 -8.54
C ASP D 548 -12.73 -25.92 -7.63
N GLU D 549 -12.52 -27.23 -7.67
CA GLU D 549 -13.35 -28.17 -6.92
C GLU D 549 -13.42 -27.85 -5.43
N GLU D 550 -12.93 -26.68 -5.09
CA GLU D 550 -12.60 -26.37 -3.71
C GLU D 550 -13.04 -24.98 -3.34
N SER D 551 -13.60 -24.30 -4.34
CA SER D 551 -14.18 -22.99 -4.14
C SER D 551 -15.58 -23.16 -3.60
N MET D 552 -15.65 -23.69 -2.38
CA MET D 552 -16.91 -24.13 -1.83
C MET D 552 -16.95 -23.93 -0.34
N ILE D 553 -17.87 -23.08 0.05
CA ILE D 553 -18.17 -22.81 1.44
C ILE D 553 -19.15 -23.87 1.93
N ARG D 554 -19.01 -24.32 3.17
CA ARG D 554 -19.85 -25.39 3.64
C ARG D 554 -20.15 -25.21 5.11
N ILE D 555 -21.38 -24.82 5.41
CA ILE D 555 -21.87 -24.69 6.79
C ILE D 555 -22.69 -25.92 7.22
N ASP D 556 -22.70 -26.20 8.52
CA ASP D 556 -23.41 -27.34 9.08
C ASP D 556 -24.45 -26.79 10.02
N MET D 557 -25.69 -26.82 9.57
CA MET D 557 -26.78 -26.15 10.25
C MET D 557 -27.13 -26.73 11.62
N SER D 558 -26.49 -27.85 11.97
CA SER D 558 -26.56 -28.37 13.33
C SER D 558 -26.14 -27.26 14.27
N GLU D 559 -25.20 -26.43 13.81
CA GLU D 559 -24.62 -25.38 14.63
C GLU D 559 -25.60 -24.22 14.89
N TYR D 560 -26.64 -24.10 14.07
CA TYR D 560 -27.51 -22.92 14.14
C TYR D 560 -28.94 -23.23 14.55
N MET D 561 -29.13 -24.13 15.50
CA MET D 561 -30.49 -24.55 15.90
C MET D 561 -31.20 -23.58 16.87
N GLU D 562 -30.46 -22.69 17.54
CA GLU D 562 -31.08 -21.79 18.53
C GLU D 562 -31.21 -20.30 18.11
N LYS D 563 -31.83 -19.48 18.96
CA LYS D 563 -32.06 -18.06 18.63
C LYS D 563 -30.74 -17.32 18.47
N HIS D 564 -29.64 -18.01 18.77
CA HIS D 564 -28.35 -17.56 18.28
C HIS D 564 -28.15 -18.03 16.83
N SER D 565 -28.71 -17.24 15.93
CA SER D 565 -28.60 -17.52 14.51
C SER D 565 -27.96 -16.30 13.87
N THR D 566 -26.70 -16.07 14.19
CA THR D 566 -25.99 -14.97 13.58
C THR D 566 -24.85 -15.47 12.73
N SER D 567 -25.15 -15.57 11.43
CA SER D 567 -24.13 -15.77 10.42
C SER D 567 -23.70 -14.39 9.96
N LEU D 571 -20.49 -17.25 8.34
CA LEU D 571 -20.91 -17.39 6.94
C LEU D 571 -20.50 -16.22 6.05
N THR D 572 -20.98 -15.03 6.44
CA THR D 572 -20.79 -13.82 5.64
C THR D 572 -19.30 -13.48 5.46
N GLU D 573 -18.48 -13.93 6.41
CA GLU D 573 -17.04 -13.85 6.25
C GLU D 573 -16.60 -14.70 5.05
N LYS D 574 -16.88 -16.01 5.10
CA LYS D 574 -16.41 -16.91 4.05
C LYS D 574 -16.90 -16.45 2.65
N VAL D 575 -18.04 -15.76 2.63
CA VAL D 575 -18.64 -15.29 1.36
C VAL D 575 -18.05 -13.97 0.89
N ARG D 576 -17.62 -13.18 1.86
CA ARG D 576 -16.82 -12.00 1.58
C ARG D 576 -15.46 -12.50 1.07
N ARG D 577 -14.91 -13.53 1.73
CA ARG D 577 -13.63 -14.12 1.32
C ARG D 577 -13.65 -14.50 -0.16
N LYS D 578 -14.40 -15.56 -0.50
CA LYS D 578 -14.63 -15.96 -1.89
C LYS D 578 -16.09 -15.70 -2.24
N PRO D 579 -16.36 -14.59 -2.95
CA PRO D 579 -17.75 -14.26 -3.29
C PRO D 579 -18.24 -15.04 -4.52
N TYR D 580 -17.35 -15.87 -5.07
CA TYR D 580 -17.62 -16.75 -6.22
C TYR D 580 -17.42 -18.19 -5.81
N SER D 581 -18.45 -18.79 -5.20
CA SER D 581 -18.31 -20.14 -4.67
C SER D 581 -19.64 -20.80 -4.38
N VAL D 582 -19.70 -22.10 -4.64
CA VAL D 582 -20.86 -22.90 -4.23
C VAL D 582 -21.01 -22.80 -2.72
N VAL D 583 -22.13 -22.26 -2.28
CA VAL D 583 -22.38 -22.15 -0.85
C VAL D 583 -23.28 -23.30 -0.43
N LEU D 584 -22.75 -24.21 0.37
CA LEU D 584 -23.43 -25.44 0.66
C LEU D 584 -23.83 -25.50 2.13
N LEU D 585 -25.13 -25.41 2.41
CA LEU D 585 -25.63 -25.53 3.79
C LEU D 585 -26.23 -26.90 4.00
N ASP D 586 -25.57 -27.72 4.81
CA ASP D 586 -26.01 -29.09 5.00
C ASP D 586 -27.15 -29.17 6.01
N ALA D 587 -28.13 -30.02 5.71
CA ALA D 587 -29.20 -30.27 6.64
C ALA D 587 -29.85 -28.98 7.16
N ILE D 588 -30.59 -28.25 6.31
CA ILE D 588 -31.35 -27.08 6.76
C ILE D 588 -32.57 -27.34 7.62
N GLU D 589 -32.96 -28.62 7.75
CA GLU D 589 -34.13 -28.95 8.54
C GLU D 589 -33.90 -28.57 9.99
N LYS D 590 -32.62 -28.37 10.34
CA LYS D 590 -32.22 -28.17 11.73
C LYS D 590 -32.29 -26.71 12.16
N ALA D 591 -32.08 -25.80 11.22
CA ALA D 591 -32.06 -24.37 11.53
C ALA D 591 -33.30 -23.85 12.24
N HIS D 592 -33.07 -22.88 13.13
CA HIS D 592 -34.12 -22.11 13.79
C HIS D 592 -34.86 -21.34 12.70
N PRO D 593 -36.19 -21.39 12.70
CA PRO D 593 -36.91 -20.71 11.62
C PRO D 593 -36.49 -19.23 11.44
N ASP D 594 -35.80 -18.67 12.43
CA ASP D 594 -35.17 -17.36 12.29
C ASP D 594 -34.36 -17.31 11.02
N VAL D 595 -33.38 -18.22 10.96
CA VAL D 595 -32.42 -18.38 9.85
C VAL D 595 -33.07 -18.20 8.47
N PHE D 596 -34.27 -18.74 8.33
CA PHE D 596 -34.95 -18.72 7.06
C PHE D 596 -35.29 -17.29 6.64
N ASN D 597 -35.61 -16.44 7.61
CA ASN D 597 -35.84 -15.03 7.36
C ASN D 597 -34.63 -14.37 6.70
N ILE D 598 -33.47 -14.89 7.06
CA ILE D 598 -32.21 -14.38 6.55
C ILE D 598 -31.97 -14.92 5.14
N LEU D 599 -31.93 -16.24 5.02
CA LEU D 599 -31.77 -16.92 3.71
C LEU D 599 -32.76 -16.35 2.72
N LEU D 600 -33.96 -16.12 3.23
CA LEU D 600 -35.03 -15.59 2.42
C LEU D 600 -34.55 -14.29 1.80
N GLN D 601 -33.96 -13.43 2.62
CA GLN D 601 -33.44 -12.15 2.13
C GLN D 601 -32.36 -12.38 1.07
N VAL D 602 -31.61 -13.46 1.23
CA VAL D 602 -30.57 -13.81 0.27
C VAL D 602 -31.16 -14.24 -1.06
N LEU D 603 -32.17 -15.10 -0.98
CA LEU D 603 -32.83 -15.62 -2.17
C LEU D 603 -33.49 -14.51 -2.97
N GLU D 604 -34.22 -13.65 -2.27
CA GLU D 604 -34.83 -12.46 -2.87
C GLU D 604 -33.84 -11.46 -3.49
N ASP D 605 -32.91 -10.96 -2.66
CA ASP D 605 -32.03 -9.89 -3.06
C ASP D 605 -30.60 -10.34 -3.32
N GLY D 606 -30.22 -11.50 -2.80
CA GLY D 606 -28.89 -12.00 -3.01
C GLY D 606 -27.89 -11.06 -2.36
N ARG D 607 -28.20 -10.67 -1.13
CA ARG D 607 -27.48 -9.63 -0.44
C ARG D 607 -27.82 -9.67 1.05
N LEU D 608 -26.84 -9.37 1.90
CA LEU D 608 -27.06 -9.26 3.34
C LEU D 608 -26.49 -7.94 3.89
N THR D 609 -26.86 -7.51 5.09
CA THR D 609 -26.52 -6.13 5.42
C THR D 609 -25.84 -5.79 6.77
N THR D 615 -22.35 -5.67 4.68
CA THR D 615 -23.39 -5.84 3.66
C THR D 615 -22.97 -6.71 2.43
N VAL D 616 -22.93 -8.04 2.66
CA VAL D 616 -22.33 -9.03 1.76
C VAL D 616 -23.08 -9.25 0.43
N ASP D 617 -22.39 -9.85 -0.55
CA ASP D 617 -22.98 -10.10 -1.86
C ASP D 617 -22.94 -11.56 -2.35
N PHE D 618 -24.09 -12.05 -2.82
CA PHE D 618 -24.24 -13.45 -3.25
C PHE D 618 -24.56 -13.63 -4.73
N ARG D 619 -24.80 -12.52 -5.45
CA ARG D 619 -25.23 -12.62 -6.85
C ARG D 619 -24.35 -13.57 -7.68
N ASN D 620 -23.22 -13.99 -7.10
CA ASN D 620 -22.26 -14.82 -7.79
C ASN D 620 -22.10 -16.19 -7.18
N THR D 621 -22.87 -16.47 -6.13
CA THR D 621 -22.81 -17.79 -5.50
C THR D 621 -23.76 -18.74 -6.19
N ILE D 622 -23.67 -20.02 -5.81
CA ILE D 622 -24.62 -21.05 -6.23
C ILE D 622 -25.01 -21.74 -4.95
N LEU D 623 -26.14 -21.29 -4.38
CA LEU D 623 -26.62 -21.79 -3.10
C LEU D 623 -27.27 -23.18 -3.19
N ILE D 624 -26.83 -24.09 -2.32
CA ILE D 624 -27.30 -25.46 -2.33
C ILE D 624 -27.52 -25.85 -0.88
N MET D 625 -28.73 -26.31 -0.59
CA MET D 625 -29.08 -26.62 0.77
C MET D 625 -29.58 -28.03 0.78
N THR D 626 -29.03 -28.86 1.66
CA THR D 626 -29.36 -30.27 1.65
C THR D 626 -30.29 -30.61 2.80
N SER D 627 -30.87 -31.80 2.78
CA SER D 627 -31.85 -32.17 3.79
C SER D 627 -32.28 -33.60 3.69
N ASN D 628 -32.76 -34.11 4.82
CA ASN D 628 -33.15 -35.51 4.90
C ASN D 628 -34.66 -35.64 4.79
N VAL D 629 -35.30 -34.50 4.60
CA VAL D 629 -36.76 -34.43 4.57
C VAL D 629 -37.45 -35.48 3.68
N GLY D 630 -36.91 -35.74 2.51
CA GLY D 630 -37.42 -36.87 1.73
C GLY D 630 -36.95 -38.19 2.32
N ALA D 631 -35.65 -38.42 2.20
CA ALA D 631 -34.97 -39.57 2.77
C ALA D 631 -35.77 -40.84 2.86
N SER D 632 -36.34 -41.07 4.04
CA SER D 632 -37.10 -42.29 4.35
C SER D 632 -37.85 -42.79 3.12
N GLU D 633 -38.55 -41.86 2.48
CA GLU D 633 -39.19 -42.17 1.20
C GLU D 633 -38.20 -42.62 0.13
N LYS D 634 -41.78 -39.18 -5.85
CA LYS D 634 -41.46 -37.76 -6.00
C LYS D 634 -42.61 -36.93 -5.42
N ASP D 635 -43.76 -37.56 -5.25
CA ASP D 635 -44.96 -36.87 -4.75
C ASP D 635 -45.11 -36.97 -3.25
N LYS D 636 -44.86 -38.15 -2.69
CA LYS D 636 -45.00 -38.32 -1.25
C LYS D 636 -43.97 -37.45 -0.59
N VAL D 637 -42.91 -37.18 -1.35
CA VAL D 637 -41.76 -36.40 -0.87
C VAL D 637 -42.00 -34.90 -0.89
N MET D 638 -42.21 -34.34 -2.08
CA MET D 638 -42.57 -32.94 -2.18
C MET D 638 -43.63 -32.56 -1.15
N GLY D 639 -44.25 -33.56 -0.53
CA GLY D 639 -45.26 -33.34 0.47
C GLY D 639 -44.64 -33.09 1.83
N GLU D 640 -43.77 -34.00 2.26
CA GLU D 640 -43.06 -33.85 3.53
C GLU D 640 -42.28 -32.54 3.55
N LEU D 641 -41.87 -32.09 2.37
CA LEU D 641 -41.18 -30.81 2.21
C LEU D 641 -42.08 -29.59 2.48
N LYS D 642 -43.25 -29.51 1.84
CA LYS D 642 -44.19 -28.41 2.07
C LYS D 642 -44.60 -28.30 3.54
N ARG D 643 -44.51 -29.42 4.26
CA ARG D 643 -44.92 -29.49 5.66
C ARG D 643 -43.79 -29.14 6.61
N ALA D 644 -42.55 -29.31 6.14
CA ALA D 644 -41.34 -29.02 6.94
C ALA D 644 -40.82 -27.58 6.78
N PHE D 645 -41.01 -26.98 5.61
CA PHE D 645 -40.56 -25.62 5.38
C PHE D 645 -41.67 -24.63 5.06
N ARG D 646 -41.58 -23.48 5.70
CA ARG D 646 -42.42 -22.33 5.39
C ARG D 646 -42.46 -22.20 3.88
N PRO D 647 -43.66 -21.98 3.34
CA PRO D 647 -43.85 -21.90 1.88
C PRO D 647 -43.22 -20.68 1.25
N GLU D 648 -43.31 -19.54 1.93
CA GLU D 648 -42.68 -18.30 1.45
C GLU D 648 -41.26 -18.62 0.96
N PHE D 649 -40.62 -19.56 1.66
CA PHE D 649 -39.22 -19.96 1.45
C PHE D 649 -39.07 -20.92 0.27
N ILE D 650 -39.72 -22.08 0.35
CA ILE D 650 -39.70 -23.08 -0.70
C ILE D 650 -39.98 -22.49 -2.10
N ASN D 651 -40.68 -21.36 -2.11
CA ASN D 651 -41.17 -20.81 -3.36
C ASN D 651 -40.18 -19.88 -4.01
N ARG D 652 -39.20 -19.43 -3.24
CA ARG D 652 -38.19 -18.54 -3.77
C ARG D 652 -36.92 -19.30 -4.14
N ILE D 653 -36.98 -20.62 -4.01
CA ILE D 653 -35.86 -21.49 -4.39
C ILE D 653 -35.99 -21.86 -5.86
N ASP D 654 -34.92 -21.63 -6.62
CA ASP D 654 -34.95 -21.88 -8.06
C ASP D 654 -35.49 -23.28 -8.41
N GLU D 655 -35.08 -24.31 -7.68
CA GLU D 655 -35.42 -25.70 -8.05
C GLU D 655 -35.18 -26.74 -6.95
N ILE D 656 -36.11 -27.68 -6.84
CA ILE D 656 -35.99 -28.76 -5.86
C ILE D 656 -35.45 -30.03 -6.51
N ILE D 657 -34.23 -30.40 -6.13
CA ILE D 657 -33.53 -31.50 -6.77
C ILE D 657 -33.66 -32.77 -5.93
N VAL D 658 -33.99 -33.90 -6.57
CA VAL D 658 -34.16 -35.15 -5.86
C VAL D 658 -33.07 -36.17 -6.20
N PHE D 659 -32.47 -36.70 -5.14
CA PHE D 659 -31.40 -37.65 -5.26
C PHE D 659 -31.95 -39.02 -4.92
N HIS D 660 -32.01 -39.89 -5.92
CA HIS D 660 -32.44 -41.27 -5.70
C HIS D 660 -31.28 -42.03 -5.04
N GLU D 663 -26.87 -47.54 -8.53
CA GLU D 663 -26.71 -48.80 -9.21
C GLU D 663 -25.33 -49.38 -8.93
N LYS D 664 -25.23 -50.69 -8.94
CA LYS D 664 -23.95 -51.35 -8.80
C LYS D 664 -22.87 -50.56 -9.53
N LYS D 665 -23.14 -50.20 -10.77
CA LYS D 665 -22.14 -49.63 -11.66
C LYS D 665 -21.71 -48.26 -11.21
N HIS D 666 -22.53 -47.63 -10.38
CA HIS D 666 -22.24 -46.32 -9.83
C HIS D 666 -21.34 -46.50 -8.64
N LEU D 667 -21.65 -47.46 -7.77
CA LEU D 667 -20.77 -47.78 -6.65
C LEU D 667 -19.36 -47.95 -7.20
N THR D 668 -19.18 -48.94 -8.05
CA THR D 668 -17.87 -49.19 -8.60
C THR D 668 -17.32 -47.98 -9.36
N GLU D 669 -18.17 -47.09 -9.84
CA GLU D 669 -17.63 -45.88 -10.46
C GLU D 669 -17.03 -45.01 -9.36
N ILE D 670 -17.66 -45.02 -8.19
CA ILE D 670 -17.19 -44.28 -7.02
C ILE D 670 -15.88 -44.87 -6.47
N VAL D 671 -15.92 -46.13 -6.08
CA VAL D 671 -14.71 -46.83 -5.67
C VAL D 671 -13.54 -46.43 -6.54
N SER D 672 -13.79 -46.21 -7.82
CA SER D 672 -12.71 -45.90 -8.74
C SER D 672 -12.23 -44.50 -8.54
N LEU D 673 -13.16 -43.57 -8.41
CA LEU D 673 -12.83 -42.16 -8.13
C LEU D 673 -11.94 -42.09 -6.90
N MET D 674 -12.41 -42.68 -5.81
CA MET D 674 -11.69 -42.77 -4.56
C MET D 674 -10.34 -43.44 -4.78
N SER D 675 -10.35 -44.63 -5.35
CA SER D 675 -9.12 -45.35 -5.63
C SER D 675 -8.12 -44.54 -6.44
N ASP D 676 -8.61 -43.66 -7.30
CA ASP D 676 -7.70 -42.87 -8.13
C ASP D 676 -7.05 -41.75 -7.33
N GLN D 677 -7.85 -41.10 -6.50
CA GLN D 677 -7.32 -40.09 -5.59
C GLN D 677 -6.17 -40.67 -4.79
N LEU D 678 -6.28 -41.96 -4.47
CA LEU D 678 -5.30 -42.66 -3.67
C LEU D 678 -4.08 -42.92 -4.50
N THR D 679 -4.22 -43.71 -5.56
CA THR D 679 -3.07 -44.09 -6.38
C THR D 679 -2.21 -42.90 -6.81
N LYS D 680 -2.79 -41.70 -6.78
CA LYS D 680 -2.07 -40.45 -7.08
C LYS D 680 -1.25 -39.99 -5.89
N ARG D 681 -1.89 -39.97 -4.73
CA ARG D 681 -1.22 -39.53 -3.52
C ARG D 681 -0.12 -40.52 -3.07
N LEU D 682 -0.12 -41.73 -3.64
CA LEU D 682 0.94 -42.70 -3.35
C LEU D 682 2.07 -42.52 -4.34
N LYS D 683 1.75 -42.23 -5.58
CA LYS D 683 2.79 -42.01 -6.58
C LYS D 683 3.77 -40.96 -6.07
N GLU D 684 3.24 -40.01 -5.31
CA GLU D 684 4.07 -38.99 -4.68
C GLU D 684 5.06 -39.61 -3.70
N GLN D 685 4.61 -40.63 -2.96
CA GLN D 685 5.46 -41.36 -2.01
C GLN D 685 6.11 -42.57 -2.69
N ASP D 686 6.46 -42.39 -3.97
CA ASP D 686 7.18 -43.39 -4.76
C ASP D 686 6.48 -44.76 -4.78
N LEU D 687 5.18 -44.75 -4.50
CA LEU D 687 4.40 -45.98 -4.54
C LEU D 687 3.49 -46.01 -5.76
N SER D 688 3.69 -47.03 -6.59
CA SER D 688 2.88 -47.19 -7.79
C SER D 688 1.85 -48.29 -7.62
N ILE D 689 0.57 -47.93 -7.51
CA ILE D 689 -0.45 -48.95 -7.43
C ILE D 689 -1.54 -48.79 -8.49
N GLU D 690 -2.22 -49.90 -8.74
CA GLU D 690 -3.30 -49.97 -9.72
C GLU D 690 -4.33 -51.00 -9.23
N LEU D 691 -5.60 -50.65 -9.28
CA LEU D 691 -6.65 -51.65 -9.12
C LEU D 691 -7.22 -52.10 -10.47
N THR D 692 -7.39 -53.41 -10.60
CA THR D 692 -8.07 -53.97 -11.75
C THR D 692 -9.54 -53.67 -11.61
N ASP D 693 -10.25 -53.63 -12.73
CA ASP D 693 -11.69 -53.37 -12.67
C ASP D 693 -12.37 -54.47 -11.83
N ALA D 694 -11.78 -55.66 -11.87
CA ALA D 694 -12.29 -56.77 -11.07
C ALA D 694 -12.26 -56.47 -9.59
N ALA D 695 -11.24 -55.71 -9.15
CA ALA D 695 -11.02 -55.40 -7.73
C ALA D 695 -11.95 -54.31 -7.25
N LYS D 696 -12.17 -53.30 -8.09
CA LYS D 696 -13.06 -52.21 -7.70
C LYS D 696 -14.47 -52.72 -7.58
N ALA D 697 -14.79 -53.73 -8.38
CA ALA D 697 -16.07 -54.40 -8.26
C ALA D 697 -16.20 -54.97 -6.86
N LYS D 698 -15.22 -55.76 -6.46
CA LYS D 698 -15.26 -56.40 -5.14
C LYS D 698 -15.29 -55.43 -3.96
N VAL D 699 -14.68 -54.26 -4.11
CA VAL D 699 -14.81 -53.27 -3.05
C VAL D 699 -16.24 -52.78 -3.04
N ALA D 700 -16.77 -52.49 -4.24
CA ALA D 700 -18.09 -51.88 -4.36
C ALA D 700 -19.17 -52.75 -3.71
N GLU D 701 -18.94 -54.06 -3.68
CA GLU D 701 -19.93 -54.98 -3.11
C GLU D 701 -20.32 -54.54 -1.71
N GLU D 702 -19.49 -53.64 -1.15
CA GLU D 702 -19.51 -53.35 0.27
C GLU D 702 -20.32 -52.10 0.53
N GLY D 703 -21.04 -51.66 -0.49
CA GLY D 703 -21.93 -50.52 -0.35
C GLY D 703 -23.20 -50.74 -1.13
N VAL D 704 -23.73 -51.94 -1.00
CA VAL D 704 -24.92 -52.29 -1.74
C VAL D 704 -26.11 -52.13 -0.83
N ASP D 705 -26.01 -52.70 0.34
CA ASP D 705 -27.05 -52.57 1.37
C ASP D 705 -27.68 -51.17 1.34
N LEU D 706 -28.89 -51.08 0.80
CA LEU D 706 -29.57 -49.81 0.58
C LEU D 706 -29.57 -48.96 1.84
N GLU D 707 -29.48 -49.64 2.97
CA GLU D 707 -29.60 -49.00 4.28
C GLU D 707 -28.50 -48.00 4.55
N TYR D 708 -27.27 -48.35 4.22
CA TYR D 708 -26.14 -47.51 4.55
C TYR D 708 -25.57 -46.83 3.31
N GLY D 709 -25.96 -47.30 2.14
CA GLY D 709 -25.57 -46.53 0.98
C GLY D 709 -24.13 -46.77 0.61
N ALA D 710 -23.45 -45.70 0.21
CA ALA D 710 -22.08 -45.80 -0.29
C ALA D 710 -21.06 -45.25 0.70
N ARG D 711 -21.47 -44.99 1.93
CA ARG D 711 -20.54 -44.55 2.99
C ARG D 711 -19.36 -45.51 3.14
N PRO D 712 -19.66 -46.79 3.39
CA PRO D 712 -18.69 -47.84 3.69
C PRO D 712 -17.50 -47.93 2.75
N LEU D 713 -17.57 -47.30 1.59
CA LEU D 713 -16.57 -47.54 0.57
C LEU D 713 -15.23 -46.97 0.96
N ARG D 714 -15.22 -45.77 1.54
CA ARG D 714 -13.95 -45.15 1.93
C ARG D 714 -13.20 -46.06 2.89
N ARG D 715 -13.84 -46.39 3.99
CA ARG D 715 -13.28 -47.34 4.94
C ARG D 715 -12.84 -48.67 4.31
N ALA D 716 -13.69 -49.28 3.52
CA ALA D 716 -13.42 -50.59 2.92
C ALA D 716 -12.30 -50.49 1.90
N ILE D 717 -12.09 -49.32 1.33
CA ILE D 717 -10.92 -49.12 0.48
C ILE D 717 -9.61 -49.12 1.31
N GLN D 718 -9.61 -48.41 2.43
CA GLN D 718 -8.44 -48.39 3.30
C GLN D 718 -8.14 -49.78 3.89
N LYS D 719 -9.19 -50.52 4.22
CA LYS D 719 -9.03 -51.86 4.72
C LYS D 719 -8.50 -52.86 3.68
N HIS D 720 -9.06 -52.86 2.48
CA HIS D 720 -8.75 -53.93 1.51
C HIS D 720 -7.57 -53.55 0.65
N VAL D 721 -7.27 -52.25 0.63
CA VAL D 721 -6.16 -51.70 -0.14
C VAL D 721 -5.03 -51.16 0.74
N GLU D 722 -5.29 -50.09 1.48
CA GLU D 722 -4.27 -49.51 2.36
C GLU D 722 -3.73 -50.55 3.36
N ASP D 723 -4.51 -50.88 4.39
CA ASP D 723 -4.11 -51.91 5.34
C ASP D 723 -3.38 -53.11 4.72
N ARG D 724 -3.90 -53.64 3.62
CA ARG D 724 -3.32 -54.83 2.99
C ARG D 724 -1.98 -54.58 2.33
N LEU D 725 -1.88 -53.49 1.58
CA LEU D 725 -0.58 -53.12 1.01
C LEU D 725 0.50 -52.91 2.09
N SER D 726 0.17 -52.23 3.19
CA SER D 726 1.11 -52.10 4.30
C SER D 726 1.58 -53.47 4.77
N GLU D 727 0.68 -54.21 5.41
CA GLU D 727 0.95 -55.60 5.81
C GLU D 727 1.73 -56.36 4.73
N GLU D 728 1.58 -55.97 3.48
CA GLU D 728 2.23 -56.73 2.42
C GLU D 728 3.64 -56.19 2.17
N LEU D 729 3.78 -54.88 2.27
CA LEU D 729 5.10 -54.24 2.15
C LEU D 729 6.00 -54.60 3.36
N LEU D 730 5.42 -54.51 4.55
CA LEU D 730 6.14 -54.82 5.79
C LEU D 730 6.56 -56.27 5.82
N ARG D 731 5.64 -57.21 5.57
CA ARG D 731 5.99 -58.64 5.52
C ARG D 731 7.07 -58.94 4.46
N GLY D 732 7.39 -57.94 3.64
CA GLY D 732 8.52 -58.04 2.71
C GLY D 732 8.23 -58.68 1.37
N ASN D 733 6.96 -58.66 0.99
CA ASN D 733 6.52 -59.31 -0.25
C ASN D 733 6.50 -58.36 -1.45
N ILE D 734 6.57 -57.06 -1.19
CA ILE D 734 6.54 -56.10 -2.30
C ILE D 734 7.58 -55.01 -2.20
N HIS D 735 8.62 -55.20 -3.01
CA HIS D 735 9.78 -54.37 -2.93
C HIS D 735 9.44 -53.03 -3.60
N LYS D 736 8.85 -52.15 -2.78
CA LYS D 736 8.35 -50.81 -3.18
C LYS D 736 9.04 -50.12 -4.33
N GLY D 737 8.29 -49.53 -5.24
CA GLY D 737 8.90 -48.88 -6.38
C GLY D 737 8.98 -49.89 -7.52
N GLN D 738 8.44 -51.07 -7.28
CA GLN D 738 7.98 -51.94 -8.36
C GLN D 738 6.50 -51.59 -8.56
N HIS D 739 5.87 -52.14 -9.60
CA HIS D 739 4.46 -51.82 -9.86
C HIS D 739 3.52 -52.84 -9.23
N ILE D 740 2.56 -52.32 -8.47
CA ILE D 740 1.78 -53.15 -7.58
C ILE D 740 0.31 -53.12 -7.98
N VAL D 741 -0.21 -54.29 -8.33
CA VAL D 741 -1.59 -54.42 -8.76
C VAL D 741 -2.44 -55.21 -7.78
N LEU D 742 -3.65 -54.71 -7.53
CA LEU D 742 -4.62 -55.40 -6.69
C LEU D 742 -5.69 -55.97 -7.59
N ASP D 743 -5.84 -57.29 -7.53
CA ASP D 743 -6.74 -58.00 -8.41
C ASP D 743 -7.54 -58.98 -7.56
N VAL D 744 -8.59 -59.54 -8.15
CA VAL D 744 -9.34 -60.62 -7.51
C VAL D 744 -9.03 -61.92 -8.23
N GLU D 745 -8.82 -63.01 -7.50
CA GLU D 745 -8.53 -64.29 -8.14
C GLU D 745 -9.73 -65.22 -8.00
N ASP D 746 -9.69 -66.12 -7.04
CA ASP D 746 -10.80 -67.03 -6.86
C ASP D 746 -11.85 -66.38 -5.97
N GLY D 747 -12.37 -65.25 -6.43
CA GLY D 747 -13.28 -64.45 -5.62
C GLY D 747 -12.62 -63.85 -4.38
N GLU D 748 -11.29 -63.89 -4.34
CA GLU D 748 -10.54 -63.36 -3.23
C GLU D 748 -9.51 -62.34 -3.73
N PHE D 749 -9.10 -61.42 -2.87
CA PHE D 749 -8.14 -60.40 -3.25
C PHE D 749 -6.74 -60.99 -3.38
N VAL D 750 -6.02 -60.52 -4.40
CA VAL D 750 -4.66 -60.98 -4.64
C VAL D 750 -3.75 -59.82 -5.03
N VAL D 751 -2.50 -59.84 -4.60
CA VAL D 751 -1.56 -58.78 -4.93
C VAL D 751 -0.49 -59.28 -5.91
N LYS D 752 -0.21 -58.50 -6.96
CA LYS D 752 0.69 -58.94 -8.03
C LYS D 752 1.72 -57.86 -8.37
N THR D 753 2.86 -58.30 -8.90
CA THR D 753 3.96 -57.40 -9.20
C THR D 753 4.42 -57.49 -10.66
N THR D 754 4.72 -56.35 -11.26
CA THR D 754 5.10 -56.30 -12.69
C THR D 754 6.05 -55.15 -13.05
N ALA D 755 6.83 -54.69 -12.08
CA ALA D 755 7.78 -53.58 -12.26
C ALA D 755 7.69 -52.88 -13.62
N GLN E 18 19.99 50.42 -31.91
CA GLN E 18 18.67 49.90 -31.55
C GLN E 18 18.24 48.78 -32.51
N LYS E 19 17.61 47.75 -31.95
CA LYS E 19 17.26 46.56 -32.73
C LYS E 19 16.12 46.82 -33.67
N LEU E 20 16.14 46.13 -34.81
CA LEU E 20 15.19 46.37 -35.87
C LEU E 20 14.54 45.08 -36.37
N GLN E 21 14.36 44.11 -35.49
CA GLN E 21 13.64 42.87 -35.83
C GLN E 21 12.94 42.29 -34.60
N PHE E 22 11.63 42.03 -34.69
CA PHE E 22 10.83 41.58 -33.53
C PHE E 22 9.92 40.37 -33.72
N VAL E 23 9.58 39.69 -32.63
CA VAL E 23 8.85 38.42 -32.68
C VAL E 23 7.66 38.56 -31.77
N LEU E 24 6.46 38.49 -32.34
CA LEU E 24 5.26 38.72 -31.57
C LEU E 24 4.33 37.51 -31.54
N ARG E 25 3.60 37.33 -30.46
CA ARG E 25 2.69 36.20 -30.29
C ARG E 25 1.25 36.68 -30.24
N PHE E 26 0.38 36.03 -31.00
CA PHE E 26 -1.03 36.37 -31.03
C PHE E 26 -1.76 35.30 -30.25
N GLY E 27 -2.80 35.66 -29.53
CA GLY E 27 -3.51 34.69 -28.73
C GLY E 27 -4.34 33.76 -29.58
N ASP E 28 -5.11 34.35 -30.49
CA ASP E 28 -5.88 33.59 -31.46
C ASP E 28 -5.54 34.04 -32.86
N PHE E 29 -5.70 33.18 -33.84
CA PHE E 29 -5.28 33.51 -35.19
C PHE E 29 -5.96 34.73 -35.74
N GLU E 30 -7.25 34.87 -35.46
CA GLU E 30 -7.98 35.96 -36.07
C GLU E 30 -7.30 37.29 -35.75
N ASP E 31 -6.60 37.35 -34.63
CA ASP E 31 -5.89 38.58 -34.30
C ASP E 31 -4.95 38.89 -35.46
N VAL E 32 -4.44 37.87 -36.13
CA VAL E 32 -3.45 38.10 -37.16
C VAL E 32 -4.11 38.66 -38.41
N ILE E 33 -5.24 38.07 -38.80
CA ILE E 33 -6.00 38.53 -39.97
C ILE E 33 -6.16 40.02 -39.77
N SER E 34 -6.64 40.38 -38.58
CA SER E 34 -6.94 41.77 -38.25
C SER E 34 -5.75 42.66 -38.55
N LEU E 35 -4.59 42.27 -38.04
CA LEU E 35 -3.37 43.03 -38.30
C LEU E 35 -3.13 43.18 -39.80
N SER E 36 -3.50 42.15 -40.55
CA SER E 36 -3.18 42.13 -41.96
C SER E 36 -3.89 43.26 -42.65
N LYS E 37 -5.12 43.52 -42.23
CA LYS E 37 -5.99 44.47 -42.89
C LYS E 37 -5.48 45.92 -42.89
N LEU E 38 -4.16 46.11 -42.70
CA LEU E 38 -3.57 47.45 -42.67
C LEU E 38 -2.45 47.65 -43.68
N ASN E 39 -1.41 48.36 -43.25
CA ASN E 39 -0.26 48.59 -44.11
C ASN E 39 1.01 48.07 -43.46
N VAL E 40 1.60 47.05 -44.06
CA VAL E 40 2.86 46.48 -43.57
C VAL E 40 3.99 47.49 -43.70
N ASN E 41 4.26 47.89 -44.93
CA ASN E 41 5.10 49.04 -45.20
C ASN E 41 6.59 48.87 -44.91
N GLY E 42 7.35 48.61 -45.97
CA GLY E 42 8.78 48.48 -45.87
C GLY E 42 9.12 47.44 -44.86
N SER E 43 8.17 46.54 -44.64
CA SER E 43 8.32 45.60 -43.56
C SER E 43 8.27 44.20 -44.08
N LYS E 44 9.42 43.54 -44.10
CA LYS E 44 9.47 42.12 -44.37
C LYS E 44 8.91 41.46 -43.13
N THR E 45 8.19 40.36 -43.29
CA THR E 45 7.54 39.68 -42.18
C THR E 45 7.23 38.20 -42.42
N THR E 46 7.37 37.38 -41.38
CA THR E 46 7.26 35.92 -41.51
C THR E 46 6.51 35.30 -40.35
N LEU E 47 5.72 34.26 -40.60
CA LEU E 47 4.75 33.80 -39.60
C LEU E 47 4.78 32.33 -39.26
N TYR E 48 5.01 32.05 -37.98
CA TYR E 48 5.16 30.69 -37.49
C TYR E 48 3.97 30.25 -36.63
N SER E 49 3.85 28.93 -36.44
CA SER E 49 2.86 28.33 -35.56
C SER E 49 3.62 27.47 -34.54
N PHE E 50 3.33 27.68 -33.26
CA PHE E 50 4.11 27.09 -32.18
C PHE E 50 3.39 27.14 -30.81
N GLU E 51 3.37 26.01 -30.11
CA GLU E 51 2.55 25.90 -28.91
C GLU E 51 1.10 26.30 -29.16
N ASN E 52 0.57 25.92 -30.32
CA ASN E 52 -0.79 26.27 -30.69
C ASN E 52 -1.05 27.76 -30.93
N ARG E 53 -0.24 28.61 -30.31
CA ARG E 53 -0.31 30.06 -30.51
C ARG E 53 0.55 30.46 -31.71
N TYR E 54 0.15 31.49 -32.45
CA TYR E 54 0.91 31.91 -33.64
C TYR E 54 1.84 33.07 -33.35
N TYR E 55 3.11 32.89 -33.63
CA TYR E 55 4.12 33.91 -33.47
C TYR E 55 4.27 34.58 -34.85
N LEU E 56 4.66 35.85 -34.91
CA LEU E 56 4.90 36.56 -36.18
C LEU E 56 6.19 37.39 -36.11
N TYR E 57 7.04 37.27 -37.11
CA TYR E 57 8.40 37.81 -37.04
C TYR E 57 8.61 38.94 -38.04
N VAL E 58 8.71 40.16 -37.50
CA VAL E 58 8.84 41.41 -38.23
C VAL E 58 10.28 41.93 -38.40
N ASP E 59 10.62 42.41 -39.60
CA ASP E 59 11.98 42.83 -39.93
C ASP E 59 11.99 44.14 -40.69
N PHE E 60 12.33 45.22 -39.99
CA PHE E 60 12.39 46.52 -40.63
C PHE E 60 13.74 46.72 -41.20
N CYS E 61 13.78 47.02 -42.49
CA CYS E 61 15.02 47.41 -43.13
C CYS E 61 15.11 48.91 -43.02
N ASN E 62 16.22 49.40 -42.49
CA ASN E 62 16.48 50.84 -42.44
C ASN E 62 15.26 51.68 -42.12
N MET E 63 15.14 52.07 -40.86
CA MET E 63 14.16 53.05 -40.43
C MET E 63 14.77 53.75 -39.26
N THR E 64 14.38 55.00 -39.06
CA THR E 64 14.87 55.74 -37.92
C THR E 64 14.34 55.08 -36.67
N ASP E 65 15.08 55.15 -35.58
CA ASP E 65 14.61 54.57 -34.34
C ASP E 65 13.24 55.13 -34.00
N GLU E 66 13.09 56.44 -34.11
CA GLU E 66 11.80 57.06 -33.85
C GLU E 66 10.76 56.39 -34.74
N GLU E 67 11.13 56.11 -35.98
CA GLU E 67 10.21 55.53 -36.96
C GLU E 67 9.82 54.11 -36.59
N VAL E 68 10.68 53.40 -35.87
CA VAL E 68 10.37 52.01 -35.55
C VAL E 68 9.66 51.88 -34.22
N GLU E 69 10.12 52.58 -33.21
CA GLU E 69 9.40 52.55 -31.95
C GLU E 69 7.97 52.94 -32.24
N ASN E 70 7.79 53.91 -33.13
CA ASN E 70 6.46 54.23 -33.63
C ASN E 70 5.74 52.99 -34.14
N GLN E 71 6.08 52.54 -35.36
CA GLN E 71 5.39 51.44 -36.03
C GLN E 71 5.10 50.29 -35.08
N LEU E 72 6.09 49.84 -34.33
CA LEU E 72 5.89 48.72 -33.41
C LEU E 72 4.71 48.95 -32.46
N SER E 73 4.47 50.21 -32.14
CA SER E 73 3.35 50.52 -31.30
C SER E 73 2.15 49.79 -31.85
N ILE E 74 1.77 50.15 -33.08
CA ILE E 74 0.56 49.61 -33.71
C ILE E 74 0.52 48.11 -33.51
N LEU E 75 1.60 47.44 -33.88
CA LEU E 75 1.58 46.01 -33.91
C LEU E 75 1.07 45.49 -32.59
N LEU E 76 1.51 46.10 -31.51
CA LEU E 76 1.14 45.53 -30.23
C LEU E 76 -0.24 45.95 -29.72
N GLU E 77 -1.05 46.57 -30.58
CA GLU E 77 -2.47 46.69 -30.33
C GLU E 77 -3.07 45.34 -30.65
N TYR E 78 -2.41 44.61 -31.54
CA TYR E 78 -2.88 43.31 -32.00
C TYR E 78 -2.09 42.09 -31.47
N ALA E 79 -0.86 42.31 -31.00
CA ALA E 79 -0.11 41.26 -30.32
C ALA E 79 0.53 41.69 -28.98
N THR E 80 1.41 40.82 -28.49
CA THR E 80 2.33 41.15 -27.42
C THR E 80 3.68 40.70 -27.94
N GLU E 81 4.77 41.04 -27.27
CA GLU E 81 6.14 40.81 -27.76
C GLU E 81 6.77 39.62 -27.03
N SER E 82 7.05 38.50 -27.71
CA SER E 82 7.45 37.32 -26.95
C SER E 82 8.91 37.26 -26.76
N SER E 83 9.28 36.88 -25.54
CA SER E 83 10.65 36.76 -25.10
C SER E 83 11.37 35.68 -25.89
N ILE E 84 10.64 35.05 -26.80
CA ILE E 84 11.11 33.84 -27.48
C ILE E 84 12.29 34.04 -28.39
N SER E 85 13.33 33.27 -28.16
CA SER E 85 14.49 33.29 -29.02
C SER E 85 14.06 33.01 -30.45
N ILE E 86 14.34 33.94 -31.34
CA ILE E 86 13.82 33.79 -32.68
C ILE E 86 14.31 32.53 -33.36
N HIS E 87 15.51 32.05 -32.99
CA HIS E 87 16.09 30.87 -33.67
C HIS E 87 15.42 29.58 -33.23
N ARG E 88 14.71 29.66 -32.10
CA ARG E 88 13.98 28.53 -31.60
C ARG E 88 12.94 28.25 -32.65
N LEU E 89 12.28 29.31 -33.10
CA LEU E 89 11.32 29.16 -34.21
C LEU E 89 11.98 28.62 -35.51
N GLU E 90 12.99 29.32 -36.01
CA GLU E 90 13.60 28.93 -37.28
C GLU E 90 13.91 27.44 -37.28
N GLU E 91 14.31 26.91 -36.13
CA GLU E 91 14.51 25.47 -36.00
C GLU E 91 13.20 24.78 -35.66
N TYR E 92 12.82 24.77 -34.38
CA TYR E 92 11.70 23.97 -33.88
C TYR E 92 10.24 24.51 -34.10
N GLY E 93 10.06 25.48 -34.99
CA GLY E 93 8.73 26.03 -35.18
C GLY E 93 7.89 25.26 -36.18
N LYS E 94 6.96 25.98 -36.82
CA LYS E 94 6.20 25.51 -37.98
C LYS E 94 5.94 26.69 -38.89
N LEU E 95 6.68 26.78 -39.99
CA LEU E 95 6.56 27.90 -40.91
C LEU E 95 5.17 27.88 -41.52
N ILE E 96 4.62 29.06 -41.75
CA ILE E 96 3.34 29.17 -42.43
C ILE E 96 3.41 30.15 -43.64
N ILE E 97 4.05 31.30 -43.46
CA ILE E 97 4.23 32.21 -44.57
C ILE E 97 5.56 32.94 -44.42
N SER E 98 6.37 32.99 -45.48
CA SER E 98 7.64 33.71 -45.48
C SER E 98 7.63 35.16 -45.95
N GLU E 99 8.53 35.95 -45.43
CA GLU E 99 8.85 37.27 -45.93
C GLU E 99 7.66 38.22 -46.07
N HIS E 100 6.61 37.77 -46.73
CA HIS E 100 5.44 38.59 -46.93
C HIS E 100 4.24 38.02 -46.19
N ALA E 101 4.44 37.75 -44.90
CA ALA E 101 3.46 37.04 -44.09
C ALA E 101 2.16 37.80 -43.93
N LEU E 102 2.25 39.08 -43.66
CA LEU E 102 1.03 39.84 -43.52
C LEU E 102 0.34 39.80 -44.85
N GLU E 103 1.03 40.32 -45.84
CA GLU E 103 0.48 40.52 -47.17
C GLU E 103 -0.45 39.38 -47.59
N THR E 104 -0.03 38.15 -47.28
CA THR E 104 -0.73 36.94 -47.74
C THR E 104 -2.06 36.75 -47.05
N ILE E 105 -2.13 37.05 -45.77
CA ILE E 105 -3.37 36.80 -45.09
C ILE E 105 -4.40 37.78 -45.54
N LYS E 106 -3.95 38.95 -45.96
CA LYS E 106 -4.87 39.97 -46.43
C LYS E 106 -5.58 39.50 -47.68
N LYS E 107 -4.82 38.86 -48.56
CA LYS E 107 -5.37 38.28 -49.78
C LYS E 107 -6.54 37.34 -49.49
N HIS E 108 -6.26 36.22 -48.84
CA HIS E 108 -7.26 35.19 -48.60
C HIS E 108 -8.27 35.45 -47.48
N PHE E 109 -8.30 36.64 -46.88
CA PHE E 109 -9.16 36.83 -45.70
C PHE E 109 -9.97 38.15 -45.59
N ALA E 110 -9.39 39.27 -45.99
CA ALA E 110 -10.16 40.50 -45.96
C ALA E 110 -11.18 40.49 -47.08
N SER E 111 -12.41 40.10 -46.76
CA SER E 111 -13.47 39.99 -47.77
C SER E 111 -13.12 38.96 -48.84
N MET F 2 -19.90 45.93 -25.40
CA MET F 2 -20.22 45.41 -24.08
C MET F 2 -19.98 43.91 -23.93
N PHE F 3 -20.29 43.42 -22.73
CA PHE F 3 -19.96 42.08 -22.28
C PHE F 3 -20.59 41.93 -20.90
N GLY F 4 -21.56 42.80 -20.62
CA GLY F 4 -22.25 42.79 -19.34
C GLY F 4 -23.16 43.99 -19.20
N ARG F 5 -23.05 44.67 -18.06
CA ARG F 5 -23.80 45.92 -17.83
C ARG F 5 -22.97 46.97 -17.09
N PHE F 6 -22.99 48.18 -17.64
CA PHE F 6 -22.21 49.29 -17.11
C PHE F 6 -23.18 50.46 -16.93
N THR F 7 -22.65 51.65 -16.69
CA THR F 7 -23.50 52.84 -16.56
C THR F 7 -24.05 53.13 -17.92
N GLU F 8 -25.01 54.04 -17.99
CA GLU F 8 -25.33 54.63 -19.27
C GLU F 8 -23.98 55.06 -19.81
N ARG F 9 -23.38 56.01 -19.11
CA ARG F 9 -22.10 56.60 -19.48
C ARG F 9 -21.15 55.58 -20.05
N ALA F 10 -21.00 54.46 -19.37
CA ALA F 10 -20.22 53.41 -19.95
C ALA F 10 -20.90 53.05 -21.25
N GLN F 11 -22.03 52.34 -21.19
CA GLN F 11 -22.71 51.85 -22.42
C GLN F 11 -22.73 52.87 -23.56
N LYS F 12 -22.93 54.15 -23.24
CA LYS F 12 -22.93 55.18 -24.27
C LYS F 12 -21.53 55.36 -24.82
N VAL F 13 -20.55 55.44 -23.94
CA VAL F 13 -19.20 55.61 -24.43
C VAL F 13 -18.77 54.44 -25.30
N LEU F 14 -19.26 53.24 -25.01
CA LEU F 14 -18.87 52.05 -25.79
C LEU F 14 -19.47 52.05 -27.20
N ALA F 15 -20.78 52.21 -27.27
CA ALA F 15 -21.43 52.28 -28.57
C ALA F 15 -20.82 53.44 -29.32
N LEU F 16 -20.42 54.44 -28.55
CA LEU F 16 -19.81 55.66 -29.09
C LEU F 16 -18.47 55.36 -29.78
N ALA F 17 -17.78 54.33 -29.32
CA ALA F 17 -16.60 53.92 -30.04
C ALA F 17 -17.07 53.57 -31.44
N GLN F 18 -18.12 52.78 -31.55
CA GLN F 18 -18.59 52.37 -32.88
C GLN F 18 -18.93 53.57 -33.71
N GLU F 19 -19.63 54.53 -33.10
CA GLU F 19 -20.00 55.74 -33.83
C GLU F 19 -18.73 56.18 -34.52
N GLU F 20 -17.64 56.16 -33.77
CA GLU F 20 -16.36 56.52 -34.33
C GLU F 20 -15.76 55.39 -35.16
N ALA F 21 -16.19 54.15 -34.95
CA ALA F 21 -15.70 53.06 -35.79
C ALA F 21 -15.85 53.49 -37.22
N LEU F 22 -17.06 53.88 -37.55
CA LEU F 22 -17.44 54.15 -38.93
C LEU F 22 -17.06 55.55 -39.38
N ARG F 23 -17.27 56.57 -38.55
CA ARG F 23 -16.98 57.95 -38.92
C ARG F 23 -15.63 58.09 -39.61
N LEU F 24 -14.81 57.05 -39.52
CA LEU F 24 -13.52 57.04 -40.17
C LEU F 24 -13.45 55.88 -41.16
N GLY F 25 -14.42 54.98 -41.06
CA GLY F 25 -14.60 53.95 -42.06
C GLY F 25 -13.89 52.65 -41.77
N HIS F 26 -13.13 52.61 -40.69
CA HIS F 26 -12.39 51.40 -40.33
C HIS F 26 -13.35 50.27 -40.09
N ASN F 27 -12.82 49.08 -39.85
CA ASN F 27 -13.67 47.90 -39.84
C ASN F 27 -13.67 47.17 -38.53
N ASN F 28 -12.63 47.34 -37.74
CA ASN F 28 -12.63 46.80 -36.39
C ASN F 28 -12.42 47.92 -35.41
N ILE F 29 -13.19 47.96 -34.33
CA ILE F 29 -13.00 49.00 -33.32
C ILE F 29 -12.01 48.59 -32.28
N GLY F 30 -10.83 49.20 -32.32
CA GLY F 30 -9.73 48.77 -31.47
C GLY F 30 -9.68 49.60 -30.22
N THR F 31 -8.60 49.51 -29.47
CA THR F 31 -8.50 50.35 -28.31
C THR F 31 -8.56 51.84 -28.69
N GLU F 32 -8.18 52.20 -29.91
CA GLU F 32 -8.15 53.62 -30.31
C GLU F 32 -9.51 54.25 -30.40
N HIS F 33 -10.54 53.42 -30.58
CA HIS F 33 -11.89 53.93 -30.73
C HIS F 33 -12.56 54.02 -29.39
N ILE F 34 -12.22 53.10 -28.52
CA ILE F 34 -12.73 53.16 -27.19
C ILE F 34 -12.25 54.48 -26.60
N LEU F 35 -11.02 54.84 -26.87
CA LEU F 35 -10.51 56.11 -26.36
C LEU F 35 -11.27 57.31 -26.91
N LEU F 36 -11.51 57.35 -28.21
CA LEU F 36 -12.31 58.43 -28.82
C LEU F 36 -13.68 58.42 -28.15
N GLY F 37 -14.16 57.23 -27.83
CA GLY F 37 -15.46 57.08 -27.19
C GLY F 37 -15.54 57.79 -25.87
N LEU F 38 -14.48 57.69 -25.09
CA LEU F 38 -14.46 58.30 -23.78
C LEU F 38 -14.40 59.84 -23.85
N VAL F 39 -13.51 60.43 -24.67
CA VAL F 39 -13.34 61.89 -24.74
C VAL F 39 -14.47 62.57 -25.49
N ARG F 40 -15.29 61.77 -26.16
CA ARG F 40 -16.36 62.30 -26.99
C ARG F 40 -17.73 62.24 -26.34
N GLU F 41 -17.85 61.57 -25.21
CA GLU F 41 -19.03 61.68 -24.39
C GLU F 41 -18.76 62.73 -23.36
N GLY F 42 -17.57 63.31 -23.44
CA GLY F 42 -17.18 64.53 -22.75
C GLY F 42 -17.66 64.82 -21.34
N GLU F 43 -18.41 63.90 -20.74
CA GLU F 43 -19.00 64.14 -19.44
C GLU F 43 -18.74 63.02 -18.40
N GLY F 44 -18.30 61.86 -18.85
CA GLY F 44 -17.91 60.80 -17.93
C GLY F 44 -16.69 61.17 -17.10
N ILE F 45 -16.45 60.46 -16.01
CA ILE F 45 -15.27 60.76 -15.18
C ILE F 45 -14.04 60.57 -16.04
N ALA F 46 -14.15 59.55 -16.89
CA ALA F 46 -13.15 59.23 -17.86
C ALA F 46 -13.01 60.42 -18.79
N ALA F 47 -14.12 60.89 -19.31
CA ALA F 47 -14.10 62.04 -20.18
C ALA F 47 -13.42 63.19 -19.46
N LYS F 48 -13.80 63.39 -18.20
CA LYS F 48 -13.33 64.53 -17.43
C LYS F 48 -11.81 64.48 -17.28
N ALA F 49 -11.30 63.31 -16.98
CA ALA F 49 -9.87 63.17 -16.79
C ALA F 49 -9.08 63.62 -18.01
N LEU F 50 -9.44 63.10 -19.16
CA LEU F 50 -8.70 63.42 -20.37
C LEU F 50 -8.63 64.92 -20.56
N GLN F 51 -9.69 65.62 -20.18
CA GLN F 51 -9.72 67.07 -20.29
C GLN F 51 -8.61 67.65 -19.43
N ALA F 52 -8.09 66.85 -18.50
CA ALA F 52 -7.06 67.30 -17.60
C ALA F 52 -5.70 67.23 -18.22
N LEU F 53 -5.34 66.05 -18.71
CA LEU F 53 -4.01 65.84 -19.25
C LEU F 53 -3.70 66.78 -20.43
N GLY F 54 -4.72 67.41 -20.97
CA GLY F 54 -4.55 68.28 -22.11
C GLY F 54 -4.91 67.56 -23.38
N LEU F 55 -5.94 66.73 -23.30
CA LEU F 55 -6.32 65.87 -24.40
C LEU F 55 -7.76 65.98 -24.80
N GLY F 56 -8.12 67.06 -25.47
CA GLY F 56 -9.46 67.19 -26.02
C GLY F 56 -9.62 66.25 -27.21
N SER F 57 -10.85 66.10 -27.69
CA SER F 57 -11.08 65.32 -28.88
C SER F 57 -10.23 65.84 -30.06
N GLU F 58 -10.05 67.15 -30.11
CA GLU F 58 -9.26 67.76 -31.17
C GLU F 58 -7.87 67.13 -31.28
N LYS F 59 -7.11 67.19 -30.19
CA LYS F 59 -5.71 66.74 -30.18
C LYS F 59 -5.58 65.26 -30.49
N ILE F 60 -6.52 64.48 -29.99
CA ILE F 60 -6.47 63.02 -30.14
C ILE F 60 -6.75 62.54 -31.56
N GLN F 61 -7.95 62.84 -32.04
CA GLN F 61 -8.36 62.35 -33.33
C GLN F 61 -7.31 62.70 -34.40
N LYS F 62 -6.59 63.79 -34.23
CA LYS F 62 -5.55 64.16 -35.19
C LYS F 62 -4.41 63.16 -35.17
N GLU F 63 -3.98 62.75 -33.98
CA GLU F 63 -2.98 61.71 -33.92
C GLU F 63 -3.54 60.46 -34.54
N VAL F 64 -4.75 60.05 -34.12
CA VAL F 64 -5.33 58.83 -34.68
C VAL F 64 -5.43 58.83 -36.23
N GLU F 65 -6.10 59.80 -36.83
CA GLU F 65 -6.14 59.85 -38.28
C GLU F 65 -4.74 59.91 -38.88
N SER F 66 -3.78 60.39 -38.10
CA SER F 66 -2.41 60.47 -38.56
C SER F 66 -1.73 59.11 -38.44
N LEU F 67 -2.50 58.10 -38.07
CA LEU F 67 -1.99 56.74 -38.03
C LEU F 67 -2.95 55.67 -38.57
N ILE F 68 -4.02 56.06 -39.25
CA ILE F 68 -4.91 55.08 -39.85
C ILE F 68 -5.70 55.60 -41.05
N GLY F 69 -6.44 56.67 -40.84
CA GLY F 69 -7.18 57.30 -41.92
C GLY F 69 -8.19 56.39 -42.59
N ARG F 70 -8.86 56.91 -43.62
CA ARG F 70 -9.89 56.17 -44.33
C ARG F 70 -9.41 54.78 -44.73
N GLY F 71 -10.37 53.87 -44.93
CA GLY F 71 -11.77 54.19 -44.75
C GLY F 71 -12.67 53.33 -45.60
N GLN F 72 -12.32 52.05 -45.72
CA GLN F 72 -13.16 51.10 -46.42
C GLN F 72 -14.53 51.09 -45.75
N GLU F 73 -15.47 51.79 -46.36
CA GLU F 73 -16.81 51.93 -45.80
C GLU F 73 -17.44 50.57 -45.53
N MET F 74 -16.68 49.52 -45.84
CA MET F 74 -17.09 48.14 -45.61
C MET F 74 -18.19 48.06 -44.56
N SER F 75 -17.85 48.45 -43.34
CA SER F 75 -18.82 48.45 -42.24
C SER F 75 -19.67 47.19 -42.26
N GLN F 76 -19.08 46.10 -42.74
CA GLN F 76 -19.77 44.81 -42.85
C GLN F 76 -20.11 44.25 -41.46
N THR F 77 -20.99 44.94 -40.74
CA THR F 77 -21.32 44.54 -39.38
C THR F 77 -20.04 44.19 -38.64
N ILE F 78 -19.42 45.19 -38.04
CA ILE F 78 -18.08 45.06 -37.47
C ILE F 78 -18.05 44.44 -36.07
N HIS F 79 -16.86 44.03 -35.67
CA HIS F 79 -16.64 43.56 -34.31
C HIS F 79 -15.35 44.18 -33.72
N TYR F 80 -14.99 43.75 -32.52
CA TYR F 80 -13.90 44.36 -31.78
C TYR F 80 -12.54 43.97 -32.26
N THR F 81 -11.54 44.60 -31.64
CA THR F 81 -10.17 44.11 -31.73
C THR F 81 -10.04 43.09 -30.63
N PRO F 82 -9.16 42.10 -30.82
CA PRO F 82 -9.04 41.20 -29.68
C PRO F 82 -8.44 41.99 -28.54
N ARG F 83 -7.62 43.00 -28.85
CA ARG F 83 -7.01 43.81 -27.79
C ARG F 83 -8.08 44.48 -26.99
N ALA F 84 -8.88 45.28 -27.68
CA ALA F 84 -9.99 45.96 -27.05
C ALA F 84 -10.95 45.03 -26.26
N LYS F 85 -11.11 43.79 -26.67
CA LYS F 85 -11.98 42.87 -25.95
C LYS F 85 -11.29 42.52 -24.66
N LYS F 86 -9.97 42.49 -24.70
CA LYS F 86 -9.23 42.32 -23.48
C LYS F 86 -9.47 43.56 -22.65
N VAL F 87 -9.32 44.76 -23.25
CA VAL F 87 -9.48 46.09 -22.56
C VAL F 87 -10.83 46.18 -21.78
N ILE F 88 -11.88 45.57 -22.32
CA ILE F 88 -13.20 45.55 -21.69
C ILE F 88 -13.19 44.54 -20.56
N GLU F 89 -12.65 43.36 -20.83
CA GLU F 89 -12.58 42.33 -19.81
C GLU F 89 -11.90 42.95 -18.59
N LEU F 90 -11.00 43.89 -18.85
CA LEU F 90 -10.17 44.49 -17.82
C LEU F 90 -10.92 45.51 -16.94
N SER F 91 -11.60 46.46 -17.57
CA SER F 91 -12.33 47.45 -16.81
C SER F 91 -13.23 46.72 -15.81
N MET F 92 -13.77 45.61 -16.19
CA MET F 92 -14.56 44.86 -15.26
C MET F 92 -13.73 44.59 -13.98
N ASP F 93 -12.42 44.38 -14.15
CA ASP F 93 -11.56 43.98 -13.03
C ASP F 93 -11.04 45.23 -12.36
N GLU F 94 -10.82 46.29 -13.14
CA GLU F 94 -10.40 47.58 -12.58
C GLU F 94 -11.53 48.20 -11.75
N ALA F 95 -12.59 47.43 -11.55
CA ALA F 95 -13.72 47.84 -10.73
C ALA F 95 -14.07 46.82 -9.62
N ARG F 96 -13.88 45.54 -9.85
CA ARG F 96 -13.82 44.63 -8.72
C ARG F 96 -12.88 45.35 -7.78
N LYS F 97 -11.77 45.83 -8.31
CA LYS F 97 -10.73 46.49 -7.55
C LYS F 97 -11.12 47.92 -7.15
N LEU F 98 -12.29 48.08 -6.57
CA LEU F 98 -12.77 49.40 -6.18
C LEU F 98 -14.15 49.32 -5.56
N GLY F 99 -14.65 48.10 -5.35
CA GLY F 99 -15.95 47.90 -4.73
C GLY F 99 -17.10 48.48 -5.54
N HIS F 100 -16.75 49.14 -6.65
CA HIS F 100 -17.75 49.66 -7.56
C HIS F 100 -18.58 48.52 -8.15
N SER F 101 -19.80 48.39 -7.68
CA SER F 101 -20.63 47.26 -8.06
C SER F 101 -20.91 47.24 -9.57
N TYR F 102 -20.63 48.33 -10.26
CA TYR F 102 -20.92 48.39 -11.70
C TYR F 102 -19.93 49.25 -12.47
N VAL F 103 -19.53 48.79 -13.65
CA VAL F 103 -18.50 49.48 -14.45
C VAL F 103 -19.02 50.73 -15.08
N GLY F 104 -18.13 51.61 -15.50
CA GLY F 104 -18.52 52.92 -15.93
C GLY F 104 -17.38 53.60 -16.60
N THR F 105 -17.56 54.87 -16.96
CA THR F 105 -16.60 55.57 -17.80
C THR F 105 -15.17 55.52 -17.31
N GLU F 106 -14.98 55.65 -16.01
CA GLU F 106 -13.64 55.63 -15.47
C GLU F 106 -12.98 54.28 -15.72
N HIS F 107 -13.64 53.20 -15.34
CA HIS F 107 -13.04 51.87 -15.30
C HIS F 107 -12.52 51.41 -16.65
N ILE F 108 -13.20 51.84 -17.67
CA ILE F 108 -12.81 51.55 -19.00
C ILE F 108 -11.53 52.31 -19.37
N LEU F 109 -11.41 53.61 -19.04
CA LEU F 109 -10.13 54.31 -19.09
C LEU F 109 -9.07 53.65 -18.16
N LEU F 110 -9.50 53.12 -17.04
CA LEU F 110 -8.56 52.42 -16.18
C LEU F 110 -8.09 51.22 -16.90
N GLY F 111 -9.05 50.40 -17.36
CA GLY F 111 -8.84 49.17 -18.12
C GLY F 111 -7.90 49.26 -19.34
N LEU F 112 -7.90 50.42 -20.04
CA LEU F 112 -6.97 50.74 -21.15
C LEU F 112 -5.51 50.83 -20.75
N ILE F 113 -5.20 51.65 -19.74
CA ILE F 113 -3.86 51.76 -19.27
C ILE F 113 -3.29 50.42 -18.91
N ARG F 114 -4.08 49.62 -18.20
CA ARG F 114 -3.62 48.35 -17.68
C ARG F 114 -3.09 47.48 -18.83
N GLU F 115 -3.86 47.35 -19.91
CA GLU F 115 -3.39 46.61 -21.10
C GLU F 115 -2.74 47.54 -22.17
N GLY F 116 -1.74 48.27 -21.74
CA GLY F 116 -1.15 49.31 -22.56
C GLY F 116 -0.65 48.97 -23.94
N GLU F 117 -0.54 47.69 -24.26
CA GLU F 117 -0.05 47.35 -25.59
C GLU F 117 -1.18 47.58 -26.57
N GLY F 118 -1.01 48.57 -27.47
CA GLY F 118 -2.13 48.92 -28.33
C GLY F 118 -2.15 50.35 -28.80
N VAL F 119 -3.15 50.69 -29.61
CA VAL F 119 -3.14 51.96 -30.28
C VAL F 119 -3.42 53.15 -29.41
N ALA F 120 -4.37 53.02 -28.49
CA ALA F 120 -4.61 54.14 -27.58
C ALA F 120 -3.28 54.51 -26.96
N ALA F 121 -2.72 53.57 -26.21
CA ALA F 121 -1.47 53.77 -25.51
C ALA F 121 -0.45 54.56 -26.28
N ARG F 122 -0.31 54.26 -27.57
CA ARG F 122 0.64 55.03 -28.40
C ARG F 122 0.17 56.46 -28.69
N VAL F 123 -1.13 56.68 -28.82
CA VAL F 123 -1.61 58.03 -29.08
C VAL F 123 -0.99 58.92 -28.03
N LEU F 124 -0.92 58.40 -26.83
CA LEU F 124 -0.51 59.21 -25.72
C LEU F 124 1.00 59.24 -25.49
N ASN F 125 1.66 58.08 -25.57
CA ASN F 125 3.11 58.05 -25.47
C ASN F 125 3.65 58.83 -26.64
N ASN F 126 2.74 59.29 -27.49
CA ASN F 126 3.04 60.13 -28.63
C ASN F 126 2.63 61.55 -28.29
N LEU F 127 1.51 61.68 -27.59
CA LEU F 127 1.12 62.97 -27.09
C LEU F 127 1.78 63.27 -25.75
N GLY F 128 3.02 62.84 -25.61
CA GLY F 128 3.81 63.18 -24.43
C GLY F 128 3.03 63.09 -23.14
N VAL F 129 2.47 61.92 -22.88
CA VAL F 129 1.65 61.70 -21.72
C VAL F 129 1.87 60.27 -21.23
N SER F 130 3.01 60.04 -20.59
CA SER F 130 3.35 58.71 -20.10
C SER F 130 2.11 58.00 -19.56
N LEU F 131 2.16 56.69 -19.40
CA LEU F 131 0.99 55.93 -18.98
C LEU F 131 0.54 56.14 -17.54
N ASN F 132 1.48 56.45 -16.65
CA ASN F 132 1.11 56.56 -15.23
C ASN F 132 0.56 57.91 -14.87
N LYS F 133 1.04 58.96 -15.52
CA LYS F 133 0.53 60.29 -15.28
C LYS F 133 -0.97 60.24 -15.55
N ALA F 134 -1.35 59.29 -16.39
CA ALA F 134 -2.73 59.13 -16.76
C ALA F 134 -3.56 58.35 -15.77
N ARG F 135 -3.10 57.20 -15.31
CA ARG F 135 -3.92 56.50 -14.32
C ARG F 135 -4.10 57.36 -13.08
N GLN F 136 -3.13 58.24 -12.85
CA GLN F 136 -3.23 59.15 -11.72
C GLN F 136 -4.48 60.01 -11.87
N GLN F 137 -4.52 60.83 -12.90
CA GLN F 137 -5.62 61.77 -13.10
C GLN F 137 -7.00 61.17 -12.86
N VAL F 138 -7.25 59.95 -13.33
CA VAL F 138 -8.51 59.29 -13.01
C VAL F 138 -8.67 59.03 -11.50
N LEU F 139 -7.63 58.52 -10.86
CA LEU F 139 -7.68 58.30 -9.41
C LEU F 139 -8.05 59.54 -8.59
N GLN F 140 -7.35 60.64 -8.82
CA GLN F 140 -7.56 61.83 -8.01
C GLN F 140 -8.95 62.40 -8.21
N LEU F 141 -9.84 61.59 -8.79
CA LEU F 141 -11.27 61.94 -8.93
C LEU F 141 -12.22 60.82 -8.46
N LEU F 142 -11.79 60.08 -7.42
CA LEU F 142 -12.60 59.06 -6.76
C LEU F 142 -12.00 58.92 -5.35
N GLY F 143 -12.77 58.52 -4.34
CA GLY F 143 -12.16 58.26 -3.03
C GLY F 143 -13.05 57.74 -1.91
N SER F 144 -12.40 57.03 -0.99
CA SER F 144 -12.99 56.41 0.20
C SER F 144 -14.51 56.26 0.27
N ASN F 145 -15.03 56.52 1.47
CA ASN F 145 -16.46 56.51 1.75
C ASN F 145 -16.71 57.15 3.11
N GLU F 146 -15.99 56.68 4.12
CA GLU F 146 -16.09 57.22 5.48
C GLU F 146 -14.86 58.03 5.85
N SER F 156 -14.09 53.63 18.95
CA SER F 156 -13.79 53.22 20.32
C SER F 156 -12.57 52.29 20.40
N ASN F 157 -11.71 52.54 21.37
CA ASN F 157 -10.38 51.91 21.43
C ASN F 157 -10.36 50.38 21.52
N ALA F 158 -10.84 49.84 22.63
CA ALA F 158 -10.71 48.40 22.89
C ALA F 158 -11.17 47.53 21.72
N ASN F 159 -12.13 48.04 20.94
CA ASN F 159 -12.69 47.30 19.82
C ASN F 159 -11.60 46.75 18.92
N THR F 160 -10.43 47.37 18.98
CA THR F 160 -9.30 47.02 18.14
C THR F 160 -8.97 45.52 18.15
N PRO F 161 -8.35 45.06 19.24
CA PRO F 161 -7.96 43.66 19.37
C PRO F 161 -9.12 42.76 18.98
N THR F 162 -10.28 43.11 19.56
CA THR F 162 -11.53 42.38 19.38
C THR F 162 -12.03 42.39 17.95
N LEU F 163 -12.70 43.48 17.58
CA LEU F 163 -13.31 43.62 16.26
C LEU F 163 -12.36 43.14 15.19
N ASP F 164 -11.11 43.00 15.57
CA ASP F 164 -10.07 42.52 14.67
C ASP F 164 -10.31 41.07 14.23
N SER F 165 -10.22 40.14 15.18
CA SER F 165 -9.98 38.73 14.87
C SER F 165 -10.36 38.21 13.45
N LEU F 166 -11.62 37.88 13.11
CA LEU F 166 -12.80 37.82 13.95
C LEU F 166 -13.17 39.11 14.71
N ALA F 167 -14.47 39.30 14.98
CA ALA F 167 -15.52 38.33 14.64
C ALA F 167 -16.93 38.92 14.41
N ARG F 168 -17.11 39.65 13.32
CA ARG F 168 -18.45 40.04 12.90
C ARG F 168 -19.22 40.72 14.03
N ASP F 169 -19.12 42.04 14.07
CA ASP F 169 -19.71 42.86 15.13
C ASP F 169 -21.22 43.10 14.91
N LEU F 170 -22.06 42.24 15.46
CA LEU F 170 -23.51 42.33 15.21
C LEU F 170 -24.15 43.69 15.53
N THR F 171 -23.69 44.34 16.59
CA THR F 171 -24.15 45.68 16.89
C THR F 171 -23.88 46.53 15.65
N ALA F 172 -22.72 46.30 15.02
CA ALA F 172 -22.33 47.04 13.83
C ALA F 172 -23.32 46.83 12.69
N ILE F 173 -23.52 45.57 12.30
CA ILE F 173 -24.43 45.26 11.21
C ILE F 173 -25.84 45.75 11.54
N ALA F 174 -26.05 46.10 12.80
CA ALA F 174 -27.34 46.61 13.26
C ALA F 174 -27.35 48.14 13.43
N LYS F 175 -26.19 48.74 13.25
CA LYS F 175 -26.08 50.19 13.34
C LYS F 175 -26.53 50.89 12.04
N GLU F 176 -25.86 50.58 10.92
CA GLU F 176 -26.23 51.18 9.64
C GLU F 176 -27.56 50.61 9.16
N ASP F 177 -28.22 49.87 10.05
CA ASP F 177 -29.51 49.27 9.75
C ASP F 177 -29.43 48.35 8.54
N SER F 178 -28.19 48.03 8.15
CA SER F 178 -27.94 47.08 7.08
C SER F 178 -28.25 45.66 7.56
N LEU F 179 -29.33 45.52 8.31
CA LEU F 179 -29.67 44.24 8.93
C LEU F 179 -31.09 43.79 8.64
N ASP F 180 -31.24 42.51 8.31
CA ASP F 180 -32.54 41.90 8.02
C ASP F 180 -33.48 42.12 9.21
N PRO F 181 -34.77 41.75 9.07
CA PRO F 181 -35.72 42.02 10.15
C PRO F 181 -35.17 41.66 11.55
N VAL F 182 -35.17 40.42 12.03
CA VAL F 182 -35.86 39.26 11.48
C VAL F 182 -37.03 38.94 12.43
N ILE F 183 -37.98 38.14 11.95
CA ILE F 183 -39.26 37.91 12.62
C ILE F 183 -39.24 37.58 14.11
N GLY F 184 -39.56 36.33 14.41
CA GLY F 184 -39.59 35.85 15.77
C GLY F 184 -40.70 34.85 16.01
N ARG F 185 -40.67 34.18 17.17
CA ARG F 185 -39.59 34.33 18.15
C ARG F 185 -39.28 35.78 18.55
N SER F 186 -40.35 36.57 18.72
CA SER F 186 -40.28 37.94 19.26
C SER F 186 -40.37 37.91 20.79
N LYS F 187 -41.27 37.10 21.31
CA LYS F 187 -41.26 36.80 22.74
C LYS F 187 -40.05 35.93 23.12
N GLU F 188 -39.45 35.28 22.13
CA GLU F 188 -38.20 34.59 22.40
C GLU F 188 -37.06 35.61 22.68
N ILE F 189 -36.95 36.67 21.88
CA ILE F 189 -35.85 37.62 22.05
C ILE F 189 -35.88 38.20 23.47
N GLN F 190 -37.07 38.46 23.98
CA GLN F 190 -37.23 39.06 25.29
C GLN F 190 -36.68 38.18 26.40
N ARG F 191 -37.01 36.88 26.36
CA ARG F 191 -36.59 35.96 27.41
C ARG F 191 -35.08 35.92 27.54
N VAL F 192 -34.39 36.42 26.53
CA VAL F 192 -32.94 36.49 26.58
C VAL F 192 -32.48 37.61 27.49
N ILE F 193 -33.23 38.71 27.51
CA ILE F 193 -32.81 39.91 28.22
C ILE F 193 -33.05 39.85 29.73
N GLU F 194 -33.97 39.00 30.15
CA GLU F 194 -34.06 38.66 31.57
C GLU F 194 -32.79 37.93 32.01
N VAL F 195 -32.54 36.80 31.36
CA VAL F 195 -31.37 35.96 31.59
C VAL F 195 -30.07 36.73 31.41
N LEU F 196 -30.19 38.00 31.01
CA LEU F 196 -29.02 38.77 30.65
C LEU F 196 -28.93 40.04 31.49
N SER F 197 -30.04 40.40 32.11
CA SER F 197 -30.12 41.58 32.95
C SER F 197 -29.85 41.19 34.40
N ARG F 198 -29.56 39.91 34.62
CA ARG F 198 -29.43 39.36 35.97
C ARG F 198 -28.10 39.64 36.68
N ARG F 199 -27.86 38.81 37.70
CA ARG F 199 -26.60 38.72 38.36
C ARG F 199 -26.40 37.24 38.70
N THR F 200 -27.49 36.48 38.84
CA THR F 200 -27.40 35.03 39.08
C THR F 200 -27.00 34.26 37.82
N LYS F 201 -27.98 33.84 37.05
CA LYS F 201 -27.72 33.19 35.77
C LYS F 201 -27.38 34.29 34.75
N ASN F 202 -26.17 34.83 34.83
CA ASN F 202 -25.77 35.97 34.00
C ASN F 202 -25.98 35.75 32.50
N ASN F 203 -25.62 34.55 32.01
CA ASN F 203 -25.45 34.26 30.57
C ASN F 203 -26.39 33.19 30.00
N PRO F 204 -27.20 33.53 28.95
CA PRO F 204 -28.21 32.71 28.27
C PRO F 204 -27.73 31.70 27.21
N VAL F 205 -28.54 30.67 26.97
CA VAL F 205 -28.12 29.54 26.13
C VAL F 205 -29.33 28.92 25.46
N LEU F 206 -29.42 29.04 24.14
CA LEU F 206 -30.59 28.58 23.39
C LEU F 206 -30.47 27.16 22.86
N ILE F 207 -31.45 26.33 23.20
CA ILE F 207 -31.45 24.95 22.78
C ILE F 207 -32.71 24.61 21.98
N GLY F 208 -32.50 24.06 20.80
CA GLY F 208 -33.56 23.61 19.93
C GLY F 208 -32.90 23.01 18.70
N GLU F 209 -33.66 22.39 17.81
CA GLU F 209 -33.05 21.94 16.58
C GLU F 209 -32.37 23.17 15.97
N PRO F 210 -31.20 22.98 15.37
CA PRO F 210 -30.14 24.00 15.26
C PRO F 210 -30.17 25.11 14.18
N GLY F 211 -30.82 24.97 13.02
CA GLY F 211 -32.06 24.25 12.82
C GLY F 211 -33.06 25.37 12.60
N VAL F 212 -33.54 25.92 13.72
CA VAL F 212 -34.36 27.11 13.69
C VAL F 212 -33.47 28.32 13.54
N GLY F 213 -32.37 28.15 12.81
CA GLY F 213 -31.38 29.20 12.67
C GLY F 213 -31.36 29.98 13.96
N LYS F 214 -31.02 29.31 15.05
CA LYS F 214 -31.06 29.95 16.36
C LYS F 214 -30.36 31.27 16.22
N THR F 215 -29.27 31.23 15.46
CA THR F 215 -28.40 32.37 15.31
C THR F 215 -29.20 33.61 14.97
N ALA F 216 -30.44 33.42 14.51
CA ALA F 216 -31.32 34.52 14.09
C ALA F 216 -31.73 35.43 15.26
N ILE F 217 -32.10 34.78 16.36
CA ILE F 217 -32.57 35.48 17.55
C ILE F 217 -31.55 36.49 18.07
N ALA F 218 -30.28 36.11 18.02
CA ALA F 218 -29.18 36.99 18.44
C ALA F 218 -29.12 38.36 17.74
N GLU F 219 -29.32 38.38 16.43
CA GLU F 219 -29.34 39.62 15.69
C GLU F 219 -30.43 40.48 16.29
N GLY F 220 -31.38 39.81 16.96
CA GLY F 220 -32.47 40.47 17.67
C GLY F 220 -32.03 41.53 18.67
N LEU F 221 -31.14 41.17 19.59
CA LEU F 221 -30.57 42.17 20.51
C LEU F 221 -29.96 43.38 19.78
N ALA F 222 -29.01 43.13 18.89
CA ALA F 222 -28.36 44.22 18.17
C ALA F 222 -29.37 45.34 17.94
N GLN F 223 -30.48 45.01 17.27
CA GLN F 223 -31.50 46.00 16.93
C GLN F 223 -32.17 46.68 18.13
N GLN F 224 -32.51 45.91 19.16
CA GLN F 224 -33.24 46.46 20.31
C GLN F 224 -32.35 47.17 21.35
N ILE F 225 -31.11 46.71 21.51
CA ILE F 225 -30.21 47.38 22.44
C ILE F 225 -29.91 48.75 21.89
N ILE F 226 -29.87 48.86 20.57
CA ILE F 226 -29.67 50.12 19.92
C ILE F 226 -30.88 51.04 20.15
N ASN F 227 -31.95 50.82 19.39
CA ASN F 227 -33.11 51.72 19.45
C ASN F 227 -34.39 51.01 19.83
N ASN F 228 -34.62 50.83 21.13
CA ASN F 228 -33.67 51.12 22.20
C ASN F 228 -34.25 50.50 23.45
N GLU F 229 -35.40 49.86 23.26
CA GLU F 229 -36.15 49.23 24.34
C GLU F 229 -35.31 48.17 25.02
N VAL F 230 -34.55 48.58 26.05
CA VAL F 230 -33.80 47.67 26.93
C VAL F 230 -33.28 48.45 28.13
N PRO F 231 -33.13 47.77 29.28
CA PRO F 231 -32.74 48.44 30.52
C PRO F 231 -31.52 49.33 30.35
N GLU F 232 -31.49 50.45 31.07
CA GLU F 232 -30.31 51.30 31.11
C GLU F 232 -29.20 50.47 31.72
N ILE F 233 -29.55 49.24 32.07
CA ILE F 233 -28.62 48.26 32.62
C ILE F 233 -27.80 47.57 31.51
N LEU F 234 -28.08 47.92 30.25
CA LEU F 234 -27.49 47.22 29.11
C LEU F 234 -27.17 48.10 27.94
N ARG F 235 -27.73 49.31 27.93
CA ARG F 235 -27.42 50.24 26.85
C ARG F 235 -25.91 50.30 26.74
N ASP F 236 -25.41 50.71 25.58
CA ASP F 236 -23.97 50.81 25.38
C ASP F 236 -23.26 49.46 25.58
N LYS F 237 -23.58 48.51 24.69
CA LYS F 237 -22.91 47.20 24.66
C LYS F 237 -22.88 46.66 23.23
N ARG F 238 -22.34 45.46 23.04
CA ARG F 238 -22.07 44.96 21.68
C ARG F 238 -22.23 43.45 21.54
N VAL F 239 -22.86 43.01 20.45
CA VAL F 239 -23.01 41.60 20.17
C VAL F 239 -21.97 41.15 19.17
N MET F 240 -21.40 39.97 19.39
CA MET F 240 -20.37 39.44 18.47
C MET F 240 -20.36 37.90 18.40
N THR F 241 -19.62 37.31 17.46
CA THR F 241 -19.79 35.90 17.14
C THR F 241 -18.50 35.08 16.87
N LEU F 242 -18.68 33.78 16.56
CA LEU F 242 -17.61 32.89 16.07
C LEU F 242 -18.07 31.42 15.78
N ASP F 243 -17.83 30.38 16.59
CA ASP F 243 -17.06 30.35 17.83
C ASP F 243 -16.22 29.06 17.86
N MET F 244 -16.12 28.46 19.05
CA MET F 244 -15.44 27.16 19.26
C MET F 244 -14.03 27.27 19.86
N GLY F 245 -13.04 26.85 19.07
CA GLY F 245 -11.64 26.88 19.50
C GLY F 245 -10.72 26.53 18.34
N GLU F 253 -5.24 29.45 16.15
CA GLU F 253 -5.38 29.16 17.58
C GLU F 253 -4.34 29.89 18.41
N ASP F 254 -3.20 30.20 17.79
CA ASP F 254 -2.08 30.85 18.48
C ASP F 254 -2.45 32.24 19.02
N ARG F 255 -3.56 32.79 18.52
CA ARG F 255 -4.05 34.10 18.93
C ARG F 255 -4.68 34.07 20.32
N LEU F 256 -4.19 33.12 21.13
CA LEU F 256 -4.73 32.74 22.44
C LEU F 256 -5.35 33.82 23.35
N LYS F 257 -4.93 33.80 24.62
CA LYS F 257 -5.43 34.72 25.67
C LYS F 257 -5.18 36.18 25.27
N LYS F 258 -4.46 36.35 24.16
CA LYS F 258 -4.06 37.66 23.67
C LYS F 258 -5.25 38.63 23.56
N VAL F 259 -6.14 38.39 22.61
CA VAL F 259 -7.25 39.30 22.40
C VAL F 259 -8.29 39.21 23.52
N MET F 260 -8.43 38.03 24.13
CA MET F 260 -9.32 37.87 25.28
C MET F 260 -8.86 38.71 26.48
N ASP F 261 -7.55 38.94 26.60
CA ASP F 261 -7.09 39.88 27.61
C ASP F 261 -7.51 41.27 27.15
N GLU F 262 -7.42 41.51 25.85
CA GLU F 262 -7.84 42.77 25.25
C GLU F 262 -9.36 42.91 25.15
N ILE F 263 -10.07 42.32 26.10
CA ILE F 263 -11.53 42.46 26.21
C ILE F 263 -12.04 42.51 27.65
N ARG F 264 -11.61 41.57 28.49
CA ARG F 264 -11.95 41.66 29.91
C ARG F 264 -11.69 43.10 30.28
N GLN F 265 -10.66 43.65 29.64
CA GLN F 265 -10.29 45.05 29.77
C GLN F 265 -11.20 45.91 28.88
N ALA F 266 -12.50 45.70 29.03
CA ALA F 266 -13.52 46.44 28.29
C ALA F 266 -14.84 45.72 28.50
N GLY F 267 -15.62 46.18 29.48
CA GLY F 267 -16.78 45.45 29.95
C GLY F 267 -17.96 45.36 29.00
N ASN F 268 -18.01 46.28 28.03
CA ASN F 268 -19.18 46.43 27.16
C ASN F 268 -19.34 45.33 26.13
N ILE F 269 -19.27 44.07 26.55
CA ILE F 269 -19.27 42.98 25.57
C ILE F 269 -20.07 41.72 25.93
N ILE F 270 -20.83 41.27 24.93
CA ILE F 270 -21.64 40.07 25.02
C ILE F 270 -21.23 39.20 23.82
N LEU F 271 -21.32 37.88 23.96
CA LEU F 271 -20.71 36.99 22.98
C LEU F 271 -21.61 35.82 22.54
N PHE F 272 -21.29 35.27 21.38
CA PHE F 272 -22.10 34.22 20.77
C PHE F 272 -21.30 32.96 20.42
N ILE F 273 -21.85 31.80 20.74
CA ILE F 273 -21.13 30.56 20.53
C ILE F 273 -22.01 29.44 19.96
N ASP F 274 -21.35 28.39 19.46
CA ASP F 274 -22.04 27.23 18.95
C ASP F 274 -21.00 26.14 18.81
N ALA F 275 -20.52 25.67 19.96
CA ALA F 275 -19.45 24.71 19.97
C ALA F 275 -19.02 24.36 21.37
N ILE F 282 -17.70 24.22 21.45
CA ILE F 282 -16.96 23.71 22.60
C ILE F 282 -17.26 24.48 23.86
N LEU F 283 -16.27 24.48 24.74
CA LEU F 283 -16.41 25.10 26.04
C LEU F 283 -15.42 26.23 26.15
N LYS F 284 -14.15 25.88 25.94
CA LYS F 284 -13.06 26.83 26.16
C LYS F 284 -13.39 27.78 27.32
N PRO F 285 -14.07 27.25 28.34
CA PRO F 285 -14.70 28.08 29.38
C PRO F 285 -13.78 28.71 30.43
N SER F 286 -13.46 29.99 30.27
CA SER F 286 -12.85 30.78 31.35
C SER F 286 -13.98 31.47 32.09
N LEU F 287 -15.11 30.78 32.13
CA LEU F 287 -16.41 31.32 32.50
C LEU F 287 -16.46 32.24 33.71
N ALA F 288 -17.43 33.16 33.69
CA ALA F 288 -17.72 34.03 34.82
C ALA F 288 -16.54 34.91 35.24
N ARG F 289 -15.32 34.46 34.92
CA ARG F 289 -14.11 35.15 35.35
C ARG F 289 -14.27 36.66 35.12
N GLY F 290 -13.96 37.12 33.91
CA GLY F 290 -14.17 38.50 33.57
C GLY F 290 -15.64 38.80 33.32
N GLU F 291 -15.91 39.96 32.72
CA GLU F 291 -17.25 40.30 32.28
C GLU F 291 -17.60 39.44 31.06
N LEU F 292 -16.73 38.47 30.80
CA LEU F 292 -16.87 37.55 29.67
C LEU F 292 -18.28 36.96 29.59
N GLN F 293 -19.20 37.69 28.96
CA GLN F 293 -20.63 37.31 28.96
C GLN F 293 -21.16 36.71 27.65
N CYS F 294 -21.70 35.49 27.71
CA CYS F 294 -22.04 34.70 26.49
C CYS F 294 -23.52 34.59 26.14
N ILE F 295 -23.79 34.17 24.90
CA ILE F 295 -25.08 33.61 24.50
C ILE F 295 -24.79 32.35 23.68
N GLY F 296 -25.36 31.24 24.13
CA GLY F 296 -25.02 29.93 23.61
C GLY F 296 -26.09 29.28 22.74
N ALA F 297 -25.65 28.71 21.63
CA ALA F 297 -26.54 27.98 20.75
C ALA F 297 -25.96 26.59 20.63
N THR F 298 -26.63 25.65 21.27
CA THR F 298 -26.19 24.26 21.20
C THR F 298 -27.32 23.22 21.37
N THR F 299 -27.14 22.08 20.70
CA THR F 299 -28.24 21.15 20.43
C THR F 299 -29.10 20.84 21.63
N LEU F 300 -30.26 20.24 21.36
CA LEU F 300 -31.16 19.73 22.39
C LEU F 300 -30.39 19.03 23.50
N ASP F 301 -29.43 18.22 23.08
CA ASP F 301 -28.72 17.36 24.00
C ASP F 301 -27.35 17.88 24.37
N GLU F 302 -26.59 18.36 23.38
CA GLU F 302 -25.21 18.79 23.61
C GLU F 302 -25.09 19.55 24.93
N TYR F 303 -26.13 20.33 25.26
CA TYR F 303 -26.16 21.05 26.53
C TYR F 303 -26.22 20.07 27.69
N ARG F 304 -27.07 19.05 27.56
CA ARG F 304 -27.06 17.96 28.53
C ARG F 304 -25.59 17.64 28.81
N LYS F 305 -24.77 17.66 27.76
CA LYS F 305 -23.34 17.41 27.86
C LYS F 305 -22.49 18.69 28.11
N TYR F 306 -22.90 19.49 29.08
CA TYR F 306 -22.15 20.69 29.50
C TYR F 306 -22.55 21.14 30.91
N ILE F 307 -23.84 21.18 31.22
CA ILE F 307 -24.24 21.30 32.61
C ILE F 307 -23.91 19.96 33.28
N GLU F 308 -23.76 18.93 32.46
CA GLU F 308 -23.27 17.64 32.91
C GLU F 308 -21.83 17.81 33.36
N LYS F 309 -21.11 18.71 32.68
CA LYS F 309 -19.81 19.18 33.17
C LYS F 309 -20.05 19.76 34.56
N ASP F 310 -20.84 20.84 34.63
CA ASP F 310 -21.26 21.45 35.89
C ASP F 310 -20.05 21.93 36.70
N ALA F 311 -20.28 22.77 37.70
CA ALA F 311 -21.58 23.34 37.98
C ALA F 311 -21.44 24.84 37.86
N ALA F 312 -20.33 25.26 37.24
CA ALA F 312 -20.21 26.63 36.77
C ALA F 312 -21.16 26.76 35.58
N LEU F 313 -21.45 25.63 34.96
CA LEU F 313 -22.48 25.57 33.93
C LEU F 313 -23.85 25.97 34.49
N GLU F 314 -24.53 25.04 35.16
CA GLU F 314 -25.85 25.28 35.73
C GLU F 314 -25.93 26.66 36.38
N ARG F 315 -24.76 27.18 36.72
CA ARG F 315 -24.63 28.50 37.33
C ARG F 315 -24.61 29.61 36.28
N ARG F 316 -23.41 30.01 35.84
CA ARG F 316 -23.26 31.15 34.95
C ARG F 316 -24.27 31.11 33.81
N PHE F 317 -23.94 30.39 32.75
CA PHE F 317 -24.82 30.22 31.59
C PHE F 317 -26.21 29.69 31.99
N GLN F 318 -27.22 29.82 31.14
CA GLN F 318 -28.60 29.42 31.48
C GLN F 318 -29.62 29.56 30.30
N PRO F 319 -30.50 28.55 30.14
CA PRO F 319 -31.15 28.23 28.85
C PRO F 319 -32.60 28.69 28.63
N ILE F 320 -33.00 28.69 27.35
CA ILE F 320 -34.37 28.98 26.92
C ILE F 320 -34.71 28.19 25.67
N GLN F 321 -35.98 27.80 25.54
CA GLN F 321 -36.40 26.89 24.47
C GLN F 321 -36.71 27.60 23.17
N VAL F 322 -35.93 27.31 22.14
CA VAL F 322 -36.16 27.87 20.80
C VAL F 322 -37.19 27.08 20.02
N ASP F 323 -38.22 27.77 19.57
CA ASP F 323 -39.33 27.11 18.90
C ASP F 323 -39.13 26.95 17.38
N GLN F 324 -39.54 25.81 16.84
CA GLN F 324 -39.70 25.64 15.40
C GLN F 324 -40.84 26.55 14.98
N PRO F 325 -40.52 27.66 14.31
CA PRO F 325 -41.43 28.78 14.09
C PRO F 325 -42.86 28.39 13.71
N SER F 326 -43.83 29.22 14.08
CA SER F 326 -45.21 29.01 13.66
C SER F 326 -45.17 28.95 12.14
N VAL F 327 -45.75 27.90 11.56
CA VAL F 327 -45.69 27.70 10.12
C VAL F 327 -45.86 28.97 9.25
N ASP F 328 -46.83 29.82 9.59
CA ASP F 328 -47.04 31.08 8.84
C ASP F 328 -45.85 31.99 8.99
N GLU F 329 -45.29 32.04 10.21
CA GLU F 329 -44.12 32.86 10.51
C GLU F 329 -43.05 32.51 9.52
N SER F 330 -42.92 31.21 9.27
CA SER F 330 -41.95 30.71 8.30
C SER F 330 -42.07 31.50 7.03
N ILE F 331 -43.25 31.45 6.42
CA ILE F 331 -43.51 32.18 5.19
C ILE F 331 -42.96 33.60 5.19
N GLN F 332 -43.19 34.34 6.27
CA GLN F 332 -42.80 35.73 6.29
C GLN F 332 -41.29 35.87 6.23
N ILE F 333 -40.58 34.93 6.86
CA ILE F 333 -39.13 34.98 6.94
C ILE F 333 -38.60 34.88 5.55
N LEU F 334 -39.11 33.89 4.84
CA LEU F 334 -38.78 33.72 3.43
C LEU F 334 -38.88 35.05 2.65
N GLN F 335 -40.03 35.72 2.69
CA GLN F 335 -40.22 36.89 1.87
C GLN F 335 -39.21 37.98 2.19
N GLY F 336 -38.93 38.16 3.47
CA GLY F 336 -38.04 39.21 3.92
C GLY F 336 -36.69 39.07 3.27
N LEU F 337 -36.33 37.83 3.02
CA LEU F 337 -35.09 37.54 2.33
C LEU F 337 -35.37 37.03 0.92
N ARG F 338 -36.63 37.12 0.51
CA ARG F 338 -36.97 36.81 -0.88
C ARG F 338 -36.22 37.77 -1.78
N ASP F 339 -36.45 39.06 -1.57
CA ASP F 339 -35.82 40.07 -2.39
C ASP F 339 -34.32 39.88 -2.47
N ARG F 340 -33.79 39.07 -1.56
CA ARG F 340 -32.34 38.88 -1.45
C ARG F 340 -31.85 37.60 -2.09
N TYR F 341 -32.77 36.67 -2.34
CA TYR F 341 -32.49 35.49 -3.15
C TYR F 341 -32.85 35.79 -4.60
N GLU F 342 -33.02 37.05 -4.96
CA GLU F 342 -33.16 37.38 -6.37
C GLU F 342 -31.79 37.23 -7.01
N ALA F 343 -30.78 37.05 -6.16
CA ALA F 343 -29.39 36.84 -6.57
C ALA F 343 -29.22 35.73 -7.61
N HIS F 344 -30.01 34.66 -7.46
CA HIS F 344 -29.90 33.48 -8.31
C HIS F 344 -30.88 33.51 -9.46
N HIS F 345 -31.53 34.66 -9.65
CA HIS F 345 -32.23 35.04 -10.89
C HIS F 345 -33.60 34.39 -11.19
N ARG F 346 -34.64 34.74 -10.44
CA ARG F 346 -35.99 34.14 -10.62
C ARG F 346 -37.03 34.68 -9.61
N VAL F 347 -36.52 35.07 -8.44
CA VAL F 347 -37.34 35.68 -7.41
C VAL F 347 -37.11 37.18 -7.57
N SER F 348 -37.93 38.05 -6.97
CA SER F 348 -38.98 37.72 -6.00
C SER F 348 -40.07 36.77 -6.49
N ILE F 349 -40.96 36.41 -5.57
CA ILE F 349 -42.15 35.59 -5.85
C ILE F 349 -41.76 34.21 -6.36
N THR F 350 -42.71 33.28 -6.56
CA THR F 350 -44.13 33.50 -6.28
C THR F 350 -44.51 33.10 -4.86
N ASP F 351 -45.30 33.97 -4.22
CA ASP F 351 -45.87 33.68 -2.92
C ASP F 351 -46.44 32.26 -2.95
N ASP F 352 -47.38 32.02 -3.85
CA ASP F 352 -48.08 30.74 -3.94
C ASP F 352 -47.09 29.58 -3.91
N ALA F 353 -45.86 29.85 -4.35
CA ALA F 353 -44.79 28.85 -4.34
C ALA F 353 -44.15 28.71 -2.98
N ILE F 354 -43.80 29.85 -2.37
CA ILE F 354 -43.25 29.85 -1.01
C ILE F 354 -44.09 28.95 -0.09
N GLU F 355 -45.36 29.29 0.07
CA GLU F 355 -46.29 28.58 0.96
C GLU F 355 -46.07 27.07 0.86
N ALA F 356 -45.80 26.58 -0.34
CA ALA F 356 -45.51 25.16 -0.53
C ALA F 356 -44.15 24.76 0.06
N ALA F 357 -43.11 25.51 -0.29
CA ALA F 357 -41.80 25.28 0.28
C ALA F 357 -41.99 24.96 1.75
N VAL F 358 -42.48 25.95 2.46
CA VAL F 358 -42.85 25.80 3.87
C VAL F 358 -43.79 24.62 4.10
N LYS F 359 -45.08 24.79 3.77
CA LYS F 359 -46.17 23.88 4.21
C LYS F 359 -45.88 22.37 4.08
N LEU F 360 -45.28 21.97 2.97
CA LEU F 360 -45.00 20.55 2.72
C LEU F 360 -44.05 19.96 3.76
N SER F 361 -43.11 20.77 4.19
CA SER F 361 -42.09 20.36 5.08
C SER F 361 -42.60 20.09 6.50
N ASP F 362 -43.53 20.90 7.01
CA ASP F 362 -44.01 20.70 8.37
C ASP F 362 -44.65 19.34 8.53
N ARG F 363 -45.42 18.96 7.52
CA ARG F 363 -46.12 17.68 7.54
C ARG F 363 -45.37 16.61 6.75
N TYR F 364 -44.90 16.96 5.55
CA TYR F 364 -44.19 16.01 4.68
C TYR F 364 -42.68 16.13 4.84
N ILE F 365 -42.06 15.06 5.33
CA ILE F 365 -40.62 15.00 5.54
C ILE F 365 -39.93 16.37 5.80
N SER F 366 -39.93 16.85 7.06
CA SER F 366 -40.23 16.13 8.33
C SER F 366 -38.96 15.53 8.95
N ASP F 367 -37.92 16.35 8.97
CA ASP F 367 -36.63 15.93 9.47
C ASP F 367 -35.73 17.12 9.77
N ARG F 368 -36.33 18.30 9.99
CA ARG F 368 -35.55 19.49 10.35
C ARG F 368 -36.26 20.49 11.27
N PHE F 369 -36.02 21.76 11.01
CA PHE F 369 -36.74 22.82 11.69
C PHE F 369 -37.58 23.44 10.61
N LEU F 370 -38.71 24.02 10.98
CA LEU F 370 -39.63 24.49 9.95
C LEU F 370 -39.20 25.72 9.13
N PRO F 371 -38.05 26.37 9.47
CA PRO F 371 -37.50 27.45 8.62
C PRO F 371 -36.27 27.07 7.78
N ASP F 372 -35.44 26.16 8.26
CA ASP F 372 -34.35 25.69 7.41
C ASP F 372 -34.94 24.89 6.23
N LYS F 373 -35.82 23.94 6.51
CA LYS F 373 -36.43 23.06 5.48
C LYS F 373 -36.83 23.86 4.25
N ALA F 374 -37.75 24.78 4.47
CA ALA F 374 -38.24 25.74 3.47
C ALA F 374 -37.17 26.25 2.53
N ILE F 375 -36.55 27.36 2.90
CA ILE F 375 -35.32 27.78 2.20
C ILE F 375 -34.48 26.69 1.49
N ASP F 376 -34.40 25.47 2.01
CA ASP F 376 -33.65 24.44 1.29
C ASP F 376 -34.39 24.02 0.02
N LEU F 377 -35.70 23.89 0.10
CA LEU F 377 -36.55 23.63 -1.08
C LEU F 377 -36.40 24.73 -2.11
N ILE F 378 -36.51 25.95 -1.62
CA ILE F 378 -36.31 27.14 -2.42
C ILE F 378 -34.97 27.12 -3.14
N ASP F 379 -33.89 26.91 -2.41
CA ASP F 379 -32.60 26.85 -3.10
C ASP F 379 -32.40 25.63 -4.04
N GLU F 380 -32.78 24.43 -3.59
CA GLU F 380 -32.78 23.31 -4.53
C GLU F 380 -33.28 23.87 -5.85
N ALA F 381 -34.43 24.55 -5.81
CA ALA F 381 -34.99 25.25 -6.98
C ALA F 381 -34.34 26.64 -7.29
N GLY F 382 -33.62 27.19 -6.34
CA GLY F 382 -33.02 28.49 -6.49
C GLY F 382 -31.76 28.58 -7.34
N SER F 383 -31.67 27.65 -8.28
CA SER F 383 -30.60 27.56 -9.27
C SER F 383 -31.12 26.64 -10.35
N LYS F 384 -31.66 25.51 -9.91
CA LYS F 384 -32.21 24.44 -10.75
C LYS F 384 -32.97 24.98 -11.96
N VAL F 385 -33.74 26.05 -11.77
CA VAL F 385 -34.51 26.57 -12.90
C VAL F 385 -33.67 27.52 -13.72
N ARG F 386 -32.90 28.33 -13.04
CA ARG F 386 -31.91 29.11 -13.74
C ARG F 386 -31.06 28.17 -14.59
N LEU F 387 -31.16 26.88 -14.32
CA LEU F 387 -30.33 25.89 -15.00
C LEU F 387 -31.02 25.30 -16.22
N ARG F 388 -32.28 24.86 -16.05
CA ARG F 388 -33.09 24.34 -17.16
C ARG F 388 -33.02 25.36 -18.29
N SER F 389 -32.57 26.56 -17.93
CA SER F 389 -32.26 27.61 -18.87
C SER F 389 -31.04 27.25 -19.69
N PHE F 390 -29.98 26.82 -19.02
CA PHE F 390 -28.68 26.61 -19.65
C PHE F 390 -28.42 25.29 -20.37
N THR F 391 -29.38 24.37 -20.30
CA THR F 391 -29.22 23.07 -20.94
C THR F 391 -28.83 23.19 -22.42
N PRO F 394 -31.40 24.24 -29.08
CA PRO F 394 -31.89 22.98 -29.67
C PRO F 394 -30.74 22.01 -29.94
N ASN F 395 -31.00 20.93 -30.66
CA ASN F 395 -29.93 20.01 -30.98
C ASN F 395 -28.85 20.72 -31.79
N LEU F 396 -28.97 22.04 -31.85
CA LEU F 396 -27.94 22.87 -32.44
C LEU F 396 -26.64 22.77 -31.63
N LYS F 397 -26.56 21.77 -30.77
CA LYS F 397 -25.26 21.36 -30.27
C LYS F 397 -24.45 20.95 -31.49
N GLU F 398 -25.14 20.53 -32.54
CA GLU F 398 -24.50 20.03 -33.75
C GLU F 398 -23.79 21.11 -34.58
N LEU F 399 -24.38 22.29 -34.67
CA LEU F 399 -23.77 23.38 -35.45
C LEU F 399 -22.32 23.57 -35.05
N GLU F 400 -22.11 24.00 -33.80
CA GLU F 400 -20.77 24.19 -33.30
C GLU F 400 -19.88 23.01 -33.69
N GLN F 401 -20.41 21.80 -33.54
CA GLN F 401 -19.68 20.61 -33.94
C GLN F 401 -19.18 20.78 -35.37
N LYS F 402 -20.08 21.24 -36.24
CA LYS F 402 -19.75 21.49 -37.63
C LYS F 402 -18.66 22.57 -37.71
N LEU F 403 -18.98 23.75 -37.21
CA LEU F 403 -18.12 24.90 -37.39
C LEU F 403 -16.67 24.52 -37.14
N ASP F 404 -16.47 23.55 -36.28
CA ASP F 404 -15.12 23.15 -35.94
C ASP F 404 -14.39 22.67 -37.17
N GLU F 405 -14.83 21.53 -37.70
CA GLU F 405 -14.22 20.92 -38.86
C GLU F 405 -13.74 22.03 -39.79
N VAL F 406 -14.49 23.11 -39.80
CA VAL F 406 -14.16 24.23 -40.67
C VAL F 406 -12.85 24.87 -40.26
N ARG F 407 -12.85 25.55 -39.13
CA ARG F 407 -11.65 26.26 -38.79
C ARG F 407 -10.50 25.45 -39.36
N LYS F 408 -10.39 24.20 -38.91
CA LYS F 408 -9.31 23.35 -39.36
C LYS F 408 -9.02 23.55 -40.85
N GLU F 409 -9.94 23.10 -41.69
CA GLU F 409 -9.75 23.25 -43.12
C GLU F 409 -9.21 24.65 -43.37
N LYS F 410 -9.96 25.66 -42.95
CA LYS F 410 -9.50 27.04 -43.06
C LYS F 410 -8.08 27.10 -42.56
N ASP F 411 -7.91 26.84 -41.26
CA ASP F 411 -6.64 26.98 -40.58
C ASP F 411 -5.58 26.15 -41.28
N ALA F 412 -5.66 24.85 -41.13
CA ALA F 412 -4.66 23.96 -41.70
C ALA F 412 -4.40 24.33 -43.16
N ALA F 413 -5.46 24.65 -43.87
CA ALA F 413 -5.31 25.10 -45.22
C ALA F 413 -4.42 26.30 -45.22
N VAL F 414 -4.69 27.23 -44.33
CA VAL F 414 -3.92 28.48 -44.29
C VAL F 414 -2.45 28.22 -44.08
N GLN F 415 -2.13 27.08 -43.49
CA GLN F 415 -0.75 26.72 -43.23
C GLN F 415 -0.15 26.17 -44.51
N SER F 416 -1.02 25.76 -45.42
CA SER F 416 -0.60 25.23 -46.71
C SER F 416 -0.80 26.25 -47.82
N GLN F 417 -1.92 26.95 -47.78
CA GLN F 417 -2.19 28.10 -48.67
C GLN F 417 -2.15 27.75 -50.16
N GLU F 418 -3.30 27.49 -50.79
CA GLU F 418 -4.63 27.38 -50.18
C GLU F 418 -5.19 28.68 -49.63
N PHE F 419 -4.64 29.80 -50.08
CA PHE F 419 -5.07 31.12 -49.62
C PHE F 419 -6.53 31.41 -49.96
N GLU F 420 -6.81 31.69 -51.23
CA GLU F 420 -8.18 31.96 -51.63
C GLU F 420 -9.02 30.73 -51.33
N LYS F 421 -8.33 29.61 -51.15
CA LYS F 421 -8.99 28.40 -50.71
C LYS F 421 -9.43 28.53 -49.27
N ALA F 422 -9.08 29.66 -48.66
CA ALA F 422 -9.51 29.98 -47.31
C ALA F 422 -10.46 31.15 -47.37
N ALA F 423 -10.04 32.24 -47.99
CA ALA F 423 -10.90 33.42 -48.14
C ALA F 423 -12.35 33.01 -48.10
N SER F 424 -12.72 32.16 -49.04
CA SER F 424 -14.07 31.63 -49.07
C SER F 424 -14.28 30.68 -47.90
N LEU F 425 -13.21 30.03 -47.46
CA LEU F 425 -13.28 29.13 -46.32
C LEU F 425 -13.63 29.87 -45.03
N ARG F 426 -12.91 30.97 -44.80
CA ARG F 426 -13.21 31.87 -43.68
C ARG F 426 -14.66 32.26 -43.82
N ASP F 427 -14.96 32.92 -44.94
CA ASP F 427 -16.31 33.37 -45.21
C ASP F 427 -17.29 32.23 -44.94
N THR F 428 -16.99 31.03 -45.41
CA THR F 428 -17.87 29.89 -45.12
C THR F 428 -18.02 29.76 -43.62
N GLU F 429 -16.94 29.98 -42.90
CA GLU F 429 -16.96 29.95 -41.44
C GLU F 429 -17.97 30.93 -40.83
N GLN F 430 -17.72 32.21 -40.97
CA GLN F 430 -18.58 33.22 -40.34
C GLN F 430 -20.02 33.12 -40.79
N ARG F 431 -20.22 32.61 -42.00
CA ARG F 431 -21.57 32.30 -42.40
C ARG F 431 -22.15 31.53 -41.22
N LEU F 432 -21.47 30.44 -40.88
CA LEU F 432 -21.91 29.59 -39.79
C LEU F 432 -22.06 30.35 -38.49
N ARG F 433 -20.97 30.95 -38.05
CA ARG F 433 -20.90 31.54 -36.71
C ARG F 433 -22.12 32.39 -36.40
N GLU F 434 -22.34 33.45 -37.17
CA GLU F 434 -23.49 34.32 -36.94
C GLU F 434 -24.77 33.52 -36.85
N GLN F 435 -24.87 32.46 -37.65
CA GLN F 435 -25.99 31.56 -37.56
C GLN F 435 -26.06 30.94 -36.17
N VAL F 436 -24.92 30.43 -35.71
CA VAL F 436 -24.84 29.88 -34.38
C VAL F 436 -25.30 30.91 -33.36
N GLU F 437 -24.52 31.99 -33.22
CA GLU F 437 -24.78 33.02 -32.22
C GLU F 437 -26.21 33.55 -32.31
N ASP F 438 -26.76 33.57 -33.51
CA ASP F 438 -28.14 33.99 -33.67
C ASP F 438 -29.14 33.03 -33.01
N THR F 439 -28.85 31.73 -33.05
CA THR F 439 -29.69 30.74 -32.36
C THR F 439 -29.17 30.40 -30.96
N LYS F 440 -27.99 30.90 -30.63
CA LYS F 440 -27.43 30.75 -29.29
C LYS F 440 -28.01 31.86 -28.40
N LYS F 441 -28.42 32.95 -29.04
CA LYS F 441 -29.09 34.06 -28.37
C LYS F 441 -30.58 34.03 -28.69
N SER F 442 -31.00 33.02 -29.42
CA SER F 442 -32.40 32.70 -29.58
C SER F 442 -32.90 32.12 -28.26
N TRP F 443 -31.95 31.65 -27.44
CA TRP F 443 -32.26 31.17 -26.10
C TRP F 443 -32.14 32.26 -25.03
N LYS F 444 -32.60 33.44 -25.41
CA LYS F 444 -33.03 34.44 -24.45
C LYS F 444 -34.52 34.18 -24.28
N GLU F 445 -35.06 33.36 -25.17
CA GLU F 445 -36.47 32.97 -25.12
C GLU F 445 -36.66 31.90 -24.07
N LYS F 446 -35.66 31.02 -23.92
CA LYS F 446 -35.68 30.04 -22.85
C LYS F 446 -35.52 30.79 -21.55
N GLN F 447 -35.27 32.09 -21.67
CA GLN F 447 -35.18 32.96 -20.51
C GLN F 447 -36.53 33.60 -20.17
N GLY F 448 -37.16 34.22 -21.17
CA GLY F 448 -38.48 34.82 -21.01
C GLY F 448 -39.55 33.80 -20.66
N GLN F 449 -39.27 32.54 -20.95
CA GLN F 449 -40.11 31.42 -20.52
C GLN F 449 -39.90 31.09 -19.04
N GLU F 450 -38.63 30.87 -18.65
CA GLU F 450 -38.29 30.44 -17.29
C GLU F 450 -37.73 31.53 -16.41
N GLU F 453 -40.95 30.99 -12.65
CA GLU F 453 -42.07 30.14 -12.22
C GLU F 453 -42.02 29.96 -10.70
N VAL F 454 -42.66 28.91 -10.17
CA VAL F 454 -42.69 28.64 -8.72
C VAL F 454 -43.73 27.61 -8.27
N THR F 455 -44.94 27.73 -8.80
CA THR F 455 -46.10 27.11 -8.19
C THR F 455 -45.86 25.68 -7.69
N VAL F 456 -46.10 25.50 -6.40
CA VAL F 456 -46.40 24.21 -5.79
C VAL F 456 -45.82 23.00 -6.53
N ASP F 457 -46.34 22.67 -7.71
CA ASP F 457 -45.89 21.47 -8.41
C ASP F 457 -44.37 21.33 -8.35
N ASP F 458 -43.66 22.46 -8.43
CA ASP F 458 -42.20 22.46 -8.25
C ASP F 458 -41.83 21.85 -6.92
N ILE F 459 -42.45 22.37 -5.88
CA ILE F 459 -42.22 21.85 -4.56
C ILE F 459 -42.60 20.37 -4.41
N ALA F 460 -43.88 20.04 -4.57
CA ALA F 460 -44.35 18.67 -4.36
C ALA F 460 -43.40 17.67 -5.02
N MET F 461 -42.77 18.08 -6.10
CA MET F 461 -41.66 17.32 -6.66
C MET F 461 -40.60 17.16 -5.58
N VAL F 462 -39.91 18.26 -5.28
CA VAL F 462 -38.92 18.28 -4.22
C VAL F 462 -39.29 17.36 -3.04
N VAL F 463 -40.54 17.41 -2.62
CA VAL F 463 -41.02 16.54 -1.53
C VAL F 463 -40.95 15.04 -1.84
N SER F 464 -41.57 14.63 -2.95
CA SER F 464 -41.59 13.22 -3.32
C SER F 464 -40.18 12.69 -3.56
N SER F 465 -39.30 13.61 -3.95
CA SER F 465 -37.90 13.31 -4.10
C SER F 465 -37.17 13.47 -2.77
N TRP F 466 -37.90 13.23 -1.68
CA TRP F 466 -37.31 13.21 -0.34
C TRP F 466 -37.82 11.96 0.40
N THR F 467 -38.66 11.19 -0.29
CA THR F 467 -39.20 9.97 0.28
C THR F 467 -39.51 8.98 -0.82
N ALA F 475 -57.08 16.73 -4.33
CA ALA F 475 -56.46 16.81 -5.65
C ALA F 475 -56.83 15.59 -6.48
N GLN F 476 -57.40 15.81 -7.66
CA GLN F 476 -57.98 14.74 -8.47
C GLN F 476 -57.43 13.31 -8.23
N THR F 477 -56.29 12.93 -8.83
CA THR F 477 -55.79 11.56 -8.61
C THR F 477 -54.97 11.43 -7.33
N GLU F 478 -55.39 12.13 -6.30
CA GLU F 478 -54.98 11.83 -4.94
C GLU F 478 -56.17 11.48 -4.02
N THR F 479 -57.34 12.02 -4.34
CA THR F 479 -58.56 11.59 -3.68
C THR F 479 -59.12 10.47 -4.54
N ASP F 480 -58.61 10.34 -5.77
CA ASP F 480 -59.14 9.31 -6.67
C ASP F 480 -58.56 7.99 -6.22
N LYS F 481 -57.34 8.08 -5.68
CA LYS F 481 -56.76 6.91 -5.03
C LYS F 481 -57.70 6.48 -3.91
N LEU F 482 -58.35 7.44 -3.28
CA LEU F 482 -59.24 7.16 -2.17
C LEU F 482 -60.64 6.65 -2.60
N LEU F 483 -61.35 7.43 -3.40
CA LEU F 483 -62.67 7.01 -3.88
C LEU F 483 -62.60 5.66 -4.56
N ASN F 484 -61.50 5.46 -5.29
CA ASN F 484 -61.29 4.25 -6.08
C ASN F 484 -60.33 3.25 -5.45
N MET F 485 -60.08 3.43 -4.17
CA MET F 485 -59.23 2.53 -3.42
C MET F 485 -59.52 1.06 -3.64
N GLU F 486 -60.78 0.70 -3.58
CA GLU F 486 -61.16 -0.69 -3.73
C GLU F 486 -60.67 -1.23 -5.08
N ASN F 487 -60.95 -0.51 -6.16
CA ASN F 487 -60.50 -0.89 -7.50
C ASN F 487 -59.02 -1.16 -7.47
N ILE F 488 -58.34 -0.38 -6.63
CA ILE F 488 -56.88 -0.30 -6.56
C ILE F 488 -56.27 -1.39 -5.71
N LEU F 489 -56.86 -1.59 -4.53
CA LEU F 489 -56.46 -2.69 -3.66
C LEU F 489 -56.84 -4.04 -4.27
N HIS F 490 -57.90 -4.04 -5.08
CA HIS F 490 -58.41 -5.28 -5.67
C HIS F 490 -57.46 -5.82 -6.72
N SER F 491 -56.69 -4.94 -7.35
CA SER F 491 -55.83 -5.34 -8.44
C SER F 491 -54.56 -6.01 -7.90
N ARG F 492 -54.46 -6.08 -6.58
CA ARG F 492 -53.26 -6.62 -5.90
C ARG F 492 -53.68 -7.70 -4.93
N VAL F 493 -54.83 -7.49 -4.30
CA VAL F 493 -55.42 -8.44 -3.36
C VAL F 493 -56.66 -9.18 -3.94
N ILE F 494 -56.56 -10.49 -4.07
CA ILE F 494 -57.55 -11.28 -4.79
C ILE F 494 -58.38 -12.06 -3.83
N GLY F 495 -59.66 -12.23 -4.16
CA GLY F 495 -60.61 -12.65 -3.17
C GLY F 495 -60.70 -11.50 -2.20
N GLN F 496 -60.96 -11.81 -0.95
CA GLN F 496 -60.95 -10.80 0.12
C GLN F 496 -61.67 -9.45 -0.08
N ASP F 497 -62.78 -9.40 -0.85
CA ASP F 497 -63.55 -8.17 -0.99
C ASP F 497 -64.18 -7.77 0.34
N GLU F 498 -64.58 -8.76 1.14
CA GLU F 498 -65.09 -8.49 2.48
C GLU F 498 -64.11 -7.55 3.18
N ALA F 499 -62.82 -7.92 3.25
CA ALA F 499 -61.77 -7.10 3.89
C ALA F 499 -61.45 -5.75 3.25
N VAL F 500 -61.19 -5.74 1.95
CA VAL F 500 -60.89 -4.50 1.21
C VAL F 500 -61.88 -3.37 1.43
N VAL F 501 -63.18 -3.67 1.31
CA VAL F 501 -64.17 -2.63 1.43
C VAL F 501 -64.22 -2.05 2.84
N ALA F 502 -63.93 -2.90 3.82
CA ALA F 502 -63.91 -2.44 5.21
C ALA F 502 -62.76 -1.46 5.41
N VAL F 503 -61.57 -1.84 4.95
CA VAL F 503 -60.40 -0.94 5.00
C VAL F 503 -60.54 0.32 4.15
N ALA F 504 -60.86 0.17 2.86
CA ALA F 504 -61.16 1.32 2.03
C ALA F 504 -61.99 2.38 2.75
N LYS F 505 -63.11 1.96 3.34
CA LYS F 505 -64.06 2.87 3.93
C LYS F 505 -63.50 3.51 5.19
N ALA F 506 -62.67 2.74 5.91
CA ALA F 506 -62.12 3.20 7.19
C ALA F 506 -61.06 4.25 6.99
N VAL F 507 -60.24 4.02 5.98
CA VAL F 507 -59.19 4.93 5.63
C VAL F 507 -59.85 6.18 5.15
N ARG F 508 -60.80 5.99 4.26
CA ARG F 508 -61.55 7.10 3.71
C ARG F 508 -62.30 7.89 4.80
N ARG F 509 -62.71 7.23 5.87
CA ARG F 509 -63.32 7.95 6.99
C ARG F 509 -62.28 8.86 7.63
N ALA F 510 -61.22 8.25 8.15
CA ALA F 510 -60.17 8.98 8.84
C ALA F 510 -59.57 10.03 7.93
N ARG F 511 -59.29 9.65 6.70
CA ARG F 511 -58.63 10.52 5.72
C ARG F 511 -59.53 11.68 5.25
N ALA F 512 -60.75 11.76 5.76
CA ALA F 512 -61.71 12.75 5.29
C ALA F 512 -62.08 13.73 6.36
N GLY F 513 -61.53 13.57 7.56
CA GLY F 513 -61.68 14.56 8.61
C GLY F 513 -62.41 14.11 9.84
N LEU F 514 -62.98 12.92 9.77
CA LEU F 514 -63.90 12.46 10.80
C LEU F 514 -63.19 11.90 12.02
N LYS F 515 -62.24 10.99 11.85
CA LYS F 515 -61.54 10.43 13.01
C LYS F 515 -60.59 11.48 13.62
N ASP F 516 -60.25 11.32 14.90
CA ASP F 516 -59.31 12.22 15.60
C ASP F 516 -57.89 12.01 15.08
N PRO F 517 -57.27 13.11 14.62
CA PRO F 517 -55.96 13.12 13.95
C PRO F 517 -54.78 12.61 14.77
N LYS F 518 -54.84 12.71 16.10
CA LYS F 518 -53.75 12.26 16.98
C LYS F 518 -53.62 10.74 17.02
N ARG F 519 -54.71 10.05 16.69
CA ARG F 519 -54.76 8.59 16.56
C ARG F 519 -54.35 8.15 15.16
N PRO F 520 -53.78 6.94 15.05
CA PRO F 520 -53.36 6.49 13.72
C PRO F 520 -54.45 6.72 12.69
N ILE F 521 -54.04 6.73 11.43
CA ILE F 521 -54.95 6.78 10.31
C ILE F 521 -55.97 5.61 10.40
N GLY F 522 -55.47 4.44 10.81
CA GLY F 522 -56.29 3.24 10.90
C GLY F 522 -55.70 2.23 11.87
N SER F 523 -56.56 1.66 12.69
CA SER F 523 -56.15 0.58 13.60
C SER F 523 -56.98 -0.62 13.21
N PHE F 524 -56.35 -1.67 12.70
CA PHE F 524 -57.08 -2.88 12.33
C PHE F 524 -56.53 -4.14 12.96
N ILE F 525 -57.36 -5.18 12.99
CA ILE F 525 -56.92 -6.54 13.28
C ILE F 525 -57.30 -7.45 12.12
N PHE F 526 -56.33 -8.20 11.62
CA PHE F 526 -56.59 -9.04 10.47
C PHE F 526 -56.68 -10.48 10.95
N LEU F 527 -57.88 -11.05 10.85
CA LEU F 527 -58.10 -12.42 11.29
C LEU F 527 -58.25 -13.29 10.08
N GLY F 528 -57.96 -14.56 10.25
CA GLY F 528 -58.00 -15.45 9.14
C GLY F 528 -56.79 -16.34 9.06
N PRO F 529 -56.83 -17.30 8.14
CA PRO F 529 -55.80 -18.29 7.88
C PRO F 529 -54.59 -17.66 7.20
N THR F 530 -53.51 -18.44 7.12
CA THR F 530 -52.24 -17.94 6.64
C THR F 530 -52.19 -17.95 5.13
N GLY F 531 -51.49 -16.98 4.56
CA GLY F 531 -51.25 -16.97 3.13
C GLY F 531 -52.50 -16.64 2.37
N VAL F 532 -53.40 -15.90 2.99
CA VAL F 532 -54.65 -15.52 2.35
C VAL F 532 -54.58 -14.12 1.74
N GLY F 533 -53.84 -13.23 2.40
CA GLY F 533 -53.65 -11.88 1.90
C GLY F 533 -53.38 -10.92 3.05
N LYS F 534 -53.19 -11.43 4.26
CA LYS F 534 -53.07 -10.57 5.43
C LYS F 534 -52.00 -9.53 5.13
N THR F 535 -50.74 -9.97 5.03
CA THR F 535 -49.62 -9.10 4.67
C THR F 535 -49.82 -8.40 3.32
N GLU F 536 -50.14 -9.17 2.30
CA GLU F 536 -50.41 -8.62 0.97
C GLU F 536 -51.31 -7.39 0.95
N LEU F 537 -52.31 -7.32 1.80
CA LEU F 537 -53.16 -6.14 1.82
C LEU F 537 -52.36 -5.00 2.47
N ALA F 538 -51.57 -5.31 3.50
CA ALA F 538 -50.73 -4.30 4.15
C ALA F 538 -49.76 -3.63 3.18
N ARG F 539 -49.14 -4.43 2.32
CA ARG F 539 -48.33 -3.87 1.23
C ARG F 539 -49.16 -2.94 0.38
N ALA F 540 -50.18 -3.49 -0.28
CA ALA F 540 -51.00 -2.72 -1.19
C ALA F 540 -51.50 -1.42 -0.57
N LEU F 541 -51.63 -1.42 0.76
CA LEU F 541 -52.06 -0.22 1.48
C LEU F 541 -50.94 0.79 1.49
N ALA F 542 -49.78 0.38 1.99
CA ALA F 542 -48.54 1.14 1.88
C ALA F 542 -48.33 1.73 0.48
N GLU F 543 -48.32 0.88 -0.54
CA GLU F 543 -48.17 1.37 -1.91
C GLU F 543 -49.20 2.44 -2.28
N SER F 544 -50.48 2.18 -2.02
CA SER F 544 -51.55 3.07 -2.47
C SER F 544 -51.61 4.34 -1.63
N ILE F 545 -51.48 4.18 -0.32
CA ILE F 545 -51.66 5.27 0.67
C ILE F 545 -50.38 6.06 0.89
N PHE F 546 -49.28 5.35 1.05
CA PHE F 546 -48.02 5.99 1.37
C PHE F 546 -47.06 6.06 0.17
N GLY F 547 -47.42 5.46 -0.98
CA GLY F 547 -46.58 5.59 -2.17
C GLY F 547 -45.56 4.49 -2.47
N ASP F 548 -45.23 3.65 -1.48
CA ASP F 548 -44.14 2.69 -1.63
C ASP F 548 -44.45 1.31 -1.01
N GLU F 549 -44.60 0.28 -1.84
CA GLU F 549 -45.01 -1.04 -1.36
C GLU F 549 -44.10 -1.57 -0.25
N GLU F 550 -43.25 -0.70 0.26
CA GLU F 550 -42.12 -1.12 1.04
C GLU F 550 -41.93 -0.23 2.24
N SER F 551 -42.80 0.75 2.33
CA SER F 551 -42.83 1.64 3.48
C SER F 551 -43.63 0.97 4.57
N MET F 552 -43.08 -0.12 5.09
CA MET F 552 -43.82 -1.01 5.97
C MET F 552 -42.90 -1.64 6.98
N ILE F 553 -43.21 -1.31 8.22
CA ILE F 553 -42.54 -1.87 9.38
C ILE F 553 -43.24 -3.17 9.73
N ARG F 554 -42.49 -4.18 10.16
CA ARG F 554 -43.09 -5.47 10.41
C ARG F 554 -42.39 -6.15 11.56
N ILE F 555 -43.09 -6.21 12.70
CA ILE F 555 -42.61 -6.91 13.89
C ILE F 555 -43.26 -8.29 14.03
N ASP F 556 -42.55 -9.22 14.68
CA ASP F 556 -43.02 -10.59 14.86
C ASP F 556 -43.14 -10.81 16.35
N MET F 557 -44.37 -10.81 16.81
CA MET F 557 -44.66 -10.81 18.24
C MET F 557 -44.22 -12.08 18.98
N SER F 558 -43.78 -13.08 18.23
CA SER F 558 -43.13 -14.25 18.82
C SER F 558 -42.00 -13.75 19.69
N GLU F 559 -41.38 -12.66 19.26
CA GLU F 559 -40.20 -12.12 19.94
C GLU F 559 -40.55 -11.46 21.28
N TYR F 560 -41.82 -11.12 21.50
CA TYR F 560 -42.18 -10.33 22.67
C TYR F 560 -43.10 -11.04 23.65
N MET F 561 -42.88 -12.33 23.86
CA MET F 561 -43.77 -13.12 24.73
C MET F 561 -43.54 -12.97 26.24
N GLU F 562 -42.37 -12.45 26.65
CA GLU F 562 -42.05 -12.33 28.08
C GLU F 562 -42.07 -10.90 28.67
N LYS F 563 -41.87 -10.78 29.99
CA LYS F 563 -41.93 -9.47 30.66
C LYS F 563 -40.84 -8.53 30.13
N HIS F 564 -39.97 -9.08 29.28
CA HIS F 564 -39.16 -8.22 28.42
C HIS F 564 -39.97 -7.81 27.20
N SER F 565 -40.77 -6.77 27.40
CA SER F 565 -41.59 -6.23 26.34
C SER F 565 -41.22 -4.77 26.18
N THR F 566 -40.00 -4.53 25.73
CA THR F 566 -39.58 -3.17 25.49
C THR F 566 -39.32 -2.93 24.01
N SER F 567 -40.34 -2.38 23.37
CA SER F 567 -40.20 -1.84 22.03
C SER F 567 -39.85 -0.36 22.21
N LEU F 571 -38.97 -1.32 17.78
CA LEU F 571 -40.16 -0.77 17.13
C LEU F 571 -40.12 0.74 16.96
N THR F 572 -39.99 1.45 18.08
CA THR F 572 -40.05 2.91 18.11
C THR F 572 -38.94 3.54 17.27
N GLU F 573 -37.84 2.80 17.11
CA GLU F 573 -36.81 3.20 16.17
C GLU F 573 -37.38 3.21 14.75
N LYS F 574 -37.85 2.05 14.27
CA LYS F 574 -38.32 1.94 12.89
C LYS F 574 -39.42 2.97 12.59
N VAL F 575 -40.16 3.38 13.63
CA VAL F 575 -41.28 4.32 13.47
C VAL F 575 -40.81 5.78 13.51
N ARG F 576 -39.72 6.00 14.23
CA ARG F 576 -39.02 7.26 14.18
C ARG F 576 -38.38 7.36 12.79
N ARG F 577 -37.80 6.25 12.31
CA ARG F 577 -37.18 6.19 10.97
C ARG F 577 -38.18 6.66 9.90
N LYS F 578 -39.19 5.83 9.63
CA LYS F 578 -40.28 6.20 8.72
C LYS F 578 -41.56 6.34 9.54
N PRO F 579 -41.95 7.60 9.84
CA PRO F 579 -43.14 7.81 10.66
C PRO F 579 -44.42 7.73 9.82
N TYR F 580 -44.26 7.49 8.52
CA TYR F 580 -45.34 7.33 7.55
C TYR F 580 -45.27 5.95 6.93
N SER F 581 -45.83 4.95 7.61
CA SER F 581 -45.70 3.57 7.16
C SER F 581 -46.70 2.64 7.81
N VAL F 582 -47.19 1.69 7.03
CA VAL F 582 -48.02 0.61 7.56
C VAL F 582 -47.21 -0.13 8.62
N VAL F 583 -47.69 -0.11 9.85
CA VAL F 583 -47.01 -0.83 10.92
C VAL F 583 -47.70 -2.17 11.14
N LEU F 584 -47.02 -3.25 10.82
CA LEU F 584 -47.64 -4.54 10.79
C LEU F 584 -47.09 -5.44 11.88
N LEU F 585 -47.90 -5.74 12.89
CA LEU F 585 -47.49 -6.66 13.97
C LEU F 585 -48.13 -8.01 13.76
N ASP F 586 -47.32 -9.00 13.42
CA ASP F 586 -47.84 -10.32 13.10
C ASP F 586 -48.14 -11.13 14.37
N ALA F 587 -49.26 -11.84 14.35
CA ALA F 587 -49.58 -12.72 15.43
C ALA F 587 -49.50 -12.05 16.81
N ILE F 588 -50.42 -11.13 17.12
CA ILE F 588 -50.45 -10.51 18.46
C ILE F 588 -50.96 -11.40 19.59
N GLU F 589 -51.46 -12.59 19.26
CA GLU F 589 -51.95 -13.49 20.28
C GLU F 589 -50.83 -13.91 21.20
N LYS F 590 -49.59 -13.71 20.74
CA LYS F 590 -48.41 -14.21 21.42
C LYS F 590 -47.89 -13.24 22.47
N ALA F 591 -48.08 -11.95 22.24
CA ALA F 591 -47.56 -10.93 23.15
C ALA F 591 -47.98 -11.09 24.61
N HIS F 592 -47.05 -10.71 25.49
CA HIS F 592 -47.29 -10.60 26.93
C HIS F 592 -48.35 -9.51 27.12
N PRO F 593 -49.40 -9.79 27.91
CA PRO F 593 -50.44 -8.76 28.06
C PRO F 593 -49.90 -7.38 28.45
N ASP F 594 -48.65 -7.32 28.91
CA ASP F 594 -47.94 -6.06 29.12
C ASP F 594 -48.07 -5.20 27.87
N VAL F 595 -47.56 -5.75 26.77
CA VAL F 595 -47.52 -5.13 25.45
C VAL F 595 -48.79 -4.36 25.11
N PHE F 596 -49.93 -4.95 25.48
CA PHE F 596 -51.22 -4.36 25.13
C PHE F 596 -51.41 -3.01 25.83
N ASN F 597 -50.88 -2.89 27.04
CA ASN F 597 -50.91 -1.61 27.75
C ASN F 597 -50.20 -0.52 26.97
N ILE F 598 -49.22 -0.94 26.19
CA ILE F 598 -48.45 -0.03 25.37
C ILE F 598 -49.22 0.32 24.11
N LEU F 599 -49.56 -0.70 23.33
CA LEU F 599 -50.35 -0.53 22.10
C LEU F 599 -51.59 0.28 22.40
N LEU F 600 -52.16 -0.01 23.56
CA LEU F 600 -53.34 0.68 24.00
C LEU F 600 -53.06 2.17 24.00
N GLN F 601 -51.93 2.55 24.58
CA GLN F 601 -51.54 3.96 24.62
C GLN F 601 -51.38 4.52 23.21
N VAL F 602 -50.94 3.68 22.28
CA VAL F 602 -50.80 4.08 20.88
C VAL F 602 -52.14 4.32 20.24
N LEU F 603 -53.07 3.39 20.46
CA LEU F 603 -54.41 3.47 19.88
C LEU F 603 -55.14 4.70 20.37
N GLU F 604 -55.09 4.92 21.68
CA GLU F 604 -55.66 6.11 22.32
C GLU F 604 -55.04 7.45 21.85
N ASP F 605 -53.73 7.58 22.02
CA ASP F 605 -53.04 8.84 21.80
C ASP F 605 -52.20 8.85 20.53
N GLY F 606 -51.85 7.68 20.03
CA GLY F 606 -51.06 7.61 18.82
C GLY F 606 -49.70 8.22 19.07
N ARG F 607 -49.13 7.83 20.20
CA ARG F 607 -47.91 8.45 20.71
C ARG F 607 -47.30 7.57 21.80
N LEU F 608 -45.96 7.53 21.86
CA LEU F 608 -45.25 6.82 22.92
C LEU F 608 -44.19 7.72 23.58
N THR F 609 -43.66 7.37 24.74
CA THR F 609 -42.89 8.41 25.45
C THR F 609 -41.49 8.10 26.00
N THR F 615 -40.02 9.89 22.67
CA THR F 615 -41.48 10.13 22.62
C THR F 615 -42.09 10.12 21.17
N VAL F 616 -42.22 8.92 20.61
CA VAL F 616 -42.51 8.68 19.18
C VAL F 616 -43.92 9.06 18.73
N ASP F 617 -44.11 9.20 17.42
CA ASP F 617 -45.41 9.60 16.86
C ASP F 617 -45.99 8.64 15.79
N PHE F 618 -47.27 8.29 15.97
CA PHE F 618 -47.95 7.33 15.08
C PHE F 618 -49.12 7.92 14.29
N ARG F 619 -49.48 9.17 14.58
CA ARG F 619 -50.67 9.76 13.95
C ARG F 619 -50.71 9.58 12.42
N ASN F 620 -49.58 9.12 11.87
CA ASN F 620 -49.43 8.95 10.43
C ASN F 620 -49.25 7.52 10.00
N THR F 621 -49.29 6.59 10.96
CA THR F 621 -49.15 5.18 10.62
C THR F 621 -50.51 4.59 10.31
N ILE F 622 -50.49 3.36 9.83
CA ILE F 622 -51.70 2.55 9.63
C ILE F 622 -51.39 1.23 10.29
N LEU F 623 -51.82 1.10 11.54
CA LEU F 623 -51.53 -0.07 12.35
C LEU F 623 -52.40 -1.30 11.99
N ILE F 624 -51.75 -2.42 11.78
CA ILE F 624 -52.41 -3.64 11.35
C ILE F 624 -51.81 -4.78 12.15
N MET F 625 -52.66 -5.52 12.84
CA MET F 625 -52.19 -6.56 13.71
C MET F 625 -52.89 -7.83 13.29
N THR F 626 -52.12 -8.88 13.06
CA THR F 626 -52.70 -10.11 12.54
C THR F 626 -52.80 -11.15 13.64
N SER F 627 -53.52 -12.24 13.36
CA SER F 627 -53.75 -13.24 14.38
C SER F 627 -54.46 -14.46 13.85
N ASN F 628 -54.27 -15.57 14.54
CA ASN F 628 -54.83 -16.84 14.12
C ASN F 628 -56.08 -17.15 14.91
N VAL F 629 -56.45 -16.21 15.79
CA VAL F 629 -57.58 -16.39 16.70
C VAL F 629 -58.87 -16.91 16.04
N GLY F 630 -59.21 -16.40 14.87
CA GLY F 630 -60.30 -17.02 14.15
C GLY F 630 -59.91 -18.35 13.53
N ALA F 631 -59.02 -18.25 12.55
CA ALA F 631 -58.41 -19.38 11.87
C ALA F 631 -59.26 -20.62 11.78
N SER F 632 -59.04 -21.55 12.72
CA SER F 632 -59.70 -22.85 12.75
C SER F 632 -61.12 -22.74 12.20
N GLU F 633 -61.85 -21.76 12.73
CA GLU F 633 -63.17 -21.44 12.19
C GLU F 633 -63.15 -21.08 10.71
N LYS F 634 -68.72 -15.67 11.08
CA LYS F 634 -68.24 -14.36 11.52
C LYS F 634 -68.60 -14.16 13.00
N ASP F 635 -69.52 -14.99 13.49
CA ASP F 635 -70.00 -14.88 14.87
C ASP F 635 -69.23 -15.78 15.81
N LYS F 636 -68.99 -17.03 15.39
CA LYS F 636 -68.26 -17.96 16.26
C LYS F 636 -66.88 -17.40 16.46
N VAL F 637 -66.45 -16.60 15.49
CA VAL F 637 -65.12 -15.99 15.48
C VAL F 637 -64.98 -14.78 16.40
N MET F 638 -65.73 -13.73 16.08
CA MET F 638 -65.75 -12.58 16.96
C MET F 638 -65.87 -12.99 18.43
N GLY F 639 -66.19 -14.25 18.67
CA GLY F 639 -66.32 -14.78 20.01
C GLY F 639 -64.99 -15.19 20.57
N GLU F 640 -64.26 -16.02 19.82
CA GLU F 640 -62.93 -16.45 20.23
C GLU F 640 -62.02 -15.24 20.43
N LEU F 641 -62.30 -14.16 19.70
CA LEU F 641 -61.58 -12.89 19.85
C LEU F 641 -61.85 -12.19 21.19
N LYS F 642 -63.11 -11.98 21.55
CA LYS F 642 -63.47 -11.35 22.84
C LYS F 642 -62.87 -12.12 24.02
N ARG F 643 -62.62 -13.41 23.83
CA ARG F 643 -62.12 -14.28 24.89
C ARG F 643 -60.60 -14.30 24.95
N ALA F 644 -59.96 -13.98 23.82
CA ALA F 644 -58.50 -13.95 23.71
C ALA F 644 -57.86 -12.60 24.03
N PHE F 645 -58.58 -11.50 23.75
CA PHE F 645 -58.07 -10.18 24.03
C PHE F 645 -58.89 -9.37 25.03
N ARG F 646 -58.18 -8.73 25.95
CA ARG F 646 -58.76 -7.78 26.87
C ARG F 646 -59.66 -6.87 26.06
N PRO F 647 -60.87 -6.60 26.57
CA PRO F 647 -61.86 -5.80 25.86
C PRO F 647 -61.48 -4.35 25.71
N GLU F 648 -60.89 -3.76 26.76
CA GLU F 648 -60.42 -2.38 26.72
C GLU F 648 -59.70 -2.15 25.39
N PHE F 649 -58.99 -3.18 24.93
CA PHE F 649 -58.13 -3.15 23.75
C PHE F 649 -58.93 -3.29 22.45
N ILE F 650 -59.64 -4.42 22.31
CA ILE F 650 -60.48 -4.68 21.15
C ILE F 650 -61.38 -3.50 20.79
N ASN F 651 -61.69 -2.68 21.78
CA ASN F 651 -62.70 -1.64 21.62
C ASN F 651 -62.11 -0.35 21.09
N ARG F 652 -60.80 -0.23 21.19
CA ARG F 652 -60.13 0.98 20.70
C ARG F 652 -59.55 0.76 19.32
N ILE F 653 -59.81 -0.41 18.75
CA ILE F 653 -59.37 -0.74 17.40
C ILE F 653 -60.42 -0.28 16.40
N ASP F 654 -60.01 0.49 15.41
CA ASP F 654 -60.93 1.04 14.43
C ASP F 654 -61.88 -0.02 13.83
N GLU F 655 -61.35 -1.20 13.50
CA GLU F 655 -62.14 -2.21 12.76
C GLU F 655 -61.53 -3.61 12.75
N ILE F 656 -62.39 -4.62 12.89
CA ILE F 656 -61.96 -6.02 12.87
C ILE F 656 -62.21 -6.63 11.49
N ILE F 657 -61.13 -6.92 10.78
CA ILE F 657 -61.21 -7.38 9.40
C ILE F 657 -61.09 -8.90 9.34
N VAL F 658 -61.98 -9.54 8.57
CA VAL F 658 -61.95 -11.00 8.47
C VAL F 658 -61.55 -11.47 7.08
N PHE F 659 -60.58 -12.36 7.07
CA PHE F 659 -60.03 -12.90 5.85
C PHE F 659 -60.56 -14.32 5.69
N HIS F 660 -61.39 -14.52 4.68
CA HIS F 660 -61.90 -15.85 4.36
C HIS F 660 -60.77 -16.64 3.67
N GLU F 663 -57.76 -21.26 -10.57
CA GLU F 663 -58.16 -21.97 -11.77
C GLU F 663 -57.01 -22.04 -12.76
N LYS F 664 -56.96 -23.09 -13.55
CA LYS F 664 -55.98 -23.20 -14.60
C LYS F 664 -55.70 -21.83 -15.23
N LYS F 665 -56.77 -21.13 -15.58
CA LYS F 665 -56.69 -19.92 -16.38
C LYS F 665 -56.02 -18.79 -15.60
N HIS F 666 -56.01 -18.93 -14.29
CA HIS F 666 -55.38 -17.95 -13.41
C HIS F 666 -53.91 -18.24 -13.35
N LEU F 667 -53.54 -19.51 -13.21
CA LEU F 667 -52.14 -19.89 -13.27
C LEU F 667 -51.54 -19.27 -14.51
N THR F 668 -52.03 -19.68 -15.67
CA THR F 668 -51.49 -19.15 -16.91
C THR F 668 -51.61 -17.63 -17.00
N GLU F 669 -52.53 -17.02 -16.27
CA GLU F 669 -52.58 -15.56 -16.27
C GLU F 669 -51.36 -15.05 -15.51
N ILE F 670 -50.96 -15.78 -14.47
CA ILE F 670 -49.79 -15.47 -13.65
C ILE F 670 -48.50 -15.67 -14.45
N VAL F 671 -48.26 -16.89 -14.90
CA VAL F 671 -47.14 -17.18 -15.78
C VAL F 671 -46.93 -16.04 -16.75
N SER F 672 -48.00 -15.44 -17.22
CA SER F 672 -47.88 -14.39 -18.23
C SER F 672 -47.37 -13.12 -17.60
N LEU F 673 -47.92 -12.76 -16.46
CA LEU F 673 -47.46 -11.59 -15.71
C LEU F 673 -45.95 -11.67 -15.49
N MET F 674 -45.53 -12.79 -14.92
CA MET F 674 -44.13 -13.10 -14.67
C MET F 674 -43.36 -13.05 -15.98
N SER F 675 -43.79 -13.81 -16.96
CA SER F 675 -43.13 -13.83 -18.26
C SER F 675 -42.99 -12.43 -18.86
N ASP F 676 -43.92 -11.54 -18.58
CA ASP F 676 -43.84 -10.21 -19.17
C ASP F 676 -42.81 -9.35 -18.46
N GLN F 677 -42.77 -9.45 -17.14
CA GLN F 677 -41.73 -8.79 -16.36
C GLN F 677 -40.37 -9.15 -16.92
N LEU F 678 -40.24 -10.39 -17.38
CA LEU F 678 -38.99 -10.92 -17.90
C LEU F 678 -38.72 -10.33 -19.25
N THR F 679 -39.60 -10.61 -20.23
CA THR F 679 -39.38 -10.15 -21.60
C THR F 679 -39.04 -8.66 -21.69
N LYS F 680 -39.41 -7.89 -20.66
CA LYS F 680 -39.08 -6.46 -20.57
C LYS F 680 -37.66 -6.24 -20.10
N ARG F 681 -37.28 -6.95 -19.04
CA ARG F 681 -35.94 -6.82 -18.49
C ARG F 681 -34.87 -7.41 -19.45
N LEU F 682 -35.30 -8.17 -20.46
CA LEU F 682 -34.37 -8.69 -21.45
C LEU F 682 -34.27 -7.71 -22.60
N LYS F 683 -35.37 -7.09 -22.97
CA LYS F 683 -35.33 -6.10 -24.04
C LYS F 683 -34.27 -5.06 -23.74
N GLU F 684 -34.07 -4.78 -22.46
CA GLU F 684 -33.03 -3.87 -22.02
C GLU F 684 -31.64 -4.41 -22.39
N GLN F 685 -31.46 -5.72 -22.25
CA GLN F 685 -30.20 -6.39 -22.63
C GLN F 685 -30.26 -6.86 -24.09
N ASP F 686 -30.90 -6.06 -24.93
CA ASP F 686 -30.98 -6.30 -26.37
C ASP F 686 -31.51 -7.69 -26.75
N LEU F 687 -32.23 -8.30 -25.80
CA LEU F 687 -32.85 -9.59 -26.04
C LEU F 687 -34.35 -9.47 -26.22
N SER F 688 -34.82 -9.90 -27.39
CA SER F 688 -36.25 -9.86 -27.68
C SER F 688 -36.87 -11.25 -27.59
N ILE F 689 -37.68 -11.47 -26.56
CA ILE F 689 -38.37 -12.75 -26.48
C ILE F 689 -39.89 -12.60 -26.35
N GLU F 690 -40.57 -13.68 -26.71
CA GLU F 690 -42.03 -13.76 -26.66
C GLU F 690 -42.43 -15.20 -26.35
N LEU F 691 -43.36 -15.38 -25.43
CA LEU F 691 -43.99 -16.68 -25.27
C LEU F 691 -45.37 -16.74 -25.95
N THR F 692 -45.60 -17.82 -26.67
CA THR F 692 -46.91 -18.08 -27.23
C THR F 692 -47.84 -18.46 -26.11
N ASP F 693 -49.14 -18.24 -26.30
CA ASP F 693 -50.10 -18.60 -25.28
C ASP F 693 -50.01 -20.10 -25.00
N ALA F 694 -49.65 -20.85 -26.03
CA ALA F 694 -49.47 -22.29 -25.89
C ALA F 694 -48.38 -22.64 -24.87
N ALA F 695 -47.35 -21.79 -24.81
CA ALA F 695 -46.18 -22.03 -23.96
C ALA F 695 -46.47 -21.69 -22.52
N LYS F 696 -47.20 -20.58 -22.30
CA LYS F 696 -47.53 -20.17 -20.94
C LYS F 696 -48.44 -21.19 -20.32
N ALA F 697 -49.26 -21.83 -21.15
CA ALA F 697 -50.09 -22.92 -20.69
C ALA F 697 -49.20 -24.01 -20.13
N LYS F 698 -48.24 -24.46 -20.92
CA LYS F 698 -47.36 -25.54 -20.49
C LYS F 698 -46.51 -25.23 -19.25
N VAL F 699 -46.17 -23.97 -19.05
CA VAL F 699 -45.49 -23.62 -17.82
C VAL F 699 -46.48 -23.76 -16.67
N ALA F 700 -47.69 -23.24 -16.88
CA ALA F 700 -48.70 -23.20 -15.83
C ALA F 700 -49.02 -24.59 -15.30
N GLU F 701 -48.87 -25.60 -16.15
CA GLU F 701 -49.17 -26.98 -15.75
C GLU F 701 -48.45 -27.33 -14.47
N GLU F 702 -47.46 -26.50 -14.13
CA GLU F 702 -46.45 -26.83 -13.14
C GLU F 702 -46.81 -26.22 -11.80
N GLY F 703 -48.04 -25.70 -11.72
CA GLY F 703 -48.54 -25.17 -10.47
C GLY F 703 -50.00 -25.52 -10.28
N VAL F 704 -50.31 -26.77 -10.57
CA VAL F 704 -51.67 -27.22 -10.48
C VAL F 704 -51.87 -27.91 -9.16
N ASP F 705 -50.98 -28.83 -8.85
CA ASP F 705 -50.98 -29.53 -7.57
C ASP F 705 -51.41 -28.61 -6.43
N LEU F 706 -52.64 -28.77 -5.98
CA LEU F 706 -53.25 -27.89 -4.98
C LEU F 706 -52.35 -27.69 -3.78
N GLU F 707 -51.50 -28.69 -3.56
CA GLU F 707 -50.65 -28.73 -2.38
C GLU F 707 -49.66 -27.60 -2.31
N TYR F 708 -49.03 -27.27 -3.45
CA TYR F 708 -47.98 -26.27 -3.45
C TYR F 708 -48.45 -25.00 -4.13
N GLY F 709 -49.55 -25.06 -4.83
CA GLY F 709 -50.09 -23.80 -5.31
C GLY F 709 -49.33 -23.30 -6.50
N ALA F 710 -49.12 -21.99 -6.55
CA ALA F 710 -48.51 -21.34 -7.70
C ALA F 710 -47.08 -20.88 -7.44
N ARG F 711 -46.49 -21.34 -6.34
CA ARG F 711 -45.07 -21.05 -6.03
C ARG F 711 -44.15 -21.44 -7.19
N PRO F 712 -44.21 -22.72 -7.58
CA PRO F 712 -43.33 -23.35 -8.57
C PRO F 712 -43.17 -22.58 -9.87
N LEU F 713 -44.02 -21.61 -10.14
CA LEU F 713 -44.05 -21.02 -11.47
C LEU F 713 -42.81 -20.18 -11.73
N ARG F 714 -42.37 -19.42 -10.73
CA ARG F 714 -41.19 -18.58 -10.91
C ARG F 714 -40.00 -19.44 -11.31
N ARG F 715 -39.68 -20.41 -10.48
CA ARG F 715 -38.63 -21.37 -10.79
C ARG F 715 -38.78 -22.05 -12.17
N ALA F 716 -39.96 -22.56 -12.46
CA ALA F 716 -40.22 -23.29 -13.69
C ALA F 716 -40.15 -22.37 -14.89
N ILE F 717 -40.39 -21.08 -14.70
CA ILE F 717 -40.15 -20.13 -15.78
C ILE F 717 -38.66 -19.96 -16.07
N GLN F 718 -37.85 -19.82 -15.02
CA GLN F 718 -36.39 -19.71 -15.21
C GLN F 718 -35.80 -20.98 -15.82
N LYS F 719 -36.32 -22.13 -15.42
CA LYS F 719 -35.88 -23.40 -15.98
C LYS F 719 -36.26 -23.59 -17.45
N HIS F 720 -37.51 -23.32 -17.82
CA HIS F 720 -37.99 -23.69 -19.16
C HIS F 720 -37.77 -22.58 -20.14
N VAL F 721 -37.54 -21.38 -19.61
CA VAL F 721 -37.30 -20.18 -20.41
C VAL F 721 -35.86 -19.65 -20.27
N GLU F 722 -35.49 -19.17 -19.08
CA GLU F 722 -34.15 -18.66 -18.86
C GLU F 722 -33.07 -19.71 -19.19
N ASP F 723 -32.91 -20.71 -18.32
CA ASP F 723 -31.97 -21.80 -18.57
C ASP F 723 -31.92 -22.27 -20.05
N ARG F 724 -33.08 -22.45 -20.66
CA ARG F 724 -33.14 -22.96 -22.03
C ARG F 724 -32.65 -21.97 -23.08
N LEU F 725 -33.09 -20.72 -22.97
CA LEU F 725 -32.57 -19.69 -23.86
C LEU F 725 -31.04 -19.53 -23.76
N SER F 726 -30.48 -19.55 -22.55
CA SER F 726 -29.03 -19.53 -22.40
C SER F 726 -28.39 -20.68 -23.18
N GLU F 727 -28.59 -21.89 -22.68
CA GLU F 727 -28.15 -23.10 -23.39
C GLU F 727 -28.37 -23.00 -24.90
N GLU F 728 -29.36 -22.23 -25.32
CA GLU F 728 -29.66 -22.18 -26.73
C GLU F 728 -28.83 -21.09 -27.41
N LEU F 729 -28.64 -19.98 -26.71
CA LEU F 729 -27.77 -18.90 -27.21
C LEU F 729 -26.30 -19.34 -27.24
N LEU F 730 -25.85 -19.97 -26.17
CA LEU F 730 -24.48 -20.46 -26.05
C LEU F 730 -24.19 -21.52 -27.10
N ARG F 731 -25.04 -22.54 -27.22
CA ARG F 731 -24.85 -23.58 -28.26
C ARG F 731 -24.86 -22.97 -29.68
N GLY F 732 -25.19 -21.69 -29.79
CA GLY F 732 -25.05 -20.96 -31.05
C GLY F 732 -26.22 -21.07 -32.00
N ASN F 733 -27.39 -21.38 -31.45
CA ASN F 733 -28.58 -21.59 -32.27
C ASN F 733 -29.42 -20.33 -32.42
N ILE F 734 -29.16 -19.31 -31.59
CA ILE F 734 -29.95 -18.08 -31.67
C ILE F 734 -29.12 -16.80 -31.63
N HIS F 735 -28.97 -16.25 -32.81
CA HIS F 735 -28.07 -15.15 -33.01
C HIS F 735 -28.77 -13.89 -32.44
N LYS F 736 -28.60 -13.72 -31.12
CA LYS F 736 -29.19 -12.64 -30.31
C LYS F 736 -29.50 -11.33 -31.00
N GLY F 737 -30.67 -10.76 -30.74
CA GLY F 737 -31.04 -9.54 -31.41
C GLY F 737 -31.81 -9.87 -32.66
N GLN F 738 -32.04 -11.15 -32.87
CA GLN F 738 -33.16 -11.61 -33.71
C GLN F 738 -34.32 -11.82 -32.74
N HIS F 739 -35.52 -12.08 -33.27
CA HIS F 739 -36.70 -12.26 -32.41
C HIS F 739 -36.93 -13.72 -32.05
N ILE F 740 -37.05 -13.96 -30.76
CA ILE F 740 -36.99 -15.31 -30.23
C ILE F 740 -38.31 -15.69 -29.58
N VAL F 741 -38.95 -16.71 -30.12
CA VAL F 741 -40.24 -17.18 -29.62
C VAL F 741 -40.16 -18.55 -29.00
N LEU F 742 -40.83 -18.71 -27.85
CA LEU F 742 -40.92 -19.99 -27.17
C LEU F 742 -42.33 -20.52 -27.36
N ASP F 743 -42.43 -21.69 -27.97
CA ASP F 743 -43.69 -22.27 -28.36
C ASP F 743 -43.68 -23.74 -27.93
N VAL F 744 -44.84 -24.37 -27.95
CA VAL F 744 -44.94 -25.80 -27.74
C VAL F 744 -45.27 -26.47 -29.08
N GLU F 745 -44.63 -27.59 -29.38
CA GLU F 745 -44.89 -28.28 -30.64
C GLU F 745 -45.66 -29.56 -30.37
N ASP F 746 -44.97 -30.69 -30.34
CA ASP F 746 -45.65 -31.94 -30.08
C ASP F 746 -45.74 -32.17 -28.59
N GLY F 747 -46.41 -31.24 -27.89
CA GLY F 747 -46.47 -31.26 -26.45
C GLY F 747 -45.12 -31.00 -25.79
N GLU F 748 -44.15 -30.56 -26.58
CA GLU F 748 -42.81 -30.26 -26.09
C GLU F 748 -42.43 -28.84 -26.42
N PHE F 749 -41.50 -28.27 -25.66
CA PHE F 749 -41.07 -26.89 -25.88
C PHE F 749 -40.19 -26.79 -27.12
N VAL F 750 -40.40 -25.72 -27.87
CA VAL F 750 -39.62 -25.48 -29.07
C VAL F 750 -39.23 -23.99 -29.19
N VAL F 751 -38.03 -23.71 -29.70
CA VAL F 751 -37.58 -22.33 -29.86
C VAL F 751 -37.55 -21.94 -31.35
N LYS F 752 -38.07 -20.76 -31.68
CA LYS F 752 -38.20 -20.35 -33.08
C LYS F 752 -37.70 -18.93 -33.29
N THR F 753 -37.28 -18.62 -34.51
CA THR F 753 -36.68 -17.34 -34.84
C THR F 753 -37.41 -16.65 -36.01
N THR F 754 -37.60 -15.33 -35.90
CA THR F 754 -38.34 -14.58 -36.92
C THR F 754 -37.90 -13.11 -37.06
N ALA F 755 -36.65 -12.82 -36.70
CA ALA F 755 -36.09 -11.46 -36.75
C ALA F 755 -37.10 -10.36 -37.10
#